data_7B0A
#
_entry.id   7B0A
#
loop_
_entity.id
_entity.type
_entity.pdbx_description
1 polymer 'Envelope polyprotein'
2 polymer 'Envelope polyprotein'
3 branched 2-acetamido-2-deoxy-beta-D-glucopyranose-(1-4)-2-acetamido-2-deoxy-beta-D-glucopyranose
4 branched alpha-D-mannopyranose-(1-3)-beta-D-mannopyranose-(1-4)-2-acetamido-2-deoxy-beta-D-glucopyranose-(1-4)-2-acetamido-2-deoxy-beta-D-glucopyranose
5 non-polymer 2-acetamido-2-deoxy-beta-D-glucopyranose
#
loop_
_entity_poly.entity_id
_entity_poly.type
_entity_poly.pdbx_seq_one_letter_code
_entity_poly.pdbx_strand_id
1 'polypeptide(L)'
;GPGETQNLNSGWTDTAHGSGIIPMRTDLELDFSLPSSASYTYRRQLQNPANEQEKIPFHLQISKQVIHAEIQHLGHWMDG
TFNLKTAFHCYGSCEKYAYPWQTAGCFIEKDYEYESGWGCNPPDCPGVGTGCTACGVYLDKLKSVGKAFKIVSLRYTRKA
CIQLGTEQTCKSVDSNDCLVTTSVKVCLIGTVSKFQPSDTLLFLGPLEQGGLIFKQWCTTTCQFGDPGDIMSTPVGMKCP
ELNGSFRKKCAFATTPVCQFDGNTLSGYKRMIATKDSFQSFNVTEPHISASSLEWIDPDSSLRDHINVIVGRDLSFQDLS
ETPCQVDLATTSIDGAWGSGVGFNLVCSVSLTECSTFLTSIKACDSAMCYGSTTANLLRGQNTVHIVGKGGHSGSKFMCC
HDTKCSSTGLVAAAPHLDRVTGYNQADSDKIFDDGAPECGISCWFTKSGEGTETSQVAPA
;
A,D
2 'polypeptide(L)'
;ETGELKIECPHTIGLGQGLVIGSVELPPVPLTQVESLKLESSCNFDLHTSTSSQQPFTKWTWEMKSDLAENTQASSTSFQ
TKSSEINLRGLCLVPPLVIETAARTRKTIACFDLSCNQTACQPTVFLIGPIQTCITTKSCLLGLGDQRIQVNYEKTYCVS
GQLVEGVCFNPVHTMALSQPSHTYDIVTVMVRCFLIAKKVSTGDSMKLEKSFETLVQKTSCTGNGFQGYYICLVGSSSEP
LYIPTLDDYRSAEVLSRMAFAPHGEDHDVEKNAISAMRIIGKVTGKAPSTESSDTIQGVAFSGNPLYTSTGVLTAKDDPV
YIWAPGIIMEGNHSVCDKKTLPLTWTGFIPLPGEIEKTGTKHHHHHH
;
B,G
#
# COMPACT_ATOMS: atom_id res chain seq x y z
N THR A 13 -24.06 -19.97 -44.17
CA THR A 13 -24.50 -21.23 -43.59
C THR A 13 -24.16 -21.28 -42.09
N ASP A 14 -25.16 -21.05 -41.25
CA ASP A 14 -24.98 -21.04 -39.81
C ASP A 14 -25.54 -22.31 -39.18
N THR A 15 -25.08 -22.58 -37.96
CA THR A 15 -25.53 -23.75 -37.20
C THR A 15 -25.72 -23.35 -35.75
N ALA A 16 -26.58 -24.09 -35.05
CA ALA A 16 -26.95 -23.75 -33.67
C ALA A 16 -25.82 -24.14 -32.73
N HIS A 17 -24.77 -23.31 -32.75
CA HIS A 17 -23.65 -23.43 -31.82
C HIS A 17 -23.47 -22.16 -31.02
N GLY A 18 -24.57 -21.50 -30.67
CA GLY A 18 -24.51 -20.21 -30.01
C GLY A 18 -24.04 -20.29 -28.57
N SER A 19 -23.93 -19.12 -27.96
CA SER A 19 -23.52 -19.00 -26.58
C SER A 19 -24.75 -18.98 -25.66
N GLY A 20 -24.50 -19.00 -24.35
CA GLY A 20 -25.57 -18.99 -23.39
C GLY A 20 -26.27 -17.64 -23.37
N ILE A 21 -27.57 -17.62 -23.68
CA ILE A 21 -28.34 -16.38 -23.68
C ILE A 21 -28.91 -16.16 -22.28
N ILE A 22 -28.65 -14.98 -21.73
CA ILE A 22 -29.07 -14.66 -20.36
C ILE A 22 -30.00 -13.47 -20.37
N PRO A 23 -31.27 -13.63 -19.98
CA PRO A 23 -32.16 -12.47 -19.90
C PRO A 23 -31.81 -11.59 -18.72
N MET A 24 -31.80 -10.28 -18.96
CA MET A 24 -31.39 -9.31 -17.95
C MET A 24 -32.59 -8.76 -17.19
N ARG A 25 -33.33 -9.67 -16.55
CA ARG A 25 -34.38 -9.24 -15.64
C ARG A 25 -33.80 -8.74 -14.33
N THR A 26 -32.73 -9.37 -13.86
CA THR A 26 -32.03 -8.97 -12.65
C THR A 26 -30.55 -8.81 -12.97
N ASP A 27 -29.80 -8.29 -12.00
CA ASP A 27 -28.37 -8.12 -12.17
C ASP A 27 -27.68 -9.47 -12.29
N LEU A 28 -26.54 -9.47 -12.97
CA LEU A 28 -25.76 -10.68 -13.22
C LEU A 28 -24.51 -10.62 -12.34
N GLU A 29 -24.52 -11.40 -11.25
CA GLU A 29 -23.38 -11.48 -10.34
C GLU A 29 -22.71 -12.83 -10.48
N LEU A 30 -21.38 -12.84 -10.38
CA LEU A 30 -20.59 -14.05 -10.55
C LEU A 30 -19.43 -14.06 -9.57
N ASP A 31 -19.11 -15.24 -9.06
CA ASP A 31 -17.93 -15.46 -8.24
C ASP A 31 -17.03 -16.48 -8.93
N PHE A 32 -15.73 -16.21 -8.94
CA PHE A 32 -14.76 -17.06 -9.59
C PHE A 32 -13.64 -17.42 -8.62
N SER A 33 -13.08 -18.62 -8.80
CA SER A 33 -11.91 -19.07 -8.07
C SER A 33 -10.89 -19.53 -9.11
N LEU A 34 -10.11 -18.58 -9.62
CA LEU A 34 -9.16 -18.88 -10.68
C LEU A 34 -7.94 -19.60 -10.12
N PRO A 35 -7.52 -20.71 -10.71
CA PRO A 35 -6.24 -21.31 -10.34
C PRO A 35 -5.08 -20.39 -10.67
N SER A 36 -3.89 -20.79 -10.21
CA SER A 36 -2.71 -19.95 -10.40
C SER A 36 -2.35 -19.83 -11.88
N SER A 37 -2.03 -20.96 -12.51
CA SER A 37 -1.65 -20.99 -13.92
C SER A 37 -2.84 -21.33 -14.81
N ALA A 38 -3.88 -20.50 -14.74
CA ALA A 38 -5.08 -20.71 -15.52
C ALA A 38 -5.63 -19.39 -16.04
N SER A 39 -6.08 -19.39 -17.29
CA SER A 39 -6.69 -18.24 -17.92
C SER A 39 -8.15 -18.55 -18.23
N TYR A 40 -9.06 -17.71 -17.74
CA TYR A 40 -10.48 -17.94 -17.89
C TYR A 40 -11.03 -17.18 -19.08
N THR A 41 -12.08 -17.74 -19.71
CA THR A 41 -12.77 -17.10 -20.82
C THR A 41 -14.26 -17.34 -20.63
N TYR A 42 -14.92 -16.36 -20.01
CA TYR A 42 -16.37 -16.41 -19.78
C TYR A 42 -17.04 -15.44 -20.74
N ARG A 43 -17.94 -15.97 -21.58
CA ARG A 43 -18.67 -15.15 -22.53
C ARG A 43 -20.12 -15.63 -22.63
N ARG A 44 -21.03 -14.68 -22.69
CA ARG A 44 -22.46 -14.96 -22.82
C ARG A 44 -23.05 -13.94 -23.79
N GLN A 45 -24.39 -13.91 -23.87
CA GLN A 45 -25.11 -12.91 -24.65
C GLN A 45 -26.26 -12.40 -23.81
N LEU A 46 -26.13 -11.16 -23.33
CA LEU A 46 -27.14 -10.57 -22.46
C LEU A 46 -28.34 -10.14 -23.30
N GLN A 47 -29.52 -10.61 -22.93
CA GLN A 47 -30.74 -10.39 -23.70
C GLN A 47 -31.60 -9.32 -23.05
N ASN A 48 -32.14 -8.42 -23.87
CA ASN A 48 -33.08 -7.41 -23.40
C ASN A 48 -34.39 -8.09 -23.00
N PRO A 49 -34.85 -7.95 -21.76
CA PRO A 49 -36.12 -8.58 -21.37
C PRO A 49 -37.33 -7.98 -22.06
N ALA A 50 -37.17 -6.88 -22.82
CA ALA A 50 -38.27 -6.26 -23.53
C ALA A 50 -38.28 -6.62 -25.01
N ASN A 51 -37.28 -7.35 -25.50
CA ASN A 51 -37.21 -7.75 -26.90
C ASN A 51 -36.34 -8.98 -27.01
N GLU A 52 -36.93 -10.10 -27.49
CA GLU A 52 -36.17 -11.35 -27.58
C GLU A 52 -35.06 -11.27 -28.61
N GLN A 53 -35.21 -10.42 -29.61
CA GLN A 53 -34.25 -10.32 -30.70
C GLN A 53 -33.16 -9.28 -30.46
N GLU A 54 -33.14 -8.66 -29.28
CA GLU A 54 -32.11 -7.70 -28.92
C GLU A 54 -31.15 -8.38 -27.94
N LYS A 55 -29.95 -8.70 -28.43
CA LYS A 55 -28.93 -9.35 -27.62
C LYS A 55 -27.59 -8.68 -27.89
N ILE A 56 -26.81 -8.48 -26.82
CA ILE A 56 -25.48 -7.88 -26.94
C ILE A 56 -24.46 -8.87 -26.39
N PRO A 57 -23.26 -8.95 -26.98
CA PRO A 57 -22.25 -9.87 -26.48
C PRO A 57 -21.57 -9.34 -25.22
N PHE A 58 -21.22 -10.27 -24.34
CA PHE A 58 -20.49 -9.96 -23.11
C PHE A 58 -19.34 -10.94 -22.98
N HIS A 59 -18.11 -10.44 -23.06
CA HIS A 59 -16.92 -11.27 -22.97
C HIS A 59 -16.08 -10.84 -21.77
N LEU A 60 -15.54 -11.84 -21.06
CA LEU A 60 -14.71 -11.60 -19.89
C LEU A 60 -13.46 -12.46 -20.01
N GLN A 61 -12.29 -11.81 -20.12
CA GLN A 61 -11.02 -12.50 -20.28
C GLN A 61 -10.13 -12.13 -19.11
N ILE A 62 -9.65 -13.14 -18.38
CA ILE A 62 -8.78 -12.96 -17.22
C ILE A 62 -7.50 -13.75 -17.47
N SER A 63 -6.36 -13.10 -17.26
CA SER A 63 -5.06 -13.69 -17.54
C SER A 63 -4.61 -14.55 -16.37
N LYS A 64 -3.36 -15.00 -16.40
CA LYS A 64 -2.80 -15.78 -15.32
C LYS A 64 -2.43 -14.88 -14.15
N GLN A 65 -2.02 -15.51 -13.04
CA GLN A 65 -1.66 -14.78 -11.83
C GLN A 65 -0.19 -14.38 -11.89
N VAL A 66 0.08 -13.12 -11.56
CA VAL A 66 1.43 -12.59 -11.51
C VAL A 66 1.77 -12.34 -10.04
N ILE A 67 2.72 -13.10 -9.51
CA ILE A 67 3.12 -13.01 -8.12
C ILE A 67 4.28 -12.04 -8.01
N HIS A 68 4.08 -10.97 -7.25
CA HIS A 68 5.12 -9.97 -6.98
C HIS A 68 5.50 -10.05 -5.51
N ALA A 69 6.75 -10.40 -5.24
CA ALA A 69 7.24 -10.60 -3.88
C ALA A 69 8.43 -9.68 -3.63
N GLU A 70 8.22 -8.68 -2.79
CA GLU A 70 9.33 -7.87 -2.30
C GLU A 70 10.19 -8.73 -1.37
N ILE A 71 11.44 -8.95 -1.76
CA ILE A 71 12.29 -9.93 -1.08
C ILE A 71 13.49 -9.22 -0.47
N GLN A 72 14.22 -9.96 0.35
CA GLN A 72 15.47 -9.52 0.96
C GLN A 72 16.57 -10.48 0.53
N HIS A 73 17.59 -9.96 -0.14
CA HIS A 73 18.68 -10.79 -0.63
C HIS A 73 19.50 -11.31 0.55
N LEU A 74 19.38 -12.61 0.83
CA LEU A 74 20.13 -13.20 1.93
C LEU A 74 21.59 -13.47 1.54
N GLY A 75 21.85 -13.71 0.25
CA GLY A 75 23.19 -13.97 -0.22
C GLY A 75 23.32 -15.36 -0.81
N HIS A 76 24.54 -15.89 -0.78
CA HIS A 76 24.85 -17.20 -1.31
C HIS A 76 25.02 -18.21 -0.18
N TRP A 77 24.55 -19.42 -0.40
CA TRP A 77 24.73 -20.51 0.56
C TRP A 77 26.02 -21.26 0.22
N MET A 78 26.90 -21.37 1.20
CA MET A 78 28.21 -21.98 1.00
C MET A 78 28.23 -23.39 1.58
N ASP A 79 29.05 -24.26 0.95
CA ASP A 79 29.27 -25.62 1.41
C ASP A 79 30.75 -25.81 1.68
N GLY A 80 31.06 -26.40 2.83
CA GLY A 80 32.43 -26.62 3.23
C GLY A 80 32.65 -28.03 3.75
N THR A 81 33.89 -28.29 4.15
CA THR A 81 34.30 -29.59 4.67
C THR A 81 34.83 -29.41 6.09
N PHE A 82 34.47 -30.34 6.97
CA PHE A 82 34.88 -30.29 8.36
C PHE A 82 36.32 -30.77 8.51
N ASN A 83 37.09 -30.05 9.34
CA ASN A 83 38.46 -30.40 9.61
C ASN A 83 38.81 -30.01 11.03
N LEU A 84 39.65 -30.84 11.68
CA LEU A 84 40.07 -30.60 13.05
C LEU A 84 41.56 -30.83 13.17
N LYS A 85 42.25 -29.90 13.81
CA LYS A 85 43.68 -30.00 14.05
C LYS A 85 43.98 -29.69 15.52
N THR A 86 45.14 -30.16 15.97
CA THR A 86 45.57 -29.98 17.35
C THR A 86 46.97 -29.40 17.38
N ALA A 87 47.21 -28.49 18.32
CA ALA A 87 48.51 -27.84 18.48
C ALA A 87 48.91 -27.92 19.95
N PHE A 88 50.09 -28.47 20.22
CA PHE A 88 50.60 -28.62 21.57
C PHE A 88 51.86 -27.78 21.75
N HIS A 89 52.01 -27.20 22.94
CA HIS A 89 53.20 -26.43 23.30
C HIS A 89 53.59 -26.77 24.73
N CYS A 90 54.90 -26.78 24.98
CA CYS A 90 55.40 -27.19 26.28
C CYS A 90 55.40 -26.06 27.29
N TYR A 91 55.86 -24.88 26.89
CA TYR A 91 55.91 -23.72 27.77
C TYR A 91 55.19 -22.55 27.13
N GLY A 92 54.84 -21.57 27.95
CA GLY A 92 54.14 -20.39 27.48
C GLY A 92 52.64 -20.45 27.71
N SER A 93 51.88 -19.74 26.90
CA SER A 93 50.43 -19.68 27.01
C SER A 93 49.81 -19.92 25.64
N CYS A 94 48.50 -20.21 25.65
CA CYS A 94 47.79 -20.46 24.40
C CYS A 94 47.57 -19.19 23.61
N GLU A 95 47.52 -18.03 24.28
CA GLU A 95 47.31 -16.75 23.63
C GLU A 95 48.63 -16.06 23.28
N LYS A 96 49.68 -16.84 23.03
CA LYS A 96 51.00 -16.33 22.70
C LYS A 96 51.43 -16.65 21.27
N TYR A 97 51.06 -17.82 20.75
CA TYR A 97 51.47 -18.26 19.43
C TYR A 97 50.29 -18.24 18.47
N ALA A 98 50.59 -18.43 17.19
CA ALA A 98 49.59 -18.48 16.14
C ALA A 98 49.39 -19.93 15.67
N TYR A 99 48.29 -20.14 14.96
CA TYR A 99 47.91 -21.46 14.49
C TYR A 99 47.39 -21.37 13.07
N PRO A 100 47.58 -22.43 12.26
CA PRO A 100 47.16 -22.36 10.86
C PRO A 100 45.65 -22.29 10.67
N TRP A 101 44.85 -22.65 11.68
CA TRP A 101 43.41 -22.58 11.53
C TRP A 101 42.87 -21.18 11.79
N GLN A 102 43.61 -20.32 12.48
CA GLN A 102 43.14 -18.98 12.79
C GLN A 102 43.02 -18.11 11.54
N THR A 103 43.67 -18.48 10.45
CA THR A 103 43.66 -17.68 9.22
C THR A 103 42.70 -18.23 8.17
N ALA A 104 41.90 -19.25 8.52
CA ALA A 104 40.96 -19.82 7.57
C ALA A 104 39.72 -18.92 7.44
N GLY A 105 38.79 -19.33 6.59
CA GLY A 105 37.58 -18.55 6.41
C GLY A 105 36.66 -18.63 7.61
N CYS A 106 36.35 -19.85 8.05
CA CYS A 106 35.54 -20.09 9.23
C CYS A 106 36.31 -21.00 10.18
N PHE A 107 36.46 -20.58 11.43
CA PHE A 107 37.20 -21.37 12.39
C PHE A 107 36.67 -21.13 13.79
N ILE A 108 36.66 -22.18 14.60
CA ILE A 108 36.28 -22.13 16.01
C ILE A 108 37.35 -22.86 16.80
N GLU A 109 37.93 -22.19 17.80
CA GLU A 109 39.05 -22.72 18.55
C GLU A 109 38.71 -22.81 20.03
N LYS A 110 38.97 -23.97 20.62
CA LYS A 110 38.86 -24.18 22.06
C LYS A 110 40.20 -24.68 22.57
N ASP A 111 40.81 -23.93 23.47
CA ASP A 111 42.15 -24.24 23.97
C ASP A 111 42.10 -24.54 25.45
N TYR A 112 42.95 -25.47 25.87
CA TYR A 112 43.09 -25.84 27.29
C TYR A 112 44.31 -25.14 27.85
N GLU A 113 44.14 -23.85 28.13
CA GLU A 113 45.25 -23.02 28.60
C GLU A 113 45.61 -23.36 30.04
N TYR A 114 46.91 -23.59 30.28
CA TYR A 114 47.49 -23.88 31.59
C TYR A 114 47.03 -25.21 32.16
N GLU A 115 46.41 -26.07 31.36
CA GLU A 115 45.88 -27.35 31.84
C GLU A 115 46.80 -28.51 31.52
N SER A 116 48.11 -28.30 31.56
CA SER A 116 49.09 -29.35 31.27
C SER A 116 49.38 -30.09 32.56
N GLY A 117 48.83 -31.29 32.69
CA GLY A 117 49.12 -32.14 33.84
C GLY A 117 50.33 -33.01 33.60
N TRP A 118 50.20 -34.31 33.86
CA TRP A 118 51.24 -35.26 33.50
C TRP A 118 50.74 -36.52 32.81
N GLY A 119 49.47 -36.89 32.98
CA GLY A 119 48.95 -38.07 32.32
C GLY A 119 48.73 -37.86 30.83
N CYS A 120 48.47 -36.63 30.43
CA CYS A 120 48.28 -36.28 29.03
C CYS A 120 49.56 -35.75 28.38
N ASN A 121 50.67 -35.74 29.10
CA ASN A 121 51.91 -35.14 28.63
C ASN A 121 52.67 -36.10 27.73
N PRO A 122 53.44 -35.57 26.78
CA PRO A 122 54.22 -36.44 25.88
C PRO A 122 55.49 -36.93 26.56
N PRO A 123 56.30 -37.74 25.88
CA PRO A 123 57.60 -38.10 26.47
C PRO A 123 58.47 -36.90 26.80
N ASP A 124 58.33 -35.82 26.05
CA ASP A 124 59.02 -34.57 26.36
C ASP A 124 58.17 -33.77 27.35
N CYS A 125 58.68 -32.59 27.73
CA CYS A 125 58.00 -31.63 28.59
C CYS A 125 57.62 -32.24 29.95
N PRO A 126 58.59 -32.52 30.82
CA PRO A 126 58.26 -33.00 32.18
C PRO A 126 57.80 -31.88 33.09
N GLY A 127 56.72 -31.20 32.70
CA GLY A 127 56.20 -30.09 33.46
C GLY A 127 54.73 -30.26 33.78
N VAL A 128 54.26 -29.45 34.71
CA VAL A 128 52.87 -29.47 35.16
C VAL A 128 52.34 -28.05 35.19
N GLY A 129 51.16 -27.83 34.62
CA GLY A 129 50.53 -26.53 34.62
C GLY A 129 51.30 -25.45 33.90
N THR A 130 52.00 -25.81 32.82
CA THR A 130 52.80 -24.85 32.07
C THR A 130 52.61 -24.92 30.57
N GLY A 131 52.00 -25.98 30.04
CA GLY A 131 51.85 -26.15 28.62
C GLY A 131 50.59 -25.51 28.07
N CYS A 132 50.30 -25.83 26.81
CA CYS A 132 49.12 -25.31 26.13
C CYS A 132 48.68 -26.32 25.08
N THR A 133 47.38 -26.61 25.06
CA THR A 133 46.79 -27.53 24.10
C THR A 133 45.64 -26.82 23.41
N ALA A 134 45.87 -26.39 22.16
CA ALA A 134 44.87 -25.68 21.39
C ALA A 134 44.27 -26.60 20.33
N CYS A 135 42.96 -26.48 20.13
CA CYS A 135 42.23 -27.29 19.16
C CYS A 135 41.47 -26.37 18.22
N GLY A 136 41.64 -26.59 16.91
CA GLY A 136 41.01 -25.74 15.94
C GLY A 136 40.12 -26.47 14.95
N VAL A 137 38.85 -26.09 14.89
CA VAL A 137 37.91 -26.62 13.90
C VAL A 137 37.73 -25.56 12.83
N TYR A 138 38.07 -25.90 11.59
CA TYR A 138 37.96 -24.97 10.48
C TYR A 138 37.26 -25.65 9.31
N LEU A 139 36.81 -24.83 8.36
CA LEU A 139 36.10 -25.29 7.18
C LEU A 139 36.85 -24.87 5.93
N ASP A 140 37.05 -25.80 5.01
CA ASP A 140 37.74 -25.55 3.75
C ASP A 140 36.84 -25.95 2.59
N LYS A 141 37.33 -25.69 1.37
CA LYS A 141 36.59 -25.99 0.14
C LYS A 141 35.23 -25.30 0.13
N LEU A 142 35.22 -24.03 0.51
CA LEU A 142 33.99 -23.24 0.53
C LEU A 142 33.58 -22.88 -0.89
N LYS A 143 32.45 -23.41 -1.34
CA LYS A 143 31.95 -23.17 -2.68
C LYS A 143 30.45 -22.92 -2.61
N SER A 144 29.97 -21.98 -3.44
CA SER A 144 28.56 -21.63 -3.43
C SER A 144 27.72 -22.73 -4.05
N VAL A 145 26.58 -23.01 -3.43
CA VAL A 145 25.67 -24.04 -3.92
C VAL A 145 24.31 -23.51 -4.30
N GLY A 146 23.94 -22.31 -3.87
CA GLY A 146 22.63 -21.76 -4.21
C GLY A 146 22.49 -20.35 -3.68
N LYS A 147 21.38 -19.72 -4.08
CA LYS A 147 21.06 -18.36 -3.69
C LYS A 147 19.78 -18.37 -2.85
N ALA A 148 19.75 -17.55 -1.82
CA ALA A 148 18.64 -17.52 -0.87
C ALA A 148 18.02 -16.12 -0.83
N PHE A 149 16.70 -16.09 -0.78
CA PHE A 149 15.93 -14.85 -0.66
C PHE A 149 14.87 -15.01 0.42
N LYS A 150 14.55 -13.92 1.09
CA LYS A 150 13.59 -13.91 2.19
C LYS A 150 12.42 -13.01 1.83
N ILE A 151 11.21 -13.56 1.92
CA ILE A 151 10.01 -12.84 1.51
C ILE A 151 9.66 -11.79 2.55
N VAL A 152 9.45 -10.56 2.10
CA VAL A 152 9.04 -9.46 2.97
C VAL A 152 7.56 -9.14 2.80
N SER A 153 7.08 -9.11 1.57
CA SER A 153 5.67 -8.84 1.30
C SER A 153 5.28 -9.52 -0.01
N LEU A 154 3.98 -9.70 -0.19
CA LEU A 154 3.44 -10.38 -1.37
C LEU A 154 2.36 -9.53 -2.02
N ARG A 155 2.23 -9.70 -3.33
CA ARG A 155 1.24 -8.96 -4.12
C ARG A 155 0.86 -9.81 -5.32
N TYR A 156 -0.44 -9.89 -5.60
CA TYR A 156 -0.97 -10.70 -6.69
C TYR A 156 -1.80 -9.82 -7.61
N THR A 157 -1.50 -9.87 -8.90
CA THR A 157 -2.17 -9.05 -9.90
C THR A 157 -2.61 -9.92 -11.07
N ARG A 158 -3.72 -9.52 -11.69
CA ARG A 158 -4.25 -10.19 -12.86
C ARG A 158 -4.78 -9.14 -13.83
N LYS A 159 -4.57 -9.39 -15.13
CA LYS A 159 -5.01 -8.47 -16.17
C LYS A 159 -6.33 -8.97 -16.72
N ALA A 160 -7.35 -8.11 -16.69
CA ALA A 160 -8.71 -8.46 -17.08
C ALA A 160 -9.18 -7.54 -18.20
N CYS A 161 -9.87 -8.13 -19.18
CA CYS A 161 -10.47 -7.39 -20.29
C CYS A 161 -11.93 -7.76 -20.41
N ILE A 162 -12.78 -6.74 -20.61
CA ILE A 162 -14.21 -6.94 -20.78
C ILE A 162 -14.62 -6.42 -22.14
N GLN A 163 -15.69 -7.02 -22.69
CA GLN A 163 -16.23 -6.63 -23.99
C GLN A 163 -17.75 -6.70 -23.89
N LEU A 164 -18.39 -5.53 -23.83
CA LEU A 164 -19.84 -5.42 -23.69
C LEU A 164 -20.38 -4.64 -24.87
N GLY A 165 -21.11 -5.30 -25.74
CA GLY A 165 -21.65 -4.65 -26.93
C GLY A 165 -20.57 -4.14 -27.85
N THR A 166 -20.39 -2.82 -27.90
CA THR A 166 -19.35 -2.20 -28.69
C THR A 166 -18.22 -1.61 -27.85
N GLU A 167 -18.35 -1.59 -26.53
CA GLU A 167 -17.33 -1.03 -25.65
C GLU A 167 -16.33 -2.10 -25.26
N GLN A 168 -15.06 -1.69 -25.15
CA GLN A 168 -13.98 -2.58 -24.75
C GLN A 168 -13.12 -1.86 -23.72
N THR A 169 -12.86 -2.51 -22.59
CA THR A 169 -12.08 -1.93 -21.51
C THR A 169 -11.19 -2.98 -20.89
N CYS A 170 -9.93 -2.61 -20.64
CA CYS A 170 -8.96 -3.49 -20.02
C CYS A 170 -8.27 -2.77 -18.87
N LYS A 171 -7.82 -3.56 -17.89
CA LYS A 171 -7.14 -3.02 -16.72
C LYS A 171 -6.42 -4.15 -16.00
N SER A 172 -5.39 -3.79 -15.25
CA SER A 172 -4.66 -4.74 -14.42
C SER A 172 -5.22 -4.62 -13.00
N VAL A 173 -6.06 -5.58 -12.62
CA VAL A 173 -6.76 -5.54 -11.35
C VAL A 173 -5.83 -6.03 -10.25
N ASP A 174 -5.60 -5.19 -9.24
CA ASP A 174 -4.80 -5.53 -8.08
C ASP A 174 -5.73 -5.93 -6.93
N SER A 175 -5.14 -6.14 -5.75
CA SER A 175 -5.97 -6.47 -4.59
C SER A 175 -6.69 -5.25 -4.05
N ASN A 176 -6.10 -4.06 -4.22
CA ASN A 176 -6.68 -2.80 -3.77
C ASN A 176 -7.25 -1.99 -4.93
N ASP A 177 -7.68 -2.66 -5.99
CA ASP A 177 -8.20 -1.99 -7.17
C ASP A 177 -9.21 -2.88 -7.86
N CYS A 178 -10.10 -2.26 -8.63
CA CYS A 178 -11.12 -2.98 -9.39
C CYS A 178 -11.33 -2.30 -10.74
N LEU A 179 -11.60 -3.11 -11.76
CA LEU A 179 -11.99 -2.59 -13.07
C LEU A 179 -13.47 -2.23 -13.01
N VAL A 180 -13.76 -0.94 -12.90
CA VAL A 180 -15.12 -0.45 -12.74
C VAL A 180 -15.50 0.36 -13.98
N THR A 181 -16.59 -0.01 -14.62
CA THR A 181 -17.14 0.72 -15.76
C THR A 181 -18.56 1.17 -15.43
N THR A 182 -19.24 1.74 -16.42
CA THR A 182 -20.60 2.22 -16.22
C THR A 182 -21.60 1.09 -16.05
N SER A 183 -21.27 -0.12 -16.49
CA SER A 183 -22.18 -1.26 -16.40
C SER A 183 -21.53 -2.53 -15.84
N VAL A 184 -20.22 -2.65 -15.87
CA VAL A 184 -19.54 -3.86 -15.40
C VAL A 184 -18.54 -3.46 -14.31
N LYS A 185 -18.37 -4.36 -13.34
CA LYS A 185 -17.41 -4.17 -12.26
C LYS A 185 -16.74 -5.50 -11.94
N VAL A 186 -15.42 -5.52 -12.00
CA VAL A 186 -14.63 -6.72 -11.72
C VAL A 186 -13.68 -6.39 -10.58
N CYS A 187 -13.78 -7.15 -9.49
CA CYS A 187 -12.95 -6.94 -8.30
C CYS A 187 -12.16 -8.19 -7.98
N LEU A 188 -10.97 -7.98 -7.41
CA LEU A 188 -10.12 -9.05 -6.89
C LEU A 188 -10.02 -8.84 -5.38
N ILE A 189 -10.60 -9.76 -4.62
CA ILE A 189 -10.76 -9.62 -3.17
C ILE A 189 -9.81 -10.52 -2.40
N GLY A 190 -9.85 -11.83 -2.66
CA GLY A 190 -9.06 -12.77 -1.90
C GLY A 190 -8.05 -13.55 -2.72
N THR A 191 -7.04 -14.11 -2.06
CA THR A 191 -6.03 -14.91 -2.73
C THR A 191 -5.50 -15.96 -1.76
N VAL A 192 -5.80 -17.22 -2.03
CA VAL A 192 -5.23 -18.33 -1.27
C VAL A 192 -3.86 -18.64 -1.85
N SER A 193 -2.83 -18.52 -1.03
CA SER A 193 -1.44 -18.60 -1.49
C SER A 193 -0.71 -19.73 -0.80
N LYS A 194 0.17 -20.40 -1.56
CA LYS A 194 1.10 -21.37 -0.98
C LYS A 194 2.22 -20.68 -0.23
N PHE A 195 2.62 -19.50 -0.69
CA PHE A 195 3.68 -18.72 -0.06
C PHE A 195 3.09 -17.70 0.89
N GLN A 196 3.88 -17.33 1.90
CA GLN A 196 3.51 -16.30 2.86
C GLN A 196 4.80 -15.64 3.35
N PRO A 197 4.70 -14.44 3.93
CA PRO A 197 5.92 -13.73 4.36
C PRO A 197 6.77 -14.54 5.32
N SER A 198 8.02 -14.08 5.49
CA SER A 198 9.03 -14.69 6.34
C SER A 198 9.46 -16.08 5.86
N ASP A 199 9.18 -16.41 4.61
CA ASP A 199 9.67 -17.65 4.03
C ASP A 199 10.99 -17.41 3.28
N THR A 200 11.77 -18.48 3.15
CA THR A 200 13.08 -18.41 2.51
C THR A 200 13.06 -19.27 1.26
N LEU A 201 13.23 -18.64 0.10
CA LEU A 201 13.26 -19.32 -1.18
C LEU A 201 14.71 -19.55 -1.58
N LEU A 202 15.07 -20.82 -1.80
CA LEU A 202 16.43 -21.22 -2.14
C LEU A 202 16.45 -21.78 -3.55
N PHE A 203 17.28 -21.18 -4.41
CA PHE A 203 17.44 -21.63 -5.80
C PHE A 203 18.82 -22.26 -5.93
N LEU A 204 18.85 -23.58 -6.12
CA LEU A 204 20.13 -24.28 -6.25
C LEU A 204 20.82 -23.91 -7.56
N GLY A 205 20.11 -24.00 -8.68
CA GLY A 205 20.66 -23.62 -9.95
C GLY A 205 20.09 -22.29 -10.43
N PRO A 206 19.74 -22.21 -11.71
CA PRO A 206 19.12 -20.98 -12.22
C PRO A 206 17.70 -20.80 -11.71
N LEU A 207 17.04 -19.73 -12.14
CA LEU A 207 15.69 -19.44 -11.64
C LEU A 207 14.67 -20.41 -12.21
N GLU A 208 14.71 -20.64 -13.53
CA GLU A 208 13.69 -21.43 -14.20
C GLU A 208 13.60 -22.86 -13.65
N GLN A 209 14.65 -23.36 -13.02
CA GLN A 209 14.64 -24.71 -12.46
C GLN A 209 13.83 -24.82 -11.18
N GLY A 210 13.32 -23.71 -10.65
CA GLY A 210 12.57 -23.74 -9.42
C GLY A 210 13.48 -23.68 -8.20
N GLY A 211 12.88 -23.98 -7.05
CA GLY A 211 13.64 -23.95 -5.82
C GLY A 211 12.91 -24.64 -4.70
N LEU A 212 13.38 -24.39 -3.47
CA LEU A 212 12.81 -24.97 -2.27
C LEU A 212 12.38 -23.86 -1.31
N ILE A 213 11.54 -24.23 -0.35
CA ILE A 213 10.99 -23.30 0.62
C ILE A 213 11.44 -23.73 2.01
N PHE A 214 12.06 -22.81 2.74
CA PHE A 214 12.54 -23.06 4.10
C PHE A 214 11.89 -22.08 5.05
N LYS A 215 11.38 -22.58 6.17
CA LYS A 215 10.75 -21.74 7.19
C LYS A 215 11.69 -21.44 8.34
N GLN A 216 12.38 -22.45 8.86
CA GLN A 216 13.32 -22.27 9.96
C GLN A 216 14.74 -22.00 9.45
N TRP A 217 14.87 -21.03 8.56
CA TRP A 217 16.19 -20.60 8.11
C TRP A 217 16.88 -19.82 9.21
N CYS A 218 18.03 -20.32 9.68
CA CYS A 218 18.69 -19.71 10.82
C CYS A 218 19.20 -18.31 10.48
N THR A 219 18.97 -17.38 11.40
CA THR A 219 19.41 -15.99 11.22
C THR A 219 20.37 -15.54 12.31
N THR A 220 20.02 -15.75 13.58
CA THR A 220 20.84 -15.28 14.69
C THR A 220 21.78 -16.37 15.21
N THR A 221 21.23 -17.50 15.65
CA THR A 221 22.01 -18.60 16.20
C THR A 221 22.08 -19.71 15.16
N CYS A 222 23.08 -19.62 14.28
CA CYS A 222 23.32 -20.64 13.27
C CYS A 222 24.35 -21.63 13.75
N GLN A 223 24.11 -22.91 13.46
CA GLN A 223 25.04 -23.97 13.81
C GLN A 223 25.39 -24.75 12.55
N PHE A 224 26.53 -25.45 12.60
CA PHE A 224 27.00 -26.24 11.47
C PHE A 224 26.03 -27.39 11.23
N GLY A 225 25.36 -27.38 10.08
CA GLY A 225 24.35 -28.37 9.74
C GLY A 225 22.97 -27.79 9.52
N ASP A 226 22.70 -26.58 10.02
CA ASP A 226 21.40 -25.95 9.85
C ASP A 226 21.31 -25.30 8.47
N PRO A 227 20.08 -25.19 7.92
CA PRO A 227 19.91 -24.49 6.65
C PRO A 227 20.28 -23.02 6.77
N GLY A 228 21.35 -22.61 6.09
CA GLY A 228 21.85 -21.26 6.19
C GLY A 228 23.00 -21.08 7.15
N ASP A 229 23.78 -22.13 7.42
CA ASP A 229 24.89 -22.03 8.37
C ASP A 229 25.98 -21.10 7.85
N ILE A 230 26.58 -21.44 6.72
CA ILE A 230 27.64 -20.65 6.11
C ILE A 230 27.04 -19.83 4.98
N MET A 231 27.08 -18.51 5.12
CA MET A 231 26.48 -17.60 4.15
C MET A 231 27.54 -16.64 3.62
N SER A 232 27.50 -16.39 2.31
CA SER A 232 28.38 -15.42 1.66
C SER A 232 27.61 -14.11 1.46
N THR A 233 27.46 -13.36 2.55
CA THR A 233 26.78 -12.08 2.48
C THR A 233 27.62 -11.07 1.69
N PRO A 234 27.00 -10.06 1.09
CA PRO A 234 27.79 -9.05 0.36
C PRO A 234 28.72 -8.26 1.27
N VAL A 235 28.40 -8.12 2.56
CA VAL A 235 29.30 -7.46 3.48
C VAL A 235 30.53 -8.32 3.74
N GLY A 236 30.34 -9.64 3.84
CA GLY A 236 31.45 -10.53 4.07
C GLY A 236 30.95 -11.92 4.42
N MET A 237 31.84 -12.70 5.04
CA MET A 237 31.48 -14.06 5.44
C MET A 237 30.76 -14.05 6.79
N LYS A 238 29.78 -14.93 6.93
CA LYS A 238 29.03 -15.11 8.17
C LYS A 238 29.12 -16.57 8.57
N CYS A 239 30.06 -16.88 9.46
CA CYS A 239 30.35 -18.24 9.90
C CYS A 239 29.54 -18.60 11.14
N PRO A 240 29.04 -19.83 11.20
CA PRO A 240 28.28 -20.27 12.38
C PRO A 240 29.19 -20.94 13.41
N GLU A 241 28.59 -21.26 14.55
CA GLU A 241 29.26 -22.04 15.57
C GLU A 241 29.01 -23.53 15.31
N LEU A 242 29.49 -24.38 16.23
CA LEU A 242 29.41 -25.81 16.07
C LEU A 242 28.39 -26.40 17.05
N ASN A 243 27.84 -27.56 16.68
CA ASN A 243 26.90 -28.28 17.52
C ASN A 243 27.63 -29.46 18.17
N GLY A 244 28.32 -29.16 19.26
CA GLY A 244 29.07 -30.18 19.97
C GLY A 244 30.02 -29.56 20.97
N SER A 245 30.79 -30.44 21.61
CA SER A 245 31.76 -30.04 22.62
C SER A 245 33.10 -30.69 22.33
N PHE A 246 34.16 -30.11 22.90
CA PHE A 246 35.51 -30.60 22.72
C PHE A 246 35.93 -31.46 23.91
N ARG A 247 36.97 -32.27 23.68
CA ARG A 247 37.53 -33.12 24.72
C ARG A 247 38.96 -33.46 24.33
N LYS A 248 39.76 -33.80 25.34
CA LYS A 248 41.17 -34.10 25.16
C LYS A 248 41.39 -35.59 25.42
N LYS A 249 41.59 -36.35 24.35
CA LYS A 249 41.94 -37.76 24.46
C LYS A 249 43.46 -37.89 24.48
N CYS A 250 43.98 -38.60 25.47
CA CYS A 250 45.42 -38.70 25.65
C CYS A 250 45.75 -40.05 26.27
N ALA A 251 46.98 -40.51 26.01
CA ALA A 251 47.51 -41.74 26.56
C ALA A 251 48.83 -41.44 27.28
N PHE A 252 49.44 -42.48 27.83
CA PHE A 252 50.69 -42.33 28.56
C PHE A 252 51.85 -42.14 27.60
N ALA A 253 52.67 -41.11 27.86
CA ALA A 253 53.86 -40.82 27.06
C ALA A 253 53.51 -40.62 25.59
N THR A 254 52.44 -39.88 25.33
CA THR A 254 52.02 -39.54 23.98
C THR A 254 51.51 -38.10 23.95
N THR A 255 51.62 -37.47 22.80
CA THR A 255 51.10 -36.12 22.63
C THR A 255 49.58 -36.15 22.70
N PRO A 256 48.95 -35.24 23.44
CA PRO A 256 47.49 -35.29 23.59
C PRO A 256 46.80 -34.84 22.31
N VAL A 257 46.03 -35.75 21.72
CA VAL A 257 45.22 -35.43 20.53
C VAL A 257 43.90 -34.83 20.99
N CYS A 258 43.19 -34.20 20.07
CA CYS A 258 41.94 -33.52 20.39
C CYS A 258 40.80 -34.17 19.61
N GLN A 259 39.72 -34.50 20.31
CA GLN A 259 38.54 -35.12 19.71
C GLN A 259 37.38 -34.15 19.74
N PHE A 260 36.45 -34.34 18.80
CA PHE A 260 35.23 -33.53 18.72
C PHE A 260 34.08 -34.45 18.38
N ASP A 261 33.23 -34.74 19.37
CA ASP A 261 32.05 -35.59 19.19
C ASP A 261 30.86 -34.69 18.93
N GLY A 262 30.67 -34.33 17.66
CA GLY A 262 29.56 -33.47 17.26
C GLY A 262 29.13 -33.71 15.84
N ASN A 263 28.52 -32.71 15.22
CA ASN A 263 28.05 -32.84 13.84
C ASN A 263 29.20 -32.56 12.87
N THR A 264 29.38 -33.45 11.90
CA THR A 264 30.42 -33.33 10.89
C THR A 264 29.89 -32.92 9.52
N LEU A 265 28.72 -33.42 9.14
CA LEU A 265 28.13 -33.06 7.85
C LEU A 265 27.67 -31.60 7.86
N SER A 266 27.85 -30.93 6.72
CA SER A 266 27.48 -29.53 6.61
C SER A 266 25.97 -29.39 6.41
N GLY A 267 25.51 -28.14 6.37
CA GLY A 267 24.08 -27.90 6.17
C GLY A 267 23.61 -28.32 4.79
N TYR A 268 24.45 -28.13 3.77
CA TYR A 268 24.08 -28.54 2.42
C TYR A 268 24.03 -30.06 2.30
N LYS A 269 24.93 -30.76 2.99
CA LYS A 269 24.94 -32.22 2.94
C LYS A 269 23.66 -32.80 3.55
N ARG A 270 23.26 -32.29 4.71
CA ARG A 270 22.03 -32.77 5.33
C ARG A 270 20.81 -32.39 4.50
N MET A 271 20.85 -31.22 3.87
CA MET A 271 19.74 -30.82 3.00
C MET A 271 19.62 -31.75 1.80
N ILE A 272 20.75 -32.15 1.22
CA ILE A 272 20.70 -33.12 0.13
C ILE A 272 20.23 -34.47 0.65
N ALA A 273 20.60 -34.84 1.88
CA ALA A 273 20.20 -36.11 2.44
C ALA A 273 18.68 -36.20 2.61
N THR A 274 18.08 -35.15 3.18
CA THR A 274 16.64 -35.13 3.45
C THR A 274 15.92 -34.08 2.59
N LYS A 275 16.33 -33.97 1.32
CA LYS A 275 15.71 -32.99 0.43
C LYS A 275 14.22 -33.25 0.22
N ASP A 276 13.80 -34.51 0.29
CA ASP A 276 12.39 -34.85 0.07
C ASP A 276 11.47 -34.31 1.17
N SER A 277 12.02 -33.86 2.30
CA SER A 277 11.22 -33.37 3.41
C SER A 277 10.97 -31.88 3.35
N PHE A 278 11.29 -31.23 2.24
CA PHE A 278 11.11 -29.79 2.09
C PHE A 278 10.12 -29.50 0.97
N GLN A 279 9.52 -28.31 1.04
CA GLN A 279 8.55 -27.88 0.04
C GLN A 279 9.26 -27.40 -1.21
N SER A 280 8.79 -27.86 -2.38
CA SER A 280 9.33 -27.48 -3.67
C SER A 280 8.34 -26.59 -4.40
N PHE A 281 8.86 -25.80 -5.34
CA PHE A 281 8.02 -24.92 -6.14
C PHE A 281 8.72 -24.63 -7.46
N ASN A 282 7.92 -24.30 -8.47
CA ASN A 282 8.40 -23.96 -9.80
C ASN A 282 8.07 -22.50 -10.11
N VAL A 283 8.78 -21.95 -11.09
CA VAL A 283 8.54 -20.59 -11.55
C VAL A 283 8.50 -20.60 -13.08
N THR A 284 7.76 -19.65 -13.64
CA THR A 284 7.69 -19.44 -15.08
C THR A 284 7.72 -17.95 -15.36
N GLU A 285 8.48 -17.57 -16.40
CA GLU A 285 8.69 -16.18 -16.78
C GLU A 285 9.16 -15.37 -15.57
N PRO A 286 10.37 -15.59 -15.08
CA PRO A 286 10.84 -14.88 -13.89
C PRO A 286 11.46 -13.54 -14.21
N HIS A 287 11.28 -12.60 -13.28
CA HIS A 287 11.87 -11.27 -13.37
C HIS A 287 12.31 -10.87 -11.97
N ILE A 288 13.62 -10.80 -11.73
CA ILE A 288 14.17 -10.49 -10.43
C ILE A 288 14.92 -9.17 -10.52
N SER A 289 14.72 -8.31 -9.52
CA SER A 289 15.43 -7.04 -9.46
C SER A 289 16.12 -6.90 -8.10
N ALA A 290 16.66 -5.71 -7.81
CA ALA A 290 17.29 -5.51 -6.51
C ALA A 290 16.29 -5.45 -5.36
N SER A 291 15.00 -5.44 -5.66
CA SER A 291 13.98 -5.34 -4.60
C SER A 291 12.82 -6.30 -4.73
N SER A 292 12.61 -6.95 -5.87
CA SER A 292 11.41 -7.74 -6.09
C SER A 292 11.76 -9.02 -6.83
N LEU A 293 10.76 -9.90 -6.93
CA LEU A 293 10.90 -11.17 -7.64
C LEU A 293 9.52 -11.53 -8.20
N GLU A 294 9.33 -11.32 -9.49
CA GLU A 294 8.05 -11.57 -10.14
C GLU A 294 8.13 -12.85 -10.95
N TRP A 295 7.09 -13.69 -10.83
CA TRP A 295 7.02 -14.94 -11.57
C TRP A 295 5.57 -15.43 -11.56
N ILE A 296 5.29 -16.34 -12.48
CA ILE A 296 3.98 -16.99 -12.59
C ILE A 296 4.12 -18.42 -12.13
N ASP A 297 3.28 -18.84 -11.18
CA ASP A 297 3.35 -20.18 -10.62
C ASP A 297 2.65 -21.18 -11.53
N PRO A 298 3.37 -22.11 -12.14
CA PRO A 298 2.73 -23.08 -13.05
C PRO A 298 2.11 -24.26 -12.34
N ASP A 299 2.40 -24.48 -11.05
CA ASP A 299 1.89 -25.63 -10.33
C ASP A 299 0.41 -25.53 -10.02
N SER A 300 -0.22 -24.38 -10.27
CA SER A 300 -1.64 -24.17 -10.01
C SER A 300 -1.97 -24.41 -8.54
N SER A 301 -1.15 -23.85 -7.66
CA SER A 301 -1.30 -24.00 -6.22
C SER A 301 -1.80 -22.72 -5.54
N LEU A 302 -2.32 -21.78 -6.31
CA LEU A 302 -2.89 -20.54 -5.77
C LEU A 302 -4.23 -20.29 -6.43
N ARG A 303 -5.16 -19.73 -5.64
CA ARG A 303 -6.51 -19.46 -6.10
C ARG A 303 -6.87 -18.01 -5.82
N ASP A 304 -7.39 -17.32 -6.83
CA ASP A 304 -7.82 -15.94 -6.71
C ASP A 304 -9.35 -15.85 -6.76
N HIS A 305 -9.92 -15.06 -5.87
CA HIS A 305 -11.37 -14.90 -5.78
C HIS A 305 -11.74 -13.58 -6.47
N ILE A 306 -12.48 -13.69 -7.57
CA ILE A 306 -12.88 -12.55 -8.38
C ILE A 306 -14.39 -12.44 -8.37
N ASN A 307 -14.90 -11.22 -8.14
CA ASN A 307 -16.33 -10.94 -8.13
C ASN A 307 -16.65 -10.03 -9.32
N VAL A 308 -17.58 -10.50 -10.17
CA VAL A 308 -18.02 -9.75 -11.34
C VAL A 308 -19.51 -9.49 -11.20
N ILE A 309 -19.93 -8.27 -11.55
CA ILE A 309 -21.33 -7.88 -11.46
C ILE A 309 -21.66 -6.96 -12.63
N VAL A 310 -22.77 -7.23 -13.31
CA VAL A 310 -23.24 -6.44 -14.44
C VAL A 310 -24.65 -5.99 -14.14
N GLY A 311 -24.86 -4.67 -14.08
CA GLY A 311 -26.17 -4.14 -13.79
C GLY A 311 -27.14 -4.34 -14.93
N ARG A 312 -28.43 -4.33 -14.60
CA ARG A 312 -29.49 -4.52 -15.58
C ARG A 312 -29.91 -3.23 -16.26
N ASP A 313 -29.26 -2.11 -15.95
CA ASP A 313 -29.47 -0.85 -16.67
C ASP A 313 -28.50 -0.70 -17.82
N LEU A 314 -28.45 -1.72 -18.68
CA LEU A 314 -27.45 -1.77 -19.75
C LEU A 314 -27.72 -0.77 -20.86
N SER A 315 -28.95 -0.27 -20.97
CA SER A 315 -29.34 0.64 -22.06
C SER A 315 -29.09 -0.01 -23.42
N PHE A 316 -29.86 -1.08 -23.66
CA PHE A 316 -29.69 -1.88 -24.88
C PHE A 316 -29.82 -1.05 -26.15
N GLN A 317 -30.37 0.16 -26.07
CA GLN A 317 -30.46 0.99 -27.27
C GLN A 317 -29.09 1.56 -27.66
N ASP A 318 -28.31 2.02 -26.68
CA ASP A 318 -27.02 2.62 -26.98
C ASP A 318 -26.00 1.58 -27.46
N LEU A 319 -26.07 0.36 -26.91
CA LEU A 319 -25.14 -0.70 -27.27
C LEU A 319 -25.58 -1.50 -28.48
N SER A 320 -26.61 -1.03 -29.20
CA SER A 320 -27.12 -1.73 -30.37
C SER A 320 -26.80 -1.03 -31.68
N GLU A 321 -26.65 0.30 -31.68
CA GLU A 321 -26.34 1.01 -32.91
C GLU A 321 -24.94 0.66 -33.40
N THR A 322 -24.85 0.25 -34.66
CA THR A 322 -23.61 -0.14 -35.33
C THR A 322 -22.85 -1.19 -34.53
N PRO A 323 -23.33 -2.43 -34.48
CA PRO A 323 -22.60 -3.49 -33.79
C PRO A 323 -21.41 -3.95 -34.61
N CYS A 324 -20.67 -4.91 -34.07
CA CYS A 324 -19.45 -5.42 -34.70
C CYS A 324 -19.80 -6.61 -35.58
N GLN A 325 -19.66 -6.44 -36.89
CA GLN A 325 -19.89 -7.53 -37.83
C GLN A 325 -18.63 -8.36 -37.99
N VAL A 326 -18.81 -9.68 -38.02
CA VAL A 326 -17.70 -10.62 -38.09
C VAL A 326 -18.02 -11.69 -39.14
N ASP A 327 -17.16 -11.79 -40.15
CA ASP A 327 -17.25 -12.84 -41.15
C ASP A 327 -15.99 -13.71 -41.07
N LEU A 328 -16.14 -14.98 -41.44
CA LEU A 328 -15.04 -15.93 -41.30
C LEU A 328 -15.14 -16.98 -42.40
N ALA A 329 -14.02 -17.65 -42.65
CA ALA A 329 -13.94 -18.69 -43.66
C ALA A 329 -12.80 -19.63 -43.33
N THR A 330 -13.06 -20.94 -43.39
CA THR A 330 -12.03 -21.94 -43.15
C THR A 330 -11.13 -22.05 -44.36
N THR A 331 -9.82 -21.97 -44.14
CA THR A 331 -8.85 -21.95 -45.22
C THR A 331 -7.80 -23.05 -45.18
N SER A 332 -7.60 -23.71 -44.04
CA SER A 332 -6.56 -24.72 -43.93
C SER A 332 -6.87 -25.65 -42.77
N ILE A 333 -6.38 -26.88 -42.87
CA ILE A 333 -6.50 -27.88 -41.82
C ILE A 333 -5.23 -28.73 -41.80
N ASP A 334 -4.88 -29.24 -40.63
CA ASP A 334 -3.68 -30.04 -40.47
C ASP A 334 -3.82 -30.86 -39.19
N GLY A 335 -3.80 -32.18 -39.33
CA GLY A 335 -3.86 -33.08 -38.20
C GLY A 335 -4.76 -34.27 -38.49
N ALA A 336 -5.26 -34.88 -37.43
CA ALA A 336 -6.12 -36.06 -37.53
C ALA A 336 -7.33 -35.88 -36.63
N TRP A 337 -8.38 -36.64 -36.92
CA TRP A 337 -9.60 -36.60 -36.14
C TRP A 337 -9.60 -37.63 -35.01
N GLY A 338 -8.47 -38.27 -34.75
CA GLY A 338 -8.39 -39.23 -33.67
C GLY A 338 -8.31 -38.55 -32.31
N SER A 339 -8.87 -39.23 -31.31
CA SER A 339 -8.89 -38.71 -29.93
C SER A 339 -7.50 -38.91 -29.34
N GLY A 340 -6.64 -37.91 -29.52
CA GLY A 340 -5.29 -37.98 -29.01
C GLY A 340 -4.26 -37.39 -29.95
N VAL A 341 -4.57 -37.36 -31.24
CA VAL A 341 -3.64 -36.81 -32.22
C VAL A 341 -3.79 -35.29 -32.31
N GLY A 342 -5.00 -34.81 -32.54
CA GLY A 342 -5.26 -33.38 -32.62
C GLY A 342 -5.14 -32.85 -34.03
N PHE A 343 -5.80 -31.72 -34.26
CA PHE A 343 -5.78 -31.04 -35.55
C PHE A 343 -5.73 -29.53 -35.33
N ASN A 344 -5.20 -28.83 -36.33
CA ASN A 344 -5.04 -27.39 -36.29
C ASN A 344 -5.82 -26.78 -37.45
N LEU A 345 -6.72 -25.84 -37.14
CA LEU A 345 -7.57 -25.20 -38.13
C LEU A 345 -7.21 -23.74 -38.25
N VAL A 346 -7.22 -23.23 -39.49
CA VAL A 346 -6.88 -21.84 -39.79
C VAL A 346 -8.12 -21.13 -40.30
N CYS A 347 -8.45 -20.00 -39.69
CA CYS A 347 -9.62 -19.22 -40.05
C CYS A 347 -9.20 -17.83 -40.47
N SER A 348 -9.88 -17.28 -41.46
CA SER A 348 -9.65 -15.92 -41.95
C SER A 348 -10.85 -15.07 -41.51
N VAL A 349 -10.73 -14.46 -40.33
CA VAL A 349 -11.82 -13.71 -39.73
C VAL A 349 -11.72 -12.25 -40.18
N SER A 350 -12.82 -11.72 -40.69
CA SER A 350 -12.90 -10.35 -41.19
C SER A 350 -13.84 -9.56 -40.29
N LEU A 351 -13.27 -8.58 -39.57
CA LEU A 351 -14.04 -7.72 -38.67
C LEU A 351 -14.32 -6.38 -39.35
N THR A 352 -15.59 -5.98 -39.33
CA THR A 352 -16.01 -4.74 -39.96
C THR A 352 -16.90 -3.95 -39.01
N GLU A 353 -17.00 -2.64 -39.28
CA GLU A 353 -17.81 -1.68 -38.54
C GLU A 353 -17.38 -1.54 -37.08
N CYS A 354 -16.20 -2.03 -36.73
CA CYS A 354 -15.64 -1.86 -35.39
C CYS A 354 -14.13 -1.81 -35.48
N SER A 355 -13.53 -0.91 -34.70
CA SER A 355 -12.07 -0.80 -34.70
C SER A 355 -11.43 -2.03 -34.06
N THR A 356 -11.82 -2.35 -32.83
CA THR A 356 -11.36 -3.53 -32.12
C THR A 356 -12.56 -4.24 -31.52
N PHE A 357 -12.53 -5.58 -31.55
CA PHE A 357 -13.63 -6.38 -31.02
C PHE A 357 -13.07 -7.65 -30.43
N LEU A 358 -13.38 -7.91 -29.17
CA LEU A 358 -12.90 -9.09 -28.45
C LEU A 358 -13.97 -10.17 -28.50
N THR A 359 -13.64 -11.30 -29.12
CA THR A 359 -14.54 -12.44 -29.21
C THR A 359 -13.68 -13.70 -29.26
N SER A 360 -14.30 -14.82 -29.65
CA SER A 360 -13.59 -16.09 -29.75
C SER A 360 -14.19 -16.91 -30.87
N ILE A 361 -13.34 -17.62 -31.60
CA ILE A 361 -13.74 -18.47 -32.70
C ILE A 361 -13.62 -19.93 -32.26
N LYS A 362 -14.55 -20.76 -32.73
CA LYS A 362 -14.57 -22.17 -32.39
C LYS A 362 -14.51 -23.02 -33.66
N ALA A 363 -13.84 -24.17 -33.54
CA ALA A 363 -13.76 -25.14 -34.63
C ALA A 363 -14.85 -26.18 -34.40
N CYS A 364 -15.96 -26.03 -35.10
CA CYS A 364 -17.13 -26.89 -34.91
C CYS A 364 -17.38 -27.74 -36.14
N ASP A 365 -18.24 -28.74 -35.96
CA ASP A 365 -18.72 -29.58 -37.04
C ASP A 365 -20.25 -29.57 -37.02
N SER A 366 -20.87 -30.49 -37.76
CA SER A 366 -22.33 -30.57 -37.81
C SER A 366 -22.94 -30.70 -36.42
N ALA A 367 -22.21 -31.28 -35.46
CA ALA A 367 -22.78 -31.57 -34.15
C ALA A 367 -22.09 -30.81 -33.01
N MET A 368 -20.78 -30.91 -32.87
CA MET A 368 -20.07 -30.44 -31.69
C MET A 368 -19.08 -29.34 -32.04
N CYS A 369 -18.31 -28.93 -31.03
CA CYS A 369 -17.22 -27.97 -31.19
C CYS A 369 -16.03 -28.48 -30.38
N TYR A 370 -14.96 -28.86 -31.08
CA TYR A 370 -13.83 -29.54 -30.45
C TYR A 370 -12.68 -28.60 -30.10
N GLY A 371 -12.89 -27.29 -30.17
CA GLY A 371 -11.83 -26.37 -29.84
C GLY A 371 -12.33 -24.94 -29.92
N SER A 372 -11.52 -24.05 -29.34
CA SER A 372 -11.84 -22.62 -29.32
C SER A 372 -10.56 -21.83 -29.27
N THR A 373 -10.67 -20.54 -29.62
CA THR A 373 -9.51 -19.65 -29.60
C THR A 373 -10.01 -18.22 -29.43
N THR A 374 -9.60 -17.57 -28.35
CA THR A 374 -10.00 -16.19 -28.07
C THR A 374 -8.98 -15.23 -28.68
N ALA A 375 -9.47 -14.22 -29.39
CA ALA A 375 -8.60 -13.25 -30.03
C ALA A 375 -9.28 -11.90 -30.07
N ASN A 376 -8.47 -10.84 -29.94
CA ASN A 376 -8.95 -9.46 -30.04
C ASN A 376 -8.76 -9.02 -31.48
N LEU A 377 -9.83 -9.06 -32.26
CA LEU A 377 -9.76 -8.80 -33.69
C LEU A 377 -9.63 -7.31 -33.98
N LEU A 378 -8.90 -7.00 -35.04
CA LEU A 378 -8.77 -5.64 -35.55
C LEU A 378 -9.65 -5.47 -36.79
N ARG A 379 -9.89 -4.21 -37.15
CA ARG A 379 -10.70 -3.91 -38.32
C ARG A 379 -9.96 -4.36 -39.57
N GLY A 380 -10.44 -5.46 -40.17
CA GLY A 380 -9.87 -6.01 -41.38
C GLY A 380 -9.74 -7.51 -41.27
N GLN A 381 -8.79 -8.05 -42.01
CA GLN A 381 -8.57 -9.48 -42.04
C GLN A 381 -7.72 -9.93 -40.84
N ASN A 382 -8.08 -11.08 -40.27
CA ASN A 382 -7.38 -11.62 -39.11
C ASN A 382 -7.22 -13.12 -39.29
N THR A 383 -5.99 -13.61 -39.17
CA THR A 383 -5.70 -15.03 -39.23
C THR A 383 -5.73 -15.61 -37.82
N VAL A 384 -6.58 -16.61 -37.60
CA VAL A 384 -6.78 -17.21 -36.30
C VAL A 384 -6.54 -18.71 -36.39
N HIS A 385 -5.70 -19.23 -35.51
CA HIS A 385 -5.44 -20.66 -35.40
C HIS A 385 -6.28 -21.24 -34.26
N ILE A 386 -6.85 -22.42 -34.50
CA ILE A 386 -7.67 -23.11 -33.51
C ILE A 386 -7.19 -24.55 -33.41
N VAL A 387 -6.85 -24.99 -32.20
CA VAL A 387 -6.46 -26.36 -31.94
C VAL A 387 -7.68 -27.14 -31.49
N GLY A 388 -7.76 -28.40 -31.90
CA GLY A 388 -8.90 -29.23 -31.56
C GLY A 388 -8.49 -30.68 -31.45
N LYS A 389 -9.25 -31.43 -30.66
CA LYS A 389 -9.01 -32.86 -30.47
C LYS A 389 -10.34 -33.58 -30.49
N GLY A 390 -10.44 -34.62 -31.32
CA GLY A 390 -11.67 -35.37 -31.44
C GLY A 390 -12.20 -35.41 -32.86
N GLY A 391 -13.47 -35.76 -33.02
CA GLY A 391 -14.10 -35.85 -34.32
C GLY A 391 -14.21 -37.28 -34.81
N HIS A 392 -14.92 -37.42 -35.94
CA HIS A 392 -15.17 -38.72 -36.55
C HIS A 392 -14.55 -38.74 -37.96
N SER A 393 -14.83 -39.81 -38.68
CA SER A 393 -14.26 -39.97 -40.02
C SER A 393 -14.84 -38.95 -40.99
N GLY A 394 -16.16 -38.79 -41.00
CA GLY A 394 -16.80 -37.87 -41.91
C GLY A 394 -17.02 -36.49 -41.33
N SER A 395 -16.23 -36.13 -40.31
CA SER A 395 -16.37 -34.84 -39.66
C SER A 395 -15.78 -33.74 -40.54
N LYS A 396 -16.64 -32.82 -41.01
CA LYS A 396 -16.20 -31.69 -41.83
C LYS A 396 -16.08 -30.47 -40.91
N PHE A 397 -14.87 -30.23 -40.43
CA PHE A 397 -14.65 -29.17 -39.45
C PHE A 397 -14.72 -27.81 -40.12
N MET A 398 -15.39 -26.87 -39.44
CA MET A 398 -15.57 -25.51 -39.94
C MET A 398 -15.24 -24.51 -38.84
N CYS A 399 -14.94 -23.28 -39.27
CA CYS A 399 -14.79 -22.18 -38.33
C CYS A 399 -16.16 -21.61 -38.01
N CYS A 400 -16.36 -21.20 -36.75
CA CYS A 400 -17.67 -20.73 -36.32
C CYS A 400 -17.53 -19.58 -35.33
N HIS A 401 -18.32 -18.53 -35.55
CA HIS A 401 -18.57 -17.51 -34.55
C HIS A 401 -19.74 -17.98 -33.69
N ASP A 402 -20.36 -17.06 -32.94
CA ASP A 402 -21.53 -17.38 -32.13
C ASP A 402 -22.53 -18.26 -32.87
N THR A 403 -23.07 -17.76 -33.97
CA THR A 403 -24.02 -18.52 -34.77
C THR A 403 -23.53 -18.77 -36.19
N LYS A 404 -23.04 -17.74 -36.87
CA LYS A 404 -22.62 -17.90 -38.26
C LYS A 404 -21.33 -18.69 -38.34
N CYS A 405 -21.25 -19.58 -39.33
CA CYS A 405 -20.08 -20.40 -39.60
C CYS A 405 -19.64 -20.19 -41.05
N SER A 406 -18.52 -20.80 -41.40
CA SER A 406 -18.01 -20.68 -42.76
C SER A 406 -18.92 -21.42 -43.74
N SER A 407 -18.69 -21.15 -45.03
CA SER A 407 -19.51 -21.77 -46.07
C SER A 407 -19.13 -23.23 -46.29
N THR A 408 -17.85 -23.55 -46.17
CA THR A 408 -17.35 -24.91 -46.38
C THR A 408 -16.47 -25.32 -45.21
N GLY A 409 -16.05 -26.59 -45.23
CA GLY A 409 -15.20 -27.13 -44.19
C GLY A 409 -14.19 -28.10 -44.77
N LEU A 410 -13.37 -28.65 -43.88
CA LEU A 410 -12.31 -29.58 -44.26
C LEU A 410 -12.35 -30.80 -43.35
N VAL A 411 -11.83 -31.91 -43.86
CA VAL A 411 -11.83 -33.19 -43.16
C VAL A 411 -10.39 -33.66 -42.99
N ALA A 412 -10.13 -34.31 -41.85
CA ALA A 412 -8.83 -34.89 -41.55
C ALA A 412 -8.86 -36.39 -41.85
N ALA A 413 -7.77 -37.08 -41.52
CA ALA A 413 -7.65 -38.51 -41.77
C ALA A 413 -6.89 -39.17 -40.63
N ALA A 414 -7.23 -40.42 -40.36
CA ALA A 414 -6.59 -41.22 -39.31
C ALA A 414 -6.65 -40.54 -37.95
N ASP A 427 -4.22 -29.07 -19.60
CA ASP A 427 -4.02 -29.10 -21.04
C ASP A 427 -4.18 -27.69 -21.62
N SER A 428 -3.08 -27.13 -22.09
CA SER A 428 -2.96 -25.79 -22.66
C SER A 428 -3.23 -24.69 -21.64
N ASP A 429 -3.57 -25.05 -20.39
CA ASP A 429 -3.80 -24.09 -19.32
C ASP A 429 -4.77 -22.98 -19.74
N LYS A 430 -5.86 -23.37 -20.38
CA LYS A 430 -6.92 -22.43 -20.72
C LYS A 430 -8.26 -23.05 -20.30
N ILE A 431 -9.20 -22.18 -19.93
CA ILE A 431 -10.52 -22.59 -19.50
C ILE A 431 -11.54 -21.82 -20.33
N PHE A 432 -12.43 -22.54 -21.00
CA PHE A 432 -13.44 -21.94 -21.88
C PHE A 432 -14.83 -22.19 -21.29
N ASP A 433 -15.61 -21.11 -21.16
CA ASP A 433 -16.98 -21.20 -20.64
C ASP A 433 -17.84 -20.23 -21.45
N ASP A 434 -18.53 -20.75 -22.46
CA ASP A 434 -19.44 -19.96 -23.28
C ASP A 434 -20.90 -20.32 -23.06
N GLY A 435 -21.19 -21.28 -22.18
CA GLY A 435 -22.56 -21.66 -21.90
C GLY A 435 -23.27 -22.40 -23.00
N ALA A 436 -22.53 -22.90 -24.00
CA ALA A 436 -23.17 -23.60 -25.10
C ALA A 436 -23.64 -24.98 -24.66
N PRO A 437 -24.84 -25.40 -25.06
CA PRO A 437 -25.32 -26.74 -24.69
C PRO A 437 -24.56 -27.81 -25.45
N GLU A 438 -23.83 -28.64 -24.72
CA GLU A 438 -23.05 -29.70 -25.35
C GLU A 438 -23.96 -30.83 -25.84
N CYS A 439 -23.47 -31.56 -26.83
CA CYS A 439 -24.22 -32.69 -27.37
C CYS A 439 -24.31 -33.81 -26.34
N GLY A 440 -25.42 -34.53 -26.37
CA GLY A 440 -25.64 -35.61 -25.42
C GLY A 440 -24.93 -36.89 -25.79
N ILE A 441 -25.61 -38.02 -25.58
CA ILE A 441 -25.01 -39.31 -25.88
C ILE A 441 -24.99 -39.60 -27.38
N SER A 442 -25.73 -38.83 -28.18
CA SER A 442 -25.80 -39.08 -29.62
C SER A 442 -24.48 -38.85 -30.32
N CYS A 443 -23.54 -38.15 -29.69
CA CYS A 443 -22.25 -37.86 -30.27
C CYS A 443 -21.12 -38.70 -29.69
N TRP A 444 -21.46 -39.70 -28.87
CA TRP A 444 -20.47 -40.55 -28.21
C TRP A 444 -20.32 -41.86 -28.97
N PHE A 445 -19.10 -42.15 -29.43
CA PHE A 445 -18.78 -43.40 -30.10
C PHE A 445 -19.67 -43.62 -31.33
N THR A 446 -19.53 -42.71 -32.30
CA THR A 446 -20.28 -42.79 -33.54
C THR A 446 -19.35 -42.74 -34.75
N THR B 2 49.17 -50.57 -4.37
CA THR B 2 48.98 -49.71 -5.58
C THR B 2 48.07 -48.51 -5.31
N GLY B 3 48.60 -47.29 -5.43
CA GLY B 3 47.79 -46.06 -5.39
C GLY B 3 47.03 -45.87 -6.71
N GLU B 4 46.09 -44.94 -6.72
CA GLU B 4 45.29 -44.65 -7.92
C GLU B 4 45.35 -43.16 -8.30
N LEU B 5 45.86 -42.88 -9.49
CA LEU B 5 45.88 -41.54 -10.03
C LEU B 5 44.85 -41.47 -11.16
N LYS B 6 43.75 -40.79 -10.90
CA LYS B 6 42.64 -40.72 -11.83
C LYS B 6 42.77 -39.50 -12.73
N ILE B 7 42.59 -39.71 -14.03
CA ILE B 7 42.53 -38.64 -15.00
C ILE B 7 41.11 -38.67 -15.57
N GLU B 8 40.43 -37.53 -15.46
CA GLU B 8 39.15 -37.35 -16.06
C GLU B 8 39.37 -36.81 -17.49
N CYS B 9 38.96 -37.61 -18.48
CA CYS B 9 39.10 -37.28 -19.90
C CYS B 9 37.87 -36.59 -20.51
N PRO B 10 38.05 -35.42 -21.15
CA PRO B 10 36.90 -34.81 -21.86
C PRO B 10 36.48 -35.59 -23.11
N HIS B 11 35.28 -35.31 -23.65
CA HIS B 11 34.81 -35.95 -24.92
C HIS B 11 35.59 -35.52 -26.15
N THR B 12 35.96 -34.23 -26.21
CA THR B 12 36.77 -33.69 -27.33
C THR B 12 38.04 -32.99 -26.84
N ILE B 13 38.97 -32.79 -27.77
CA ILE B 13 40.17 -32.00 -27.50
C ILE B 13 39.82 -30.51 -27.52
N GLY B 14 39.00 -30.10 -28.50
CA GLY B 14 38.54 -28.72 -28.60
C GLY B 14 39.62 -27.79 -29.10
N LEU B 15 39.85 -26.69 -28.38
CA LEU B 15 40.70 -25.59 -28.85
C LEU B 15 42.23 -25.84 -28.75
N GLY B 16 42.64 -27.07 -28.41
CA GLY B 16 44.03 -27.48 -28.56
C GLY B 16 44.97 -27.30 -27.38
N GLN B 17 44.77 -26.26 -26.56
CA GLN B 17 45.78 -25.80 -25.58
C GLN B 17 45.56 -26.29 -24.10
N GLY B 18 44.58 -27.16 -23.90
CA GLY B 18 44.22 -27.67 -22.57
C GLY B 18 45.14 -28.80 -22.15
N LEU B 19 45.27 -28.99 -20.85
CA LEU B 19 46.01 -30.10 -20.31
C LEU B 19 45.11 -30.86 -19.36
N VAL B 20 45.34 -32.17 -19.24
CA VAL B 20 44.76 -32.94 -18.14
C VAL B 20 45.71 -32.92 -16.95
N ILE B 21 45.17 -33.02 -15.75
CA ILE B 21 45.96 -33.11 -14.53
C ILE B 21 45.32 -34.07 -13.57
N GLY B 22 46.14 -34.84 -12.89
CA GLY B 22 45.68 -35.66 -11.75
C GLY B 22 46.76 -35.71 -10.67
N SER B 23 46.40 -36.19 -9.49
CA SER B 23 47.38 -36.27 -8.40
C SER B 23 46.95 -37.25 -7.38
N VAL B 24 47.90 -37.86 -6.69
CA VAL B 24 47.58 -38.77 -5.61
C VAL B 24 48.63 -38.65 -4.49
N GLU B 25 48.19 -38.68 -3.23
CA GLU B 25 49.07 -38.73 -2.08
C GLU B 25 49.30 -40.18 -1.68
N LEU B 26 50.57 -40.59 -1.63
CA LEU B 26 50.95 -41.95 -1.28
C LEU B 26 51.16 -42.15 0.21
N PRO B 27 51.31 -43.41 0.66
CA PRO B 27 51.60 -43.67 2.06
C PRO B 27 52.99 -43.19 2.52
N PRO B 28 53.18 -43.09 3.85
CA PRO B 28 54.44 -42.59 4.41
C PRO B 28 55.64 -43.48 4.12
N VAL B 29 56.78 -42.87 3.79
CA VAL B 29 58.06 -43.54 3.62
C VAL B 29 58.98 -42.90 4.68
N PRO B 30 59.97 -43.65 5.21
CA PRO B 30 60.97 -43.04 6.12
C PRO B 30 61.79 -41.94 5.45
N LEU B 31 62.32 -40.98 6.21
CA LEU B 31 63.07 -39.84 5.62
C LEU B 31 64.30 -40.26 4.85
N THR B 32 65.03 -41.23 5.38
CA THR B 32 66.27 -41.72 4.74
C THR B 32 66.04 -42.20 3.31
N GLN B 33 64.85 -42.71 3.03
CA GLN B 33 64.48 -43.13 1.68
C GLN B 33 64.09 -42.02 0.72
N VAL B 34 63.84 -40.82 1.21
CA VAL B 34 63.32 -39.72 0.39
C VAL B 34 64.36 -39.24 -0.62
N GLU B 35 65.61 -39.18 -0.18
CA GLU B 35 66.72 -38.77 -1.06
C GLU B 35 66.97 -39.74 -2.24
N SER B 36 66.55 -41.00 -2.11
CA SER B 36 66.63 -42.02 -3.17
C SER B 36 65.46 -42.09 -4.14
N LEU B 37 64.36 -41.39 -3.86
CA LEU B 37 63.13 -41.56 -4.64
C LEU B 37 63.26 -41.10 -6.09
N LYS B 38 62.94 -42.00 -7.02
CA LYS B 38 62.96 -41.74 -8.46
C LYS B 38 61.59 -42.12 -9.04
N LEU B 39 61.01 -41.25 -9.85
CA LEU B 39 59.78 -41.62 -10.59
C LEU B 39 60.15 -42.47 -11.78
N GLU B 40 59.55 -43.65 -11.90
CA GLU B 40 59.66 -44.48 -13.09
C GLU B 40 58.32 -44.45 -13.79
N SER B 41 58.32 -44.61 -15.10
CA SER B 41 57.08 -44.66 -15.88
C SER B 41 57.12 -45.77 -16.90
N SER B 42 56.03 -46.52 -16.99
CA SER B 42 55.80 -47.42 -18.10
C SER B 42 54.78 -46.83 -19.09
N CYS B 43 54.42 -45.57 -18.96
CA CYS B 43 53.33 -45.00 -19.74
C CYS B 43 53.79 -44.59 -21.13
N ASN B 44 52.86 -44.62 -22.09
CA ASN B 44 53.15 -44.26 -23.50
C ASN B 44 52.96 -42.76 -23.70
N PHE B 45 53.79 -41.99 -23.02
CA PHE B 45 53.83 -40.54 -23.18
C PHE B 45 55.26 -40.01 -23.09
N ASP B 46 55.43 -38.76 -23.47
CA ASP B 46 56.74 -38.13 -23.61
C ASP B 46 57.11 -37.30 -22.37
N LEU B 47 57.74 -37.96 -21.40
CA LEU B 47 58.15 -37.34 -20.14
C LEU B 47 59.14 -36.19 -20.34
N HIS B 48 58.81 -35.03 -19.77
CA HIS B 48 59.75 -33.94 -19.67
C HIS B 48 60.82 -34.29 -18.62
N THR B 49 62.10 -34.10 -18.95
CA THR B 49 63.24 -34.60 -18.15
C THR B 49 63.67 -33.64 -17.03
N SER B 50 63.23 -32.38 -17.12
CA SER B 50 63.54 -31.33 -16.13
C SER B 50 63.48 -31.74 -14.65
N THR B 51 62.36 -32.33 -14.22
CA THR B 51 62.08 -32.55 -12.79
C THR B 51 62.94 -33.65 -12.15
N SER B 52 63.40 -34.62 -12.95
CA SER B 52 64.27 -35.70 -12.46
C SER B 52 65.78 -35.33 -12.28
N SER B 53 66.19 -34.13 -12.68
CA SER B 53 67.56 -33.63 -12.38
C SER B 53 67.73 -33.27 -10.89
N GLN B 54 68.98 -33.10 -10.48
CA GLN B 54 69.33 -32.78 -9.09
C GLN B 54 69.03 -31.34 -8.79
N GLN B 55 68.46 -31.10 -7.62
CA GLN B 55 67.95 -29.76 -7.28
C GLN B 55 68.33 -29.42 -5.82
N PRO B 56 69.09 -28.33 -5.61
CA PRO B 56 69.61 -28.04 -4.28
C PRO B 56 68.56 -27.42 -3.32
N PHE B 57 68.44 -28.06 -2.17
CA PHE B 57 67.52 -27.70 -1.09
C PHE B 57 68.30 -27.53 0.20
N THR B 58 67.83 -26.62 1.04
CA THR B 58 68.27 -26.56 2.41
C THR B 58 67.33 -27.44 3.20
N LYS B 59 67.85 -28.47 3.84
CA LYS B 59 67.06 -29.29 4.75
C LYS B 59 67.09 -28.71 6.17
N TRP B 60 65.93 -28.43 6.73
CA TRP B 60 65.78 -27.79 8.00
C TRP B 60 64.93 -28.71 8.88
N THR B 61 65.49 -29.12 10.03
CA THR B 61 64.90 -30.17 10.89
C THR B 61 64.91 -29.72 12.36
N TRP B 62 64.06 -30.30 13.19
CA TRP B 62 64.06 -29.98 14.62
C TRP B 62 64.18 -31.25 15.47
N GLU B 63 64.77 -31.09 16.68
CA GLU B 63 64.87 -32.14 17.69
C GLU B 63 64.48 -31.57 19.05
N MET B 64 63.85 -32.36 19.90
CA MET B 64 63.67 -31.98 21.27
C MET B 64 65.02 -31.85 22.01
N LYS B 65 65.11 -30.84 22.87
CA LYS B 65 66.27 -30.57 23.69
C LYS B 65 65.82 -30.15 25.09
N SER B 66 66.70 -30.31 26.08
CA SER B 66 66.51 -29.71 27.42
C SER B 66 67.84 -29.49 28.11
N THR B 77 64.29 -22.69 22.86
CA THR B 77 63.60 -22.98 24.12
C THR B 77 63.79 -24.47 24.49
N SER B 78 62.84 -25.31 24.08
CA SER B 78 62.98 -26.74 24.16
C SER B 78 63.34 -27.36 22.81
N PHE B 79 63.85 -26.60 21.85
CA PHE B 79 64.12 -27.12 20.50
C PHE B 79 65.54 -26.88 20.11
N GLN B 80 66.09 -27.83 19.39
CA GLN B 80 67.29 -27.62 18.66
C GLN B 80 66.91 -27.80 17.20
N THR B 81 67.18 -26.79 16.38
CA THR B 81 67.05 -26.93 14.95
C THR B 81 68.40 -27.01 14.31
N LYS B 82 68.46 -27.55 13.11
CA LYS B 82 69.68 -27.48 12.32
C LYS B 82 69.35 -27.52 10.83
N SER B 83 70.35 -27.18 10.02
CA SER B 83 70.17 -27.20 8.59
C SER B 83 71.43 -27.55 7.81
N SER B 84 71.23 -28.04 6.59
CA SER B 84 72.30 -28.33 5.64
C SER B 84 71.79 -28.31 4.20
N GLU B 85 72.71 -28.19 3.26
CA GLU B 85 72.36 -28.18 1.83
C GLU B 85 72.51 -29.58 1.25
N ILE B 86 71.45 -30.03 0.60
CA ILE B 86 71.38 -31.36 -0.02
C ILE B 86 70.76 -31.23 -1.38
N ASN B 87 70.89 -32.28 -2.17
CA ASN B 87 70.28 -32.34 -3.51
C ASN B 87 69.16 -33.31 -3.48
N LEU B 88 67.99 -32.90 -3.95
CA LEU B 88 66.85 -33.79 -4.09
C LEU B 88 66.62 -33.98 -5.59
N ARG B 89 65.87 -35.00 -5.97
CA ARG B 89 65.42 -35.12 -7.34
C ARG B 89 63.97 -35.44 -7.42
N GLY B 90 63.39 -35.14 -8.59
CA GLY B 90 62.00 -35.50 -8.85
C GLY B 90 60.95 -34.57 -8.28
N LEU B 91 61.34 -33.54 -7.53
CA LEU B 91 60.37 -32.63 -6.95
C LEU B 91 59.79 -31.71 -8.02
N CYS B 92 58.60 -31.18 -7.72
CA CYS B 92 57.91 -30.28 -8.62
C CYS B 92 58.52 -28.89 -8.63
N LEU B 93 59.68 -28.79 -9.25
CA LEU B 93 60.34 -27.53 -9.58
C LEU B 93 60.33 -27.46 -11.10
N VAL B 94 59.30 -26.86 -11.63
CA VAL B 94 59.08 -26.88 -13.04
C VAL B 94 59.69 -25.60 -13.63
N PRO B 95 60.45 -25.72 -14.71
CA PRO B 95 61.03 -24.50 -15.28
C PRO B 95 59.99 -23.64 -15.95
N PRO B 96 60.29 -22.36 -16.14
CA PRO B 96 59.35 -21.48 -16.88
C PRO B 96 59.04 -22.02 -18.27
N LEU B 97 57.81 -21.81 -18.72
CA LEU B 97 57.28 -22.21 -20.04
C LEU B 97 56.94 -23.69 -20.23
N VAL B 98 57.41 -24.57 -19.35
CA VAL B 98 57.24 -26.02 -19.57
C VAL B 98 55.76 -26.42 -19.54
N ILE B 99 55.06 -26.03 -18.47
CA ILE B 99 53.64 -26.31 -18.38
C ILE B 99 52.87 -25.47 -19.43
N GLU B 100 53.23 -24.20 -19.56
CA GLU B 100 52.50 -23.28 -20.46
C GLU B 100 52.48 -23.75 -21.89
N THR B 101 53.54 -24.43 -22.33
CA THR B 101 53.64 -24.90 -23.72
C THR B 101 53.54 -26.41 -23.87
N ALA B 102 53.13 -27.11 -22.83
CA ALA B 102 53.05 -28.57 -22.86
C ALA B 102 52.04 -29.11 -23.89
N ALA B 103 50.95 -28.39 -24.12
CA ALA B 103 49.96 -28.80 -25.10
C ALA B 103 50.54 -28.79 -26.52
N ARG B 104 51.45 -27.86 -26.78
CA ARG B 104 52.11 -27.71 -28.07
C ARG B 104 53.31 -28.64 -28.21
N THR B 105 54.11 -28.77 -27.16
CA THR B 105 55.27 -29.65 -27.18
C THR B 105 54.93 -31.12 -26.99
N ARG B 106 53.73 -31.41 -26.52
CA ARG B 106 53.29 -32.75 -26.23
C ARG B 106 54.11 -33.42 -25.13
N LYS B 107 54.59 -32.62 -24.20
CA LYS B 107 55.34 -33.12 -23.07
C LYS B 107 54.45 -33.37 -21.86
N THR B 108 54.79 -34.41 -21.12
CA THR B 108 54.08 -34.79 -19.92
C THR B 108 55.00 -34.45 -18.73
N ILE B 109 54.43 -33.84 -17.71
CA ILE B 109 55.16 -33.49 -16.48
C ILE B 109 54.68 -34.45 -15.41
N ALA B 110 55.63 -35.15 -14.81
CA ALA B 110 55.37 -36.03 -13.68
C ALA B 110 56.42 -35.73 -12.62
N CYS B 111 55.97 -35.36 -11.43
CA CYS B 111 56.83 -34.92 -10.35
C CYS B 111 56.09 -35.10 -9.03
N PHE B 112 56.77 -34.94 -7.89
CA PHE B 112 56.09 -35.10 -6.58
C PHE B 112 56.46 -33.96 -5.65
N ASP B 113 55.58 -33.69 -4.69
CA ASP B 113 55.88 -32.82 -3.56
C ASP B 113 55.92 -33.72 -2.31
N LEU B 114 56.42 -33.20 -1.19
CA LEU B 114 56.61 -33.99 0.05
C LEU B 114 55.89 -33.34 1.21
N SER B 115 55.17 -34.14 1.98
CA SER B 115 54.48 -33.71 3.16
C SER B 115 55.05 -34.60 4.24
N CYS B 116 55.77 -34.02 5.18
CA CYS B 116 56.63 -34.76 6.10
C CYS B 116 56.51 -34.32 7.57
N ASN B 117 56.66 -35.27 8.47
CA ASN B 117 56.93 -34.97 9.87
C ASN B 117 58.41 -35.22 10.07
N GLN B 118 58.88 -35.27 11.32
CA GLN B 118 60.31 -35.53 11.57
C GLN B 118 60.87 -36.83 10.99
N THR B 119 60.06 -37.88 10.96
CA THR B 119 60.55 -39.23 10.65
C THR B 119 60.06 -39.80 9.32
N ALA B 120 58.93 -39.31 8.81
CA ALA B 120 58.35 -39.85 7.59
C ALA B 120 57.81 -38.79 6.63
N CYS B 121 57.77 -39.15 5.34
CA CYS B 121 57.21 -38.31 4.27
C CYS B 121 56.15 -39.02 3.43
N GLN B 122 55.07 -38.31 3.13
CA GLN B 122 54.09 -38.75 2.14
C GLN B 122 54.33 -37.98 0.84
N PRO B 123 54.86 -38.65 -0.20
CA PRO B 123 54.92 -37.98 -1.48
C PRO B 123 53.52 -37.81 -2.11
N THR B 124 53.29 -36.68 -2.77
CA THR B 124 52.10 -36.45 -3.53
C THR B 124 52.61 -36.37 -4.96
N VAL B 125 52.13 -37.29 -5.79
CA VAL B 125 52.54 -37.35 -7.20
C VAL B 125 51.57 -36.56 -8.05
N PHE B 126 52.11 -35.68 -8.88
CA PHE B 126 51.32 -34.88 -9.82
C PHE B 126 51.65 -35.33 -11.24
N LEU B 127 50.62 -35.52 -12.06
CA LEU B 127 50.80 -35.84 -13.48
C LEU B 127 50.02 -34.87 -14.29
N ILE B 128 50.72 -34.19 -15.19
CA ILE B 128 50.13 -33.16 -16.08
C ILE B 128 50.54 -33.48 -17.49
N GLY B 129 49.61 -33.39 -18.42
CA GLY B 129 49.96 -33.66 -19.80
C GLY B 129 48.91 -33.36 -20.83
N PRO B 130 49.24 -33.61 -22.09
CA PRO B 130 48.29 -33.21 -23.15
C PRO B 130 47.03 -34.06 -23.15
N ILE B 131 45.94 -33.43 -23.56
CA ILE B 131 44.66 -34.12 -23.60
C ILE B 131 44.66 -35.32 -24.58
N GLN B 132 45.57 -35.32 -25.57
CA GLN B 132 45.75 -36.45 -26.52
C GLN B 132 46.09 -37.77 -25.83
N THR B 133 46.69 -37.70 -24.65
CA THR B 133 46.98 -38.89 -23.84
C THR B 133 45.73 -39.73 -23.58
N CYS B 134 44.59 -39.07 -23.40
CA CYS B 134 43.27 -39.71 -23.30
C CYS B 134 42.86 -40.57 -24.51
N ILE B 135 43.38 -40.28 -25.70
CA ILE B 135 43.17 -41.12 -26.88
C ILE B 135 44.11 -42.32 -26.84
N THR B 136 45.36 -42.10 -26.43
CA THR B 136 46.37 -43.14 -26.51
C THR B 136 46.36 -44.13 -25.38
N THR B 137 45.70 -43.82 -24.27
CA THR B 137 45.98 -44.49 -22.98
C THR B 137 44.72 -44.68 -22.14
N LYS B 138 44.48 -45.93 -21.72
CA LYS B 138 43.42 -46.28 -20.75
C LYS B 138 44.00 -46.38 -19.33
N SER B 139 45.12 -47.06 -19.19
CA SER B 139 45.82 -47.14 -17.92
C SER B 139 47.28 -47.42 -18.12
N CYS B 140 48.08 -47.00 -17.15
CA CYS B 140 49.50 -47.29 -17.17
C CYS B 140 50.05 -47.15 -15.76
N LEU B 141 51.35 -47.38 -15.58
CA LEU B 141 51.96 -47.48 -14.26
C LEU B 141 53.08 -46.50 -14.07
N LEU B 142 53.10 -45.88 -12.90
CA LEU B 142 54.25 -45.17 -12.41
C LEU B 142 54.74 -45.89 -11.16
N GLY B 143 56.03 -45.78 -10.92
CA GLY B 143 56.62 -46.28 -9.70
C GLY B 143 57.34 -45.15 -9.00
N LEU B 144 57.27 -45.20 -7.67
CA LEU B 144 58.02 -44.28 -6.82
C LEU B 144 58.51 -45.05 -5.60
N GLY B 145 59.83 -45.21 -5.53
CA GLY B 145 60.49 -46.11 -4.58
C GLY B 145 59.89 -47.50 -4.71
N ASP B 146 59.19 -47.91 -3.66
CA ASP B 146 58.57 -49.23 -3.57
C ASP B 146 57.05 -49.24 -3.83
N GLN B 147 56.50 -48.09 -4.21
CA GLN B 147 55.07 -47.97 -4.47
C GLN B 147 54.78 -47.97 -5.96
N ARG B 148 53.71 -48.64 -6.34
CA ARG B 148 53.23 -48.67 -7.70
C ARG B 148 52.01 -47.75 -7.75
N ILE B 149 51.87 -47.00 -8.84
CA ILE B 149 50.75 -46.11 -9.03
C ILE B 149 50.08 -46.45 -10.33
N GLN B 150 48.80 -46.77 -10.22
CA GLN B 150 47.92 -47.05 -11.33
C GLN B 150 47.30 -45.73 -11.81
N VAL B 151 47.68 -45.30 -13.01
CA VAL B 151 47.04 -44.17 -13.65
C VAL B 151 45.87 -44.71 -14.43
N ASN B 152 44.68 -44.19 -14.18
CA ASN B 152 43.46 -44.60 -14.88
C ASN B 152 42.87 -43.41 -15.60
N TYR B 153 42.76 -43.53 -16.91
CA TYR B 153 42.15 -42.50 -17.73
C TYR B 153 40.71 -42.94 -17.91
N GLU B 154 39.78 -42.08 -17.50
CA GLU B 154 38.37 -42.43 -17.47
C GLU B 154 37.58 -41.34 -18.19
N LYS B 155 36.65 -41.76 -19.05
CA LYS B 155 35.90 -40.83 -19.89
C LYS B 155 34.76 -40.23 -19.07
N THR B 156 34.53 -38.93 -19.25
CA THR B 156 33.64 -38.17 -18.38
C THR B 156 32.16 -38.49 -18.63
N TYR B 157 31.39 -38.58 -17.55
CA TYR B 157 29.91 -38.64 -17.59
C TYR B 157 29.23 -37.47 -18.29
N CYS B 158 29.90 -36.32 -18.40
CA CYS B 158 29.29 -35.09 -18.89
C CYS B 158 29.38 -34.98 -20.41
N VAL B 159 28.57 -34.10 -21.00
CA VAL B 159 28.60 -33.84 -22.46
C VAL B 159 29.40 -32.59 -22.83
N SER B 160 29.36 -31.56 -22.00
CA SER B 160 30.04 -30.27 -22.28
C SER B 160 31.09 -29.86 -21.23
N GLY B 161 31.06 -30.45 -20.02
CA GLY B 161 31.94 -30.04 -18.93
C GLY B 161 32.63 -31.16 -18.15
N GLN B 162 32.71 -30.96 -16.85
CA GLN B 162 33.43 -31.86 -15.97
C GLN B 162 32.59 -32.20 -14.77
N LEU B 163 32.79 -33.40 -14.25
CA LEU B 163 32.10 -33.85 -13.05
C LEU B 163 32.72 -33.15 -11.82
N VAL B 164 31.97 -32.21 -11.23
CA VAL B 164 32.42 -31.42 -10.09
C VAL B 164 31.38 -31.51 -8.97
N GLU B 165 31.78 -32.04 -7.83
CA GLU B 165 30.90 -32.30 -6.69
C GLU B 165 29.68 -33.15 -7.12
N GLY B 166 29.89 -34.15 -7.99
CA GLY B 166 28.79 -34.97 -8.53
C GLY B 166 27.85 -34.26 -9.49
N VAL B 167 28.30 -33.17 -10.11
CA VAL B 167 27.47 -32.35 -11.00
C VAL B 167 28.28 -32.02 -12.25
N CYS B 168 27.62 -32.04 -13.41
CA CYS B 168 28.30 -31.69 -14.66
C CYS B 168 28.28 -30.19 -14.88
N PHE B 169 29.45 -29.56 -15.02
CA PHE B 169 29.57 -28.08 -15.01
C PHE B 169 30.44 -27.54 -16.16
N ASN B 170 30.00 -26.46 -16.81
CA ASN B 170 30.77 -25.73 -17.84
C ASN B 170 30.98 -24.25 -17.45
N PRO B 171 32.24 -23.81 -17.23
CA PRO B 171 32.43 -22.42 -16.76
C PRO B 171 32.22 -21.37 -17.85
N VAL B 172 32.02 -20.11 -17.46
CA VAL B 172 31.96 -18.98 -18.42
C VAL B 172 33.25 -18.92 -19.25
N HIS B 173 33.12 -18.58 -20.53
CA HIS B 173 34.21 -18.54 -21.53
C HIS B 173 34.57 -17.15 -22.08
N THR B 174 33.63 -16.19 -22.07
CA THR B 174 33.84 -14.87 -22.68
C THR B 174 34.81 -13.97 -21.90
N MET B 175 35.50 -13.12 -22.66
CA MET B 175 36.51 -12.19 -22.12
C MET B 175 35.88 -10.97 -21.46
N ALA B 176 34.68 -10.58 -21.93
CA ALA B 176 33.89 -9.50 -21.33
C ALA B 176 33.18 -9.90 -19.99
N LEU B 177 32.36 -9.00 -19.44
CA LEU B 177 31.49 -9.29 -18.30
C LEU B 177 30.05 -9.45 -18.84
N SER B 178 29.24 -10.27 -18.17
CA SER B 178 27.86 -10.56 -18.60
C SER B 178 26.90 -9.58 -17.93
N TYR B 184 23.93 -16.71 -13.70
CA TYR B 184 24.75 -17.91 -13.95
C TYR B 184 24.80 -18.85 -12.73
N ASP B 185 25.10 -20.14 -12.92
CA ASP B 185 25.33 -21.07 -11.79
C ASP B 185 26.74 -20.92 -11.24
N ILE B 186 26.95 -21.34 -10.01
CA ILE B 186 28.24 -21.21 -9.36
C ILE B 186 28.66 -22.56 -8.79
N VAL B 187 29.82 -23.04 -9.22
CA VAL B 187 30.37 -24.32 -8.76
C VAL B 187 31.79 -24.13 -8.26
N THR B 188 32.09 -24.78 -7.15
CA THR B 188 33.43 -24.74 -6.55
C THR B 188 34.33 -25.82 -7.16
N VAL B 189 35.47 -25.41 -7.73
CA VAL B 189 36.39 -26.35 -8.38
C VAL B 189 37.78 -26.33 -7.76
N MET B 190 38.48 -27.44 -7.91
CA MET B 190 39.85 -27.58 -7.47
C MET B 190 40.81 -26.80 -8.37
N VAL B 191 41.80 -26.20 -7.75
CA VAL B 191 42.90 -25.55 -8.46
C VAL B 191 44.18 -26.11 -7.90
N ARG B 192 45.09 -26.50 -8.79
CA ARG B 192 46.44 -26.95 -8.44
C ARG B 192 47.49 -26.10 -9.12
N CYS B 193 48.42 -25.57 -8.32
CA CYS B 193 49.38 -24.57 -8.73
C CYS B 193 50.81 -24.96 -8.38
N PHE B 194 51.74 -24.60 -9.26
CA PHE B 194 53.16 -24.92 -9.13
C PHE B 194 53.94 -23.63 -9.17
N LEU B 195 54.85 -23.47 -8.22
CA LEU B 195 55.68 -22.31 -8.14
C LEU B 195 56.82 -22.36 -9.13
N ILE B 196 56.95 -21.31 -9.94
CA ILE B 196 57.98 -21.23 -10.98
C ILE B 196 58.91 -20.06 -10.66
N ALA B 197 60.21 -20.30 -10.59
CA ALA B 197 61.20 -19.24 -10.44
C ALA B 197 61.52 -18.61 -11.79
N LYS B 198 61.36 -17.30 -11.87
CA LYS B 198 61.56 -16.55 -13.09
C LYS B 198 61.94 -15.09 -12.76
N LYS B 199 63.17 -14.74 -13.12
CA LYS B 199 63.74 -13.42 -12.88
C LYS B 199 63.58 -12.51 -14.12
N VAL B 200 63.43 -11.21 -13.91
CA VAL B 200 63.67 -10.19 -14.96
C VAL B 200 64.80 -9.28 -14.48
N SER B 201 65.43 -8.56 -15.40
CA SER B 201 66.56 -7.66 -15.08
C SER B 201 66.15 -6.40 -14.29
N THR B 202 64.97 -5.87 -14.59
CA THR B 202 64.57 -4.51 -14.19
C THR B 202 63.14 -4.49 -13.65
N GLY B 203 62.93 -3.82 -12.52
CA GLY B 203 61.59 -3.58 -11.99
C GLY B 203 61.05 -4.66 -11.07
N ASP B 204 59.75 -4.58 -10.81
CA ASP B 204 59.06 -5.37 -9.78
C ASP B 204 57.92 -6.25 -10.33
N SER B 205 57.84 -6.41 -11.65
CA SER B 205 56.75 -7.18 -12.27
C SER B 205 56.65 -8.67 -11.83
N MET B 206 57.78 -9.27 -11.44
CA MET B 206 57.85 -10.67 -11.02
C MET B 206 57.97 -10.85 -9.51
N LYS B 207 57.89 -9.74 -8.74
CA LYS B 207 57.99 -9.81 -7.27
C LYS B 207 56.66 -10.34 -6.67
N LEU B 208 56.51 -11.67 -6.72
CA LEU B 208 55.28 -12.35 -6.33
C LEU B 208 54.81 -12.05 -4.90
N GLU B 209 55.74 -12.02 -3.93
CA GLU B 209 55.33 -11.78 -2.55
C GLU B 209 54.82 -10.36 -2.33
N LYS B 210 55.29 -9.40 -3.14
CA LYS B 210 54.73 -8.05 -3.11
C LYS B 210 53.25 -8.04 -3.48
N SER B 211 52.86 -8.90 -4.43
CA SER B 211 51.44 -9.00 -4.78
C SER B 211 50.63 -9.47 -3.59
N PHE B 212 51.13 -10.45 -2.84
CA PHE B 212 50.44 -10.91 -1.64
C PHE B 212 50.36 -9.80 -0.60
N GLU B 213 51.45 -9.08 -0.42
CA GLU B 213 51.53 -8.01 0.59
C GLU B 213 50.49 -6.87 0.31
N THR B 214 50.36 -6.43 -0.95
CA THR B 214 49.31 -5.44 -1.30
C THR B 214 47.91 -5.93 -0.92
N LEU B 215 47.65 -7.22 -1.10
CA LEU B 215 46.35 -7.77 -0.79
C LEU B 215 46.04 -7.86 0.72
N VAL B 216 47.05 -8.19 1.53
CA VAL B 216 46.85 -8.48 2.97
C VAL B 216 47.70 -7.64 3.98
N GLN B 217 48.28 -6.51 3.58
CA GLN B 217 49.10 -5.75 4.54
C GLN B 217 48.66 -4.35 4.82
N LYS B 218 49.03 -3.91 6.01
CA LYS B 218 48.76 -2.57 6.50
C LYS B 218 49.91 -1.69 5.96
N THR B 219 51.13 -2.01 6.42
CA THR B 219 52.33 -1.18 6.22
C THR B 219 53.33 -1.81 5.23
N SER B 220 54.43 -1.08 4.96
CA SER B 220 55.45 -1.48 3.98
C SER B 220 56.55 -2.44 4.49
N CYS B 221 56.61 -3.62 3.88
CA CYS B 221 57.74 -4.54 4.04
C CYS B 221 58.92 -4.14 3.19
N THR B 222 60.11 -4.27 3.74
CA THR B 222 61.30 -3.74 3.08
C THR B 222 61.81 -4.69 1.95
N GLY B 223 62.10 -5.93 2.33
CA GLY B 223 62.83 -6.89 1.49
C GLY B 223 62.22 -8.26 1.17
N ASN B 224 61.20 -8.28 0.31
CA ASN B 224 60.65 -9.52 -0.27
C ASN B 224 60.82 -9.61 -1.80
N GLY B 225 62.03 -10.02 -2.14
CA GLY B 225 62.55 -9.97 -3.47
C GLY B 225 62.40 -11.20 -4.36
N PHE B 226 61.84 -12.31 -3.87
CA PHE B 226 61.64 -13.48 -4.73
C PHE B 226 60.94 -13.15 -6.07
N GLN B 227 61.47 -13.68 -7.17
CA GLN B 227 60.93 -13.44 -8.48
C GLN B 227 60.42 -14.73 -9.09
N GLY B 228 59.12 -14.74 -9.38
CA GLY B 228 58.49 -15.92 -9.93
C GLY B 228 57.00 -15.77 -9.99
N TYR B 229 56.33 -16.90 -10.19
CA TYR B 229 54.89 -16.89 -10.41
C TYR B 229 54.34 -18.25 -10.21
N TYR B 230 53.02 -18.36 -10.16
CA TYR B 230 52.40 -19.68 -10.09
C TYR B 230 51.77 -19.99 -11.45
N ILE B 231 51.83 -21.26 -11.85
CA ILE B 231 51.10 -21.77 -12.99
C ILE B 231 50.14 -22.82 -12.46
N CYS B 232 48.86 -22.70 -12.82
CA CYS B 232 47.79 -23.46 -12.18
C CYS B 232 46.97 -24.14 -13.22
N LEU B 233 46.37 -25.26 -12.83
CA LEU B 233 45.39 -25.92 -13.65
C LEU B 233 44.13 -25.99 -12.84
N VAL B 234 43.01 -25.77 -13.51
CA VAL B 234 41.72 -25.70 -12.88
C VAL B 234 40.95 -26.98 -13.16
N GLY B 235 40.41 -27.59 -12.12
CA GLY B 235 39.65 -28.85 -12.25
C GLY B 235 40.51 -30.00 -12.75
N SER B 236 39.90 -30.91 -13.49
CA SER B 236 40.64 -32.04 -14.01
C SER B 236 41.30 -31.70 -15.35
N SER B 237 40.89 -30.60 -15.98
CA SER B 237 41.44 -30.19 -17.26
C SER B 237 41.20 -28.72 -17.55
N SER B 238 42.19 -28.02 -18.06
CA SER B 238 42.05 -26.60 -18.36
C SER B 238 43.26 -26.17 -19.11
N GLU B 239 43.20 -24.95 -19.60
CA GLU B 239 44.40 -24.26 -20.02
C GLU B 239 45.15 -23.75 -18.80
N PRO B 240 46.48 -23.63 -18.88
CA PRO B 240 47.23 -23.07 -17.76
C PRO B 240 46.80 -21.63 -17.41
N LEU B 241 46.72 -21.36 -16.11
CA LEU B 241 46.36 -20.05 -15.57
C LEU B 241 47.59 -19.49 -14.84
N TYR B 242 48.05 -18.33 -15.29
CA TYR B 242 49.20 -17.64 -14.75
C TYR B 242 48.76 -16.79 -13.55
N ILE B 243 49.46 -16.91 -12.43
CA ILE B 243 49.17 -16.11 -11.22
C ILE B 243 50.41 -15.29 -10.91
N PRO B 244 50.32 -13.95 -10.88
CA PRO B 244 49.07 -13.19 -11.10
C PRO B 244 48.84 -12.69 -12.51
N THR B 245 47.61 -12.83 -12.98
CA THR B 245 47.13 -12.14 -14.17
C THR B 245 46.17 -11.07 -13.61
N LEU B 246 46.56 -9.81 -13.68
CA LEU B 246 45.93 -8.76 -12.83
C LEU B 246 44.44 -8.52 -13.05
N ASP B 247 44.01 -8.58 -14.30
CA ASP B 247 42.60 -8.36 -14.68
C ASP B 247 41.78 -9.66 -14.86
N ASP B 248 42.30 -10.80 -14.42
CA ASP B 248 41.59 -12.07 -14.49
C ASP B 248 40.95 -12.43 -13.16
N TYR B 249 39.64 -12.59 -13.16
CA TYR B 249 38.89 -12.86 -11.95
C TYR B 249 39.31 -14.16 -11.22
N ARG B 250 39.81 -15.11 -11.97
CA ARG B 250 40.24 -16.39 -11.42
C ARG B 250 41.58 -16.28 -10.73
N SER B 251 42.49 -15.51 -11.32
CA SER B 251 43.75 -15.18 -10.67
C SER B 251 43.47 -14.49 -9.35
N ALA B 252 42.57 -13.51 -9.34
CA ALA B 252 42.22 -12.79 -8.13
C ALA B 252 41.69 -13.74 -7.06
N GLU B 253 40.84 -14.66 -7.48
CA GLU B 253 40.30 -15.64 -6.58
C GLU B 253 41.33 -16.59 -6.00
N VAL B 254 42.28 -17.02 -6.83
CA VAL B 254 43.30 -17.94 -6.38
C VAL B 254 44.21 -17.24 -5.38
N LEU B 255 44.59 -16.01 -5.70
CA LEU B 255 45.45 -15.26 -4.82
C LEU B 255 44.81 -15.01 -3.47
N SER B 256 43.52 -14.66 -3.46
CA SER B 256 42.84 -14.43 -2.18
C SER B 256 42.77 -15.72 -1.34
N ARG B 257 42.40 -16.85 -1.96
CA ARG B 257 42.40 -18.13 -1.24
C ARG B 257 43.82 -18.51 -0.76
N MET B 258 44.86 -18.22 -1.56
CA MET B 258 46.23 -18.41 -1.11
C MET B 258 46.55 -17.56 0.10
N ALA B 259 46.12 -16.31 0.08
CA ALA B 259 46.39 -15.38 1.16
C ALA B 259 45.74 -15.81 2.47
N PHE B 260 44.56 -16.41 2.41
CA PHE B 260 43.89 -16.89 3.62
C PHE B 260 44.26 -18.35 4.02
N ALA B 261 44.65 -19.18 3.05
CA ALA B 261 45.12 -20.54 3.31
C ALA B 261 46.46 -20.77 2.60
N PRO B 262 47.55 -20.21 3.16
CA PRO B 262 48.84 -20.28 2.52
C PRO B 262 49.46 -21.66 2.41
N HIS B 263 49.00 -22.67 3.15
CA HIS B 263 49.44 -24.07 2.98
C HIS B 263 48.41 -24.95 2.26
N GLY B 264 47.45 -24.33 1.55
CA GLY B 264 46.43 -25.06 0.80
C GLY B 264 45.18 -25.35 1.61
N GLU B 265 44.19 -25.91 0.92
CA GLU B 265 42.86 -26.17 1.50
C GLU B 265 42.55 -27.66 1.41
N ASP B 266 41.81 -28.17 2.39
CA ASP B 266 41.35 -29.60 2.44
C ASP B 266 40.05 -29.78 3.26
N ALA B 276 46.23 -37.29 14.45
CA ALA B 276 46.01 -35.84 14.40
C ALA B 276 47.34 -35.12 14.58
N MET B 277 47.48 -33.98 13.89
CA MET B 277 48.72 -33.21 13.93
C MET B 277 48.77 -32.41 15.23
N ARG B 278 49.92 -32.46 15.90
CA ARG B 278 50.10 -31.85 17.23
C ARG B 278 51.18 -30.75 17.18
N ILE B 279 50.78 -29.53 17.49
CA ILE B 279 51.66 -28.36 17.46
C ILE B 279 52.49 -28.28 18.75
N ILE B 280 53.78 -28.03 18.60
CA ILE B 280 54.75 -28.07 19.70
C ILE B 280 55.27 -26.68 20.01
N GLY B 281 55.65 -25.90 19.01
CA GLY B 281 56.07 -24.53 19.25
C GLY B 281 56.84 -23.88 18.12
N LYS B 282 57.21 -22.62 18.35
CA LYS B 282 57.95 -21.82 17.35
C LYS B 282 59.41 -22.21 17.21
N VAL B 283 59.88 -22.32 15.97
CA VAL B 283 61.27 -22.59 15.68
C VAL B 283 61.83 -21.65 14.62
N THR B 284 63.14 -21.48 14.66
CA THR B 284 63.83 -20.66 13.68
C THR B 284 65.01 -21.44 13.16
N GLY B 285 65.59 -20.95 12.08
CA GLY B 285 66.75 -21.61 11.51
C GLY B 285 67.43 -20.81 10.43
N LYS B 286 68.53 -21.38 9.92
CA LYS B 286 69.36 -20.74 8.93
C LYS B 286 69.22 -21.38 7.56
N ALA B 287 68.74 -20.59 6.60
CA ALA B 287 68.58 -21.05 5.23
C ALA B 287 69.15 -20.00 4.28
N PRO B 288 70.20 -20.32 3.53
CA PRO B 288 70.91 -21.60 3.61
C PRO B 288 71.67 -21.74 4.94
N SER B 289 72.16 -22.94 5.23
CA SER B 289 72.84 -23.22 6.51
C SER B 289 74.09 -22.39 6.75
N THR B 290 74.68 -21.89 5.66
CA THR B 290 75.83 -20.99 5.72
C THR B 290 75.52 -19.57 6.20
N GLU B 291 74.26 -19.19 6.36
CA GLU B 291 73.90 -17.88 6.95
C GLU B 291 74.32 -17.81 8.43
N SER B 292 74.76 -16.64 8.85
CA SER B 292 75.24 -16.48 10.22
C SER B 292 74.08 -16.29 11.21
N SER B 293 72.97 -15.73 10.72
CA SER B 293 71.76 -15.54 11.52
C SER B 293 70.58 -16.22 10.88
N ASP B 294 69.51 -16.34 11.65
CA ASP B 294 68.29 -16.98 11.21
C ASP B 294 67.56 -16.23 10.12
N THR B 295 67.12 -16.96 9.11
CA THR B 295 66.44 -16.41 7.93
C THR B 295 65.07 -17.01 7.70
N ILE B 296 64.66 -17.94 8.56
CA ILE B 296 63.39 -18.64 8.40
C ILE B 296 62.79 -18.97 9.76
N GLN B 297 61.46 -18.97 9.85
CA GLN B 297 60.77 -19.44 11.04
C GLN B 297 59.58 -20.32 10.67
N GLY B 298 59.02 -20.94 11.68
CA GLY B 298 57.90 -21.81 11.47
C GLY B 298 57.42 -22.39 12.77
N VAL B 299 56.56 -23.39 12.68
CA VAL B 299 55.99 -24.08 13.82
C VAL B 299 56.31 -25.56 13.73
N ALA B 300 57.01 -26.04 14.74
CA ALA B 300 57.33 -27.43 14.87
C ALA B 300 56.07 -28.19 15.24
N PHE B 301 55.92 -29.38 14.67
CA PHE B 301 54.84 -30.26 15.02
C PHE B 301 55.29 -31.72 15.04
N SER B 302 54.43 -32.55 15.63
CA SER B 302 54.56 -34.00 15.53
C SER B 302 53.21 -34.59 15.16
N GLY B 303 53.25 -35.85 14.75
CA GLY B 303 52.08 -36.55 14.35
C GLY B 303 52.02 -36.60 12.85
N ASN B 304 50.81 -36.76 12.36
CA ASN B 304 50.62 -37.03 10.95
C ASN B 304 50.93 -35.78 10.13
N PRO B 305 51.79 -35.93 9.13
CA PRO B 305 52.06 -34.79 8.26
C PRO B 305 50.76 -34.34 7.61
N LEU B 306 50.56 -33.05 7.52
CA LEU B 306 49.30 -32.54 7.01
C LEU B 306 49.55 -31.68 5.77
N TYR B 307 50.38 -30.66 5.88
CA TYR B 307 50.73 -29.79 4.76
C TYR B 307 52.01 -30.27 4.09
N THR B 308 52.27 -29.74 2.91
CA THR B 308 53.55 -29.94 2.25
C THR B 308 54.66 -29.30 3.08
N SER B 309 55.87 -29.81 2.90
CA SER B 309 57.04 -29.39 3.68
C SER B 309 58.07 -28.71 2.79
N THR B 310 57.67 -28.21 1.62
CA THR B 310 58.61 -27.57 0.69
C THR B 310 58.17 -26.14 0.36
N GLY B 311 59.16 -25.26 0.20
CA GLY B 311 58.90 -23.90 -0.22
C GLY B 311 60.17 -23.15 -0.58
N VAL B 312 60.02 -21.85 -0.79
CA VAL B 312 61.12 -20.95 -1.10
C VAL B 312 61.03 -19.75 -0.16
N LEU B 313 62.18 -19.24 0.26
CA LEU B 313 62.23 -17.97 0.97
C LEU B 313 61.74 -16.86 0.09
N THR B 314 60.90 -15.98 0.64
CA THR B 314 60.41 -14.83 -0.13
C THR B 314 61.46 -13.72 -0.23
N ALA B 315 62.42 -13.72 0.68
CA ALA B 315 63.40 -12.64 0.81
C ALA B 315 64.43 -12.59 -0.32
N LYS B 316 64.78 -13.73 -0.90
CA LYS B 316 65.87 -13.73 -1.90
C LYS B 316 65.36 -13.83 -3.33
N ASP B 317 65.79 -12.86 -4.15
CA ASP B 317 65.57 -12.89 -5.60
C ASP B 317 65.88 -14.24 -6.21
N ASP B 318 67.10 -14.71 -5.94
CA ASP B 318 67.55 -16.05 -6.29
C ASP B 318 66.91 -17.00 -5.30
N PRO B 319 66.14 -17.99 -5.80
CA PRO B 319 65.40 -18.88 -4.90
C PRO B 319 66.27 -19.70 -3.93
N VAL B 320 65.90 -19.66 -2.65
CA VAL B 320 66.47 -20.55 -1.66
C VAL B 320 65.39 -21.56 -1.33
N TYR B 321 65.55 -22.79 -1.80
CA TYR B 321 64.55 -23.82 -1.63
C TYR B 321 64.72 -24.52 -0.28
N ILE B 322 63.62 -24.78 0.38
CA ILE B 322 63.62 -25.36 1.71
C ILE B 322 62.77 -26.60 1.78
N TRP B 323 63.31 -27.61 2.44
CA TRP B 323 62.61 -28.80 2.80
C TRP B 323 62.65 -28.88 4.34
N ALA B 324 61.48 -28.81 4.99
CA ALA B 324 61.40 -28.68 6.43
C ALA B 324 60.52 -29.73 7.07
N PRO B 325 61.03 -30.95 7.18
CA PRO B 325 60.20 -32.02 7.73
C PRO B 325 59.94 -31.79 9.20
N GLY B 326 58.69 -31.95 9.59
CA GLY B 326 58.26 -31.73 10.96
C GLY B 326 58.07 -30.25 11.32
N ILE B 327 58.13 -29.35 10.35
CA ILE B 327 57.94 -27.92 10.59
C ILE B 327 56.98 -27.32 9.55
N ILE B 328 55.96 -26.61 10.01
CA ILE B 328 55.13 -25.81 9.12
C ILE B 328 55.86 -24.48 8.95
N MET B 329 56.54 -24.31 7.80
CA MET B 329 57.29 -23.09 7.55
C MET B 329 56.35 -21.86 7.43
N GLU B 330 56.83 -20.70 7.89
CA GLU B 330 56.01 -19.50 7.95
C GLU B 330 55.53 -19.13 6.55
N GLY B 331 54.23 -19.16 6.35
CA GLY B 331 53.62 -18.69 5.10
C GLY B 331 52.61 -17.55 5.24
N ASN B 332 52.42 -17.04 6.46
CA ASN B 332 51.48 -15.93 6.72
C ASN B 332 52.02 -14.68 6.03
N HIS B 333 51.26 -14.19 5.04
CA HIS B 333 51.67 -13.04 4.21
C HIS B 333 51.68 -11.69 4.95
N SER B 334 50.95 -11.60 6.06
CA SER B 334 50.97 -10.40 6.92
C SER B 334 52.30 -10.18 7.66
N VAL B 335 53.11 -11.22 7.79
CA VAL B 335 54.43 -11.13 8.41
C VAL B 335 55.41 -10.59 7.37
N CYS B 336 56.46 -9.89 7.80
CA CYS B 336 57.44 -9.32 6.87
C CYS B 336 58.66 -10.20 6.66
N ASP B 337 59.20 -10.75 7.75
CA ASP B 337 60.46 -11.47 7.70
C ASP B 337 60.30 -12.97 7.83
N LYS B 338 61.31 -13.68 7.33
CA LYS B 338 61.47 -15.11 7.57
C LYS B 338 60.35 -15.99 7.01
N LYS B 339 59.69 -15.52 5.96
CA LYS B 339 58.53 -16.20 5.42
C LYS B 339 58.84 -16.88 4.10
N THR B 340 57.89 -17.71 3.66
CA THR B 340 58.06 -18.55 2.51
C THR B 340 56.83 -18.62 1.64
N LEU B 341 57.03 -19.12 0.42
CA LEU B 341 55.97 -19.50 -0.51
C LEU B 341 56.07 -21.00 -0.75
N PRO B 342 54.93 -21.68 -0.80
CA PRO B 342 54.98 -23.11 -1.02
C PRO B 342 55.25 -23.47 -2.48
N LEU B 343 55.90 -24.61 -2.71
CA LEU B 343 56.23 -25.09 -4.06
C LEU B 343 55.00 -25.52 -4.85
N THR B 344 54.06 -26.16 -4.18
CA THR B 344 52.77 -26.50 -4.74
C THR B 344 51.68 -26.03 -3.80
N TRP B 345 50.49 -25.82 -4.36
CA TRP B 345 49.36 -25.29 -3.62
C TRP B 345 48.08 -25.83 -4.23
N THR B 346 47.24 -26.41 -3.39
CA THR B 346 45.99 -27.01 -3.80
C THR B 346 44.89 -26.34 -2.99
N GLY B 347 43.88 -25.83 -3.70
CA GLY B 347 42.71 -25.22 -3.08
C GLY B 347 41.51 -25.23 -3.99
N PHE B 348 40.50 -24.45 -3.62
CA PHE B 348 39.21 -24.43 -4.31
C PHE B 348 38.77 -22.99 -4.54
N ILE B 349 38.21 -22.73 -5.73
CA ILE B 349 37.61 -21.43 -6.04
C ILE B 349 36.23 -21.62 -6.68
N PRO B 350 35.31 -20.68 -6.38
CA PRO B 350 34.01 -20.68 -7.03
C PRO B 350 34.11 -20.15 -8.46
N LEU B 351 33.52 -20.87 -9.41
CA LEU B 351 33.43 -20.39 -10.79
C LEU B 351 31.99 -20.18 -11.22
N PRO B 352 31.73 -19.05 -11.92
CA PRO B 352 30.43 -18.85 -12.53
C PRO B 352 30.36 -19.61 -13.85
N GLY B 353 29.18 -20.16 -14.15
CA GLY B 353 28.95 -20.93 -15.38
C GLY B 353 27.55 -21.51 -15.46
N GLU B 354 27.43 -22.68 -16.09
CA GLU B 354 26.14 -23.34 -16.30
C GLU B 354 26.22 -24.83 -15.96
N ILE B 355 25.32 -25.30 -15.10
CA ILE B 355 25.27 -26.71 -14.65
C ILE B 355 24.77 -27.75 -15.67
N GLU B 356 23.85 -27.38 -16.56
CA GLU B 356 23.28 -28.32 -17.57
C GLU B 356 22.55 -29.51 -16.93
N THR C 13 -27.83 -32.74 34.05
CA THR C 13 -28.91 -33.07 33.13
C THR C 13 -28.67 -32.44 31.76
N ASP C 14 -28.21 -33.26 30.81
CA ASP C 14 -27.90 -32.81 29.46
C ASP C 14 -28.97 -33.25 28.49
N THR C 15 -29.01 -32.57 27.34
CA THR C 15 -29.96 -32.86 26.28
C THR C 15 -29.25 -32.78 24.94
N ALA C 16 -29.78 -33.49 23.95
CA ALA C 16 -29.14 -33.59 22.64
C ALA C 16 -29.38 -32.30 21.86
N HIS C 17 -28.63 -31.26 22.24
CA HIS C 17 -28.61 -29.98 21.54
C HIS C 17 -27.20 -29.63 21.08
N GLY C 18 -26.43 -30.65 20.68
CA GLY C 18 -25.04 -30.46 20.35
C GLY C 18 -24.84 -29.71 19.04
N SER C 19 -23.57 -29.47 18.73
CA SER C 19 -23.18 -28.81 17.50
C SER C 19 -22.90 -29.84 16.41
N GLY C 20 -22.65 -29.33 15.20
CA GLY C 20 -22.38 -30.21 14.07
C GLY C 20 -21.03 -30.88 14.22
N ILE C 21 -21.01 -32.20 14.28
CA ILE C 21 -19.76 -32.96 14.40
C ILE C 21 -19.22 -33.24 13.01
N ILE C 22 -17.96 -32.86 12.79
CA ILE C 22 -17.35 -33.00 11.46
C ILE C 22 -16.13 -33.92 11.56
N PRO C 23 -16.14 -35.08 10.91
CA PRO C 23 -14.95 -35.93 10.92
C PRO C 23 -13.85 -35.35 10.05
N MET C 24 -12.63 -35.37 10.57
CA MET C 24 -11.49 -34.76 9.89
C MET C 24 -10.72 -35.80 9.06
N ARG C 25 -11.44 -36.40 8.10
CA ARG C 25 -10.77 -37.26 7.14
C ARG C 25 -10.03 -36.43 6.09
N THR C 26 -10.61 -35.30 5.70
CA THR C 26 -10.00 -34.37 4.76
C THR C 26 -9.98 -32.99 5.38
N ASP C 27 -9.31 -32.06 4.70
CA ASP C 27 -9.25 -30.67 5.17
C ASP C 27 -10.63 -30.03 5.12
N LEU C 28 -10.84 -29.05 5.98
CA LEU C 28 -12.12 -28.35 6.10
C LEU C 28 -11.93 -26.96 5.51
N GLU C 29 -12.46 -26.75 4.30
CA GLU C 29 -12.40 -25.47 3.61
C GLU C 29 -13.79 -24.85 3.59
N LEU C 30 -13.84 -23.52 3.72
CA LEU C 30 -15.11 -22.80 3.79
C LEU C 30 -14.97 -21.46 3.06
N ASP C 31 -16.03 -21.06 2.37
CA ASP C 31 -16.13 -19.75 1.76
C ASP C 31 -17.32 -19.01 2.35
N PHE C 32 -17.11 -17.73 2.66
CA PHE C 32 -18.14 -16.91 3.29
C PHE C 32 -18.34 -15.64 2.49
N SER C 33 -19.58 -15.14 2.50
CA SER C 33 -19.92 -13.84 1.92
C SER C 33 -20.63 -13.05 3.02
N LEU C 34 -19.86 -12.37 3.85
CA LEU C 34 -20.43 -11.64 4.98
C LEU C 34 -21.08 -10.34 4.51
N PRO C 35 -22.30 -10.06 4.92
CA PRO C 35 -22.88 -8.74 4.66
C PRO C 35 -22.11 -7.66 5.40
N SER C 36 -22.46 -6.41 5.10
CA SER C 36 -21.73 -5.28 5.68
C SER C 36 -21.96 -5.20 7.19
N SER C 37 -23.22 -5.02 7.60
CA SER C 37 -23.56 -4.92 9.02
C SER C 37 -24.02 -6.27 9.58
N ALA C 38 -23.14 -7.27 9.49
CA ALA C 38 -23.45 -8.60 9.97
C ALA C 38 -22.24 -9.22 10.65
N SER C 39 -22.48 -9.90 11.77
CA SER C 39 -21.46 -10.62 12.51
C SER C 39 -21.76 -12.11 12.47
N TYR C 40 -20.79 -12.90 12.02
CA TYR C 40 -20.97 -14.33 11.84
C TYR C 40 -20.45 -15.09 13.05
N THR C 41 -21.08 -16.24 13.32
CA THR C 41 -20.66 -17.12 14.42
C THR C 41 -20.77 -18.56 13.90
N TYR C 42 -19.65 -19.08 13.40
CA TYR C 42 -19.58 -20.45 12.89
C TYR C 42 -18.81 -21.29 13.90
N ARG C 43 -19.45 -22.34 14.41
CA ARG C 43 -18.82 -23.23 15.37
C ARG C 43 -19.23 -24.67 15.09
N ARG C 44 -18.27 -25.58 15.18
CA ARG C 44 -18.50 -27.01 14.99
C ARG C 44 -17.67 -27.76 16.02
N GLN C 45 -17.59 -29.08 15.86
CA GLN C 45 -16.76 -29.94 16.70
C GLN C 45 -16.02 -30.90 15.78
N LEU C 46 -14.71 -30.67 15.62
CA LEU C 46 -13.89 -31.48 14.73
C LEU C 46 -13.58 -32.82 15.40
N GLN C 47 -13.91 -33.91 14.72
CA GLN C 47 -13.80 -35.25 15.28
C GLN C 47 -12.56 -35.96 14.73
N ASN C 48 -11.85 -36.64 15.62
CA ASN C 48 -10.71 -37.46 15.20
C ASN C 48 -11.22 -38.68 14.44
N PRO C 49 -10.80 -38.88 13.18
CA PRO C 49 -11.26 -40.07 12.44
C PRO C 49 -10.75 -41.38 13.00
N ALA C 50 -9.86 -41.35 14.00
CA ALA C 50 -9.35 -42.57 14.63
C ALA C 50 -10.00 -42.86 15.97
N ASN C 51 -10.88 -41.98 16.45
CA ASN C 51 -11.57 -42.20 17.72
C ASN C 51 -12.85 -41.38 17.71
N GLU C 52 -13.99 -42.05 17.82
CA GLU C 52 -15.27 -41.34 17.77
C GLU C 52 -15.47 -40.45 18.99
N GLN C 53 -14.85 -40.78 20.11
CA GLN C 53 -15.03 -40.05 21.35
C GLN C 53 -14.01 -38.93 21.54
N GLU C 54 -13.17 -38.67 20.56
CA GLU C 54 -12.21 -37.58 20.60
C GLU C 54 -12.71 -36.45 19.71
N LYS C 55 -13.19 -35.37 20.33
CA LYS C 55 -13.70 -34.22 19.60
C LYS C 55 -13.17 -32.95 20.26
N ILE C 56 -12.80 -31.98 19.43
CA ILE C 56 -12.30 -30.69 19.90
C ILE C 56 -13.20 -29.59 19.36
N PRO C 57 -13.47 -28.54 20.13
CA PRO C 57 -14.32 -27.45 19.63
C PRO C 57 -13.56 -26.54 18.68
N PHE C 58 -14.31 -26.03 17.69
CA PHE C 58 -13.78 -25.08 16.72
C PHE C 58 -14.77 -23.93 16.60
N HIS C 59 -14.36 -22.74 17.01
CA HIS C 59 -15.20 -21.56 16.97
C HIS C 59 -14.58 -20.50 16.06
N LEU C 60 -15.43 -19.84 15.28
CA LEU C 60 -15.00 -18.79 14.36
C LEU C 60 -15.92 -17.60 14.51
N GLN C 61 -15.38 -16.48 14.98
CA GLN C 61 -16.14 -15.27 15.21
C GLN C 61 -15.58 -14.15 14.34
N ILE C 62 -16.44 -13.57 13.52
CA ILE C 62 -16.07 -12.48 12.61
C ILE C 62 -16.94 -11.28 12.90
N SER C 63 -16.32 -10.11 13.07
CA SER C 63 -17.03 -8.91 13.45
C SER C 63 -17.64 -8.24 12.22
N LYS C 64 -18.15 -7.03 12.39
CA LYS C 64 -18.71 -6.27 11.28
C LYS C 64 -17.60 -5.67 10.43
N GLN C 65 -18.01 -5.07 9.31
CA GLN C 65 -17.06 -4.48 8.37
C GLN C 65 -16.76 -3.04 8.78
N VAL C 66 -15.47 -2.69 8.80
CA VAL C 66 -15.00 -1.35 9.12
C VAL C 66 -14.48 -0.74 7.83
N ILE C 67 -15.16 0.29 7.34
CA ILE C 67 -14.79 0.95 6.09
C ILE C 67 -13.88 2.12 6.41
N HIS C 68 -12.65 2.08 5.88
CA HIS C 68 -11.68 3.15 6.04
C HIS C 68 -11.47 3.82 4.68
N ALA C 69 -11.80 5.09 4.58
CA ALA C 69 -11.76 5.83 3.33
C ALA C 69 -10.86 7.06 3.50
N GLU C 70 -9.68 7.03 2.88
CA GLU C 70 -8.85 8.22 2.79
C GLU C 70 -9.54 9.22 1.88
N ILE C 71 -9.90 10.38 2.43
CA ILE C 71 -10.75 11.33 1.73
C ILE C 71 -10.00 12.64 1.52
N GLN C 72 -10.58 13.51 0.70
CA GLN C 72 -10.09 14.86 0.45
C GLN C 72 -11.17 15.84 0.86
N HIS C 73 -10.86 16.72 1.81
CA HIS C 73 -11.83 17.69 2.29
C HIS C 73 -12.12 18.71 1.21
N LEU C 74 -13.33 18.63 0.64
CA LEU C 74 -13.72 19.58 -0.41
C LEU C 74 -14.14 20.93 0.17
N GLY C 75 -14.65 20.94 1.40
CA GLY C 75 -15.07 22.16 2.06
C GLY C 75 -16.56 22.15 2.35
N HIS C 76 -17.14 23.35 2.43
CA HIS C 76 -18.55 23.54 2.70
C HIS C 76 -19.29 23.92 1.43
N TRP C 77 -20.51 23.40 1.29
CA TRP C 77 -21.38 23.75 0.17
C TRP C 77 -22.24 24.95 0.57
N MET C 78 -22.19 26.01 -0.23
CA MET C 78 -22.90 27.24 0.07
C MET C 78 -24.15 27.37 -0.79
N ASP C 79 -25.16 28.03 -0.22
CA ASP C 79 -26.42 28.32 -0.91
C ASP C 79 -26.62 29.83 -0.94
N GLY C 80 -26.96 30.35 -2.11
CA GLY C 80 -27.16 31.78 -2.29
C GLY C 80 -28.45 32.07 -3.05
N THR C 81 -28.68 33.36 -3.26
CA THR C 81 -29.85 33.85 -3.97
C THR C 81 -29.41 34.65 -5.19
N PHE C 82 -30.11 34.46 -6.30
CA PHE C 82 -29.78 35.13 -7.55
C PHE C 82 -30.29 36.56 -7.53
N ASN C 83 -29.46 37.48 -8.01
CA ASN C 83 -29.81 38.89 -8.10
C ASN C 83 -29.15 39.50 -9.32
N LEU C 84 -29.86 40.44 -9.95
CA LEU C 84 -29.36 41.11 -11.14
C LEU C 84 -29.63 42.60 -11.02
N LYS C 85 -28.62 43.42 -11.31
CA LYS C 85 -28.74 44.86 -11.30
C LYS C 85 -28.15 45.43 -12.58
N THR C 86 -28.57 46.67 -12.90
CA THR C 86 -28.12 47.35 -14.11
C THR C 86 -27.63 48.74 -13.74
N ALA C 87 -26.55 49.17 -14.40
CA ALA C 87 -25.96 50.48 -14.17
C ALA C 87 -25.73 51.15 -15.52
N PHE C 88 -26.27 52.36 -15.67
CA PHE C 88 -26.17 53.12 -16.91
C PHE C 88 -25.36 54.40 -16.66
N HIS C 89 -24.56 54.78 -17.65
CA HIS C 89 -23.79 56.02 -17.60
C HIS C 89 -23.83 56.68 -18.97
N CYS C 90 -23.86 58.01 -18.96
CA CYS C 90 -24.02 58.76 -20.21
C CYS C 90 -22.69 58.95 -20.94
N TYR C 91 -21.64 59.34 -20.21
CA TYR C 91 -20.33 59.57 -20.79
C TYR C 91 -19.30 58.74 -20.06
N GLY C 92 -18.14 58.58 -20.69
CA GLY C 92 -17.06 57.81 -20.11
C GLY C 92 -16.99 56.39 -20.64
N SER C 93 -16.42 55.49 -19.83
CA SER C 93 -16.28 54.09 -20.20
C SER C 93 -16.77 53.21 -19.07
N CYS C 94 -16.97 51.93 -19.37
CA CYS C 94 -17.45 50.98 -18.37
C CYS C 94 -16.37 50.62 -17.37
N GLU C 95 -15.10 50.71 -17.77
CA GLU C 95 -13.97 50.40 -16.90
C GLU C 95 -13.44 51.63 -16.17
N LYS C 96 -14.30 52.61 -15.91
CA LYS C 96 -13.95 53.84 -15.23
C LYS C 96 -14.58 53.99 -13.87
N TYR C 97 -15.81 53.51 -13.68
CA TYR C 97 -16.55 53.65 -12.43
C TYR C 97 -16.67 52.31 -11.73
N ALA C 98 -17.15 52.35 -10.49
CA ALA C 98 -17.37 51.17 -9.68
C ALA C 98 -18.86 50.87 -9.59
N TYR C 99 -19.16 49.65 -9.16
CA TYR C 99 -20.54 49.18 -9.07
C TYR C 99 -20.73 48.40 -7.78
N PRO C 100 -21.94 48.42 -7.21
CA PRO C 100 -22.14 47.73 -5.93
C PRO C 100 -22.04 46.21 -6.00
N TRP C 101 -22.13 45.63 -7.20
CA TRP C 101 -22.03 44.18 -7.31
C TRP C 101 -20.57 43.70 -7.35
N GLN C 102 -19.63 44.59 -7.69
CA GLN C 102 -18.23 44.20 -7.78
C GLN C 102 -17.63 43.85 -6.43
N THR C 103 -18.26 44.28 -5.33
CA THR C 103 -17.74 44.03 -3.99
C THR C 103 -18.46 42.88 -3.28
N ALA C 104 -19.33 42.16 -3.98
CA ALA C 104 -20.04 41.04 -3.37
C ALA C 104 -19.13 39.81 -3.28
N GLY C 105 -19.66 38.73 -2.73
CA GLY C 105 -18.88 37.51 -2.62
C GLY C 105 -18.66 36.84 -3.96
N CYS C 106 -19.74 36.61 -4.71
CA CYS C 106 -19.68 36.04 -6.04
C CYS C 106 -20.40 36.97 -6.99
N PHE C 107 -19.74 37.36 -8.08
CA PHE C 107 -20.35 38.27 -9.03
C PHE C 107 -19.78 38.02 -10.42
N ILE C 108 -20.64 38.15 -11.43
CA ILE C 108 -20.27 38.05 -12.84
C ILE C 108 -20.87 39.25 -13.56
N GLU C 109 -20.04 40.01 -14.25
CA GLU C 109 -20.45 41.26 -14.88
C GLU C 109 -20.21 41.20 -16.38
N LYS C 110 -21.22 41.56 -17.15
CA LYS C 110 -21.12 41.73 -18.60
C LYS C 110 -21.57 43.14 -18.95
N ASP C 111 -20.68 43.92 -19.52
CA ASP C 111 -20.94 45.32 -19.82
C ASP C 111 -20.92 45.57 -21.32
N TYR C 112 -21.78 46.48 -21.77
CA TYR C 112 -21.85 46.87 -23.18
C TYR C 112 -21.10 48.20 -23.34
N GLU C 113 -19.78 48.09 -23.36
CA GLU C 113 -18.93 49.27 -23.41
C GLU C 113 -18.98 49.91 -24.80
N TYR C 114 -19.21 51.23 -24.84
CA TYR C 114 -19.25 52.05 -26.05
C TYR C 114 -20.41 51.70 -26.98
N GLU C 115 -21.38 50.92 -26.52
CA GLU C 115 -22.50 50.47 -27.35
C GLU C 115 -23.75 51.31 -27.13
N SER C 116 -23.59 52.60 -26.87
CA SER C 116 -24.72 53.50 -26.64
C SER C 116 -25.20 54.03 -27.99
N GLY C 117 -26.32 53.50 -28.48
CA GLY C 117 -26.91 54.00 -29.71
C GLY C 117 -27.88 55.12 -29.45
N TRP C 118 -29.09 55.03 -30.00
CA TRP C 118 -30.15 55.99 -29.67
C TRP C 118 -31.49 55.34 -29.37
N GLY C 119 -31.76 54.12 -29.87
CA GLY C 119 -33.02 53.48 -29.58
C GLY C 119 -33.12 52.98 -28.15
N CYS C 120 -31.99 52.65 -27.53
CA CYS C 120 -31.93 52.21 -26.15
C CYS C 120 -31.62 53.34 -25.18
N ASN C 121 -31.51 54.57 -25.67
CA ASN C 121 -31.09 55.69 -24.85
C ASN C 121 -32.26 56.26 -24.05
N PRO C 122 -31.99 56.85 -22.88
CA PRO C 122 -33.06 57.42 -22.06
C PRO C 122 -33.47 58.79 -22.59
N PRO C 123 -34.44 59.46 -21.96
CA PRO C 123 -34.73 60.84 -22.36
C PRO C 123 -33.53 61.76 -22.26
N ASP C 124 -32.63 61.50 -21.32
CA ASP C 124 -31.38 62.24 -21.23
C ASP C 124 -30.34 61.61 -22.16
N CYS C 125 -29.14 62.19 -22.17
CA CYS C 125 -27.99 61.69 -22.92
C CYS C 125 -28.28 61.59 -24.42
N PRO C 126 -28.41 62.70 -25.13
CA PRO C 126 -28.58 62.64 -26.60
C PRO C 126 -27.26 62.37 -27.32
N GLY C 127 -26.64 61.24 -27.00
CA GLY C 127 -25.36 60.89 -27.57
C GLY C 127 -25.38 59.51 -28.19
N VAL C 128 -24.37 59.23 -29.00
CA VAL C 128 -24.22 57.96 -29.70
C VAL C 128 -22.80 57.46 -29.51
N GLY C 129 -22.66 56.19 -29.13
CA GLY C 129 -21.35 55.58 -28.97
C GLY C 129 -20.48 56.21 -27.90
N THR C 130 -21.09 56.69 -26.81
CA THR C 130 -20.36 57.34 -25.74
C THR C 130 -20.74 56.87 -24.34
N GLY C 131 -21.85 56.15 -24.19
CA GLY C 131 -22.31 55.73 -22.89
C GLY C 131 -21.74 54.39 -22.46
N CYS C 132 -22.31 53.87 -21.38
CA CYS C 132 -21.88 52.58 -20.83
C CYS C 132 -23.06 51.93 -20.13
N THR C 133 -23.30 50.65 -20.42
CA THR C 133 -24.37 49.88 -19.81
C THR C 133 -23.76 48.63 -19.20
N ALA C 134 -23.61 48.61 -17.88
CA ALA C 134 -23.04 47.49 -17.15
C ALA C 134 -24.13 46.69 -16.46
N CYS C 135 -23.99 45.36 -16.48
CA CYS C 135 -24.95 44.46 -15.87
C CYS C 135 -24.21 43.53 -14.91
N GLY C 136 -24.70 43.45 -13.68
CA GLY C 136 -24.05 42.63 -12.67
C GLY C 136 -24.94 41.58 -12.05
N VAL C 137 -24.51 40.32 -12.15
CA VAL C 137 -25.18 39.20 -11.49
C VAL C 137 -24.37 38.83 -10.26
N TYR C 138 -24.98 38.92 -9.09
CA TYR C 138 -24.30 38.60 -7.84
C TYR C 138 -25.18 37.69 -6.99
N LEU C 139 -24.55 37.08 -5.99
CA LEU C 139 -25.21 36.14 -5.10
C LEU C 139 -25.11 36.65 -3.66
N ASP C 140 -26.23 36.65 -2.95
CA ASP C 140 -26.29 37.09 -1.57
C ASP C 140 -26.88 35.97 -0.70
N LYS C 141 -26.90 36.22 0.60
CA LYS C 141 -27.41 35.26 1.59
C LYS C 141 -26.67 33.93 1.50
N LEU C 142 -25.35 34.01 1.40
CA LEU C 142 -24.52 32.81 1.32
C LEU C 142 -24.46 32.14 2.69
N LYS C 143 -25.00 30.94 2.79
CA LYS C 143 -25.03 30.18 4.03
C LYS C 143 -24.68 28.73 3.74
N SER C 144 -23.94 28.11 4.66
CA SER C 144 -23.51 26.74 4.46
C SER C 144 -24.67 25.78 4.66
N VAL C 145 -24.76 24.78 3.78
CA VAL C 145 -25.83 23.79 3.87
C VAL C 145 -25.30 22.37 4.09
N GLY C 146 -24.02 22.11 3.87
CA GLY C 146 -23.50 20.76 4.07
C GLY C 146 -22.00 20.74 3.85
N LYS C 147 -21.42 19.59 4.17
CA LYS C 147 -19.99 19.35 4.02
C LYS C 147 -19.76 18.26 2.98
N ALA C 148 -18.73 18.44 2.16
CA ALA C 148 -18.44 17.54 1.06
C ALA C 148 -17.04 16.95 1.20
N PHE C 149 -16.92 15.65 0.92
CA PHE C 149 -15.65 14.95 0.93
C PHE C 149 -15.54 14.11 -0.34
N LYS C 150 -14.30 13.94 -0.80
CA LYS C 150 -14.02 13.20 -2.03
C LYS C 150 -13.16 11.99 -1.71
N ILE C 151 -13.61 10.82 -2.13
CA ILE C 151 -12.94 9.57 -1.81
C ILE C 151 -11.67 9.44 -2.65
N VAL C 152 -10.55 9.16 -1.98
CA VAL C 152 -9.28 8.94 -2.65
C VAL C 152 -8.92 7.46 -2.71
N SER C 153 -9.12 6.74 -1.61
CA SER C 153 -8.85 5.31 -1.55
C SER C 153 -9.77 4.67 -0.52
N LEU C 154 -9.92 3.35 -0.62
CA LEU C 154 -10.80 2.60 0.26
C LEU C 154 -10.06 1.42 0.86
N ARG C 155 -10.49 1.03 2.07
CA ARG C 155 -9.90 -0.08 2.79
C ARG C 155 -10.96 -0.70 3.69
N TYR C 156 -11.02 -2.03 3.70
CA TYR C 156 -12.02 -2.76 4.46
C TYR C 156 -11.31 -3.75 5.38
N THR C 157 -11.65 -3.70 6.67
CA THR C 157 -11.02 -4.54 7.68
C THR C 157 -12.10 -5.21 8.53
N ARG C 158 -11.78 -6.41 9.00
CA ARG C 158 -12.67 -7.18 9.88
C ARG C 158 -11.82 -7.87 10.94
N LYS C 159 -12.34 -7.91 12.16
CA LYS C 159 -11.66 -8.53 13.28
C LYS C 159 -12.18 -9.95 13.45
N ALA C 160 -11.27 -10.93 13.42
CA ALA C 160 -11.64 -12.34 13.48
C ALA C 160 -10.96 -13.01 14.65
N CYS C 161 -11.70 -13.89 15.33
CA CYS C 161 -11.19 -14.67 16.44
C CYS C 161 -11.50 -16.14 16.21
N ILE C 162 -10.50 -16.99 16.46
CA ILE C 162 -10.66 -18.44 16.31
C ILE C 162 -10.42 -19.10 17.66
N GLN C 163 -11.07 -20.25 17.85
CA GLN C 163 -10.94 -21.04 19.07
C GLN C 163 -10.90 -22.50 18.69
N LEU C 164 -9.71 -23.11 18.76
CA LEU C 164 -9.51 -24.50 18.38
C LEU C 164 -8.96 -25.25 19.58
N GLY C 165 -9.76 -26.15 20.15
CA GLY C 165 -9.35 -26.90 21.32
C GLY C 165 -9.10 -26.01 22.51
N THR C 166 -7.83 -25.83 22.88
CA THR C 166 -7.45 -24.95 23.97
C THR C 166 -6.75 -23.68 23.51
N GLU C 167 -6.44 -23.57 22.21
CA GLU C 167 -5.76 -22.39 21.70
C GLU C 167 -6.78 -21.33 21.27
N GLN C 168 -6.42 -20.06 21.49
CA GLN C 168 -7.26 -18.93 21.11
C GLN C 168 -6.38 -17.88 20.44
N THR C 169 -6.80 -17.43 19.26
CA THR C 169 -6.02 -16.45 18.50
C THR C 169 -6.97 -15.45 17.83
N CYS C 170 -6.62 -14.17 17.93
CA CYS C 170 -7.40 -13.10 17.32
C CYS C 170 -6.49 -12.20 16.51
N LYS C 171 -7.07 -11.57 15.48
CA LYS C 171 -6.32 -10.68 14.60
C LYS C 171 -7.31 -9.86 13.80
N SER C 172 -6.86 -8.69 13.35
CA SER C 172 -7.65 -7.81 12.48
C SER C 172 -7.20 -8.10 11.04
N VAL C 173 -8.02 -8.85 10.32
CA VAL C 173 -7.67 -9.29 8.97
C VAL C 173 -7.96 -8.17 7.98
N ASP C 174 -6.93 -7.75 7.26
CA ASP C 174 -7.06 -6.74 6.21
C ASP C 174 -7.18 -7.43 4.86
N SER C 175 -7.16 -6.63 3.78
CA SER C 175 -7.19 -7.21 2.44
C SER C 175 -5.84 -7.81 2.06
N ASN C 176 -4.75 -7.26 2.60
CA ASN C 176 -3.40 -7.74 2.32
C ASN C 176 -2.82 -8.50 3.51
N ASP C 177 -3.68 -9.14 4.30
CA ASP C 177 -3.24 -9.86 5.48
C ASP C 177 -4.21 -11.00 5.74
N CYS C 178 -3.72 -12.02 6.46
CA CYS C 178 -4.53 -13.17 6.84
C CYS C 178 -4.14 -13.63 8.24
N LEU C 179 -5.13 -14.10 9.00
CA LEU C 179 -4.89 -14.73 10.29
C LEU C 179 -4.46 -16.16 10.03
N VAL C 180 -3.16 -16.42 10.16
CA VAL C 180 -2.58 -17.72 9.86
C VAL C 180 -2.02 -18.32 11.15
N THR C 181 -2.47 -19.52 11.48
CA THR C 181 -1.97 -20.25 12.63
C THR C 181 -1.39 -21.60 12.14
N THR C 182 -1.01 -22.45 13.10
CA THR C 182 -0.42 -23.73 12.75
C THR C 182 -1.44 -24.70 12.16
N SER C 183 -2.73 -24.47 12.38
CA SER C 183 -3.77 -25.35 11.87
C SER C 183 -4.93 -24.63 11.18
N VAL C 184 -5.13 -23.34 11.42
CA VAL C 184 -6.24 -22.60 10.83
C VAL C 184 -5.67 -21.40 10.06
N LYS C 185 -6.35 -21.06 8.97
CA LYS C 185 -5.98 -19.91 8.16
C LYS C 185 -7.24 -19.21 7.69
N VAL C 186 -7.35 -17.91 7.98
CA VAL C 186 -8.50 -17.10 7.61
C VAL C 186 -7.99 -15.94 6.76
N CYS C 187 -8.48 -15.83 5.52
CA CYS C 187 -8.07 -14.80 4.59
C CYS C 187 -9.27 -13.96 4.16
N LEU C 188 -9.00 -12.68 3.88
CA LEU C 188 -9.98 -11.77 3.31
C LEU C 188 -9.46 -11.38 1.93
N ILE C 189 -10.17 -11.80 0.89
CA ILE C 189 -9.72 -11.68 -0.50
C ILE C 189 -10.49 -10.61 -1.25
N GLY C 190 -11.81 -10.71 -1.29
CA GLY C 190 -12.61 -9.79 -2.08
C GLY C 190 -13.59 -8.97 -1.28
N THR C 191 -14.05 -7.85 -1.84
CA THR C 191 -15.02 -7.00 -1.18
C THR C 191 -15.87 -6.31 -2.25
N VAL C 192 -17.15 -6.67 -2.32
CA VAL C 192 -18.09 -5.97 -3.19
C VAL C 192 -18.58 -4.74 -2.44
N SER C 193 -18.36 -3.57 -3.01
CA SER C 193 -18.61 -2.31 -2.33
C SER C 193 -19.60 -1.45 -3.10
N LYS C 194 -20.45 -0.74 -2.35
CA LYS C 194 -21.33 0.25 -2.95
C LYS C 194 -20.55 1.52 -3.30
N PHE C 195 -19.51 1.83 -2.52
CA PHE C 195 -18.68 3.00 -2.77
C PHE C 195 -17.44 2.62 -3.58
N GLN C 196 -16.92 3.59 -4.31
CA GLN C 196 -15.69 3.42 -5.07
C GLN C 196 -15.01 4.79 -5.16
N PRO C 197 -13.71 4.81 -5.47
CA PRO C 197 -12.99 6.10 -5.49
C PRO C 197 -13.62 7.11 -6.45
N SER C 198 -13.20 8.37 -6.27
CA SER C 198 -13.67 9.52 -7.03
C SER C 198 -15.13 9.85 -6.78
N ASP C 199 -15.72 9.33 -5.71
CA ASP C 199 -17.07 9.68 -5.33
C ASP C 199 -17.06 10.83 -4.33
N THR C 200 -18.17 11.56 -4.29
CA THR C 200 -18.31 12.72 -3.42
C THR C 200 -19.42 12.45 -2.40
N LEU C 201 -19.05 12.40 -1.13
CA LEU C 201 -20.00 12.18 -0.04
C LEU C 201 -20.39 13.53 0.56
N LEU C 202 -21.68 13.83 0.56
CA LEU C 202 -22.21 15.09 1.05
C LEU C 202 -23.06 14.83 2.29
N PHE C 203 -22.70 15.48 3.39
CA PHE C 203 -23.44 15.37 4.66
C PHE C 203 -24.15 16.69 4.90
N LEU C 204 -25.49 16.67 4.80
CA LEU C 204 -26.26 17.89 5.01
C LEU C 204 -26.21 18.33 6.47
N GLY C 205 -26.50 17.41 7.40
CA GLY C 205 -26.42 17.69 8.81
C GLY C 205 -25.21 17.07 9.44
N PRO C 206 -25.38 16.48 10.63
CA PRO C 206 -24.25 15.78 11.26
C PRO C 206 -23.90 14.49 10.55
N LEU C 207 -22.91 13.77 11.07
CA LEU C 207 -22.45 12.55 10.40
C LEU C 207 -23.47 11.42 10.55
N GLU C 208 -23.97 11.20 11.78
CA GLU C 208 -24.84 10.06 12.04
C GLU C 208 -26.11 10.07 11.20
N GLN C 209 -26.52 11.22 10.67
CA GLN C 209 -27.71 11.30 9.85
C GLN C 209 -27.51 10.75 8.45
N GLY C 210 -26.29 10.37 8.09
CA GLY C 210 -26.02 9.87 6.76
C GLY C 210 -25.76 10.99 5.77
N GLY C 211 -25.76 10.63 4.50
CA GLY C 211 -25.52 11.61 3.47
C GLY C 211 -25.92 11.10 2.10
N LEU C 212 -25.43 11.80 1.07
CA LEU C 212 -25.71 11.47 -0.31
C LEU C 212 -24.41 11.25 -1.06
N ILE C 213 -24.52 10.61 -2.22
CA ILE C 213 -23.38 10.26 -3.06
C ILE C 213 -23.53 10.97 -4.40
N PHE C 214 -22.51 11.73 -4.78
CA PHE C 214 -22.49 12.46 -6.04
C PHE C 214 -21.28 12.00 -6.87
N LYS C 215 -21.52 11.71 -8.14
CA LYS C 215 -20.46 11.30 -9.05
C LYS C 215 -19.96 12.45 -9.93
N GLN C 216 -20.87 13.22 -10.51
CA GLN C 216 -20.51 14.36 -11.35
C GLN C 216 -20.43 15.66 -10.53
N TRP C 217 -19.67 15.63 -9.45
CA TRP C 217 -19.42 16.83 -8.67
C TRP C 217 -18.45 17.74 -9.44
N CYS C 218 -18.91 18.94 -9.77
CA CYS C 218 -18.11 19.82 -10.61
C CYS C 218 -16.84 20.26 -9.89
N THR C 219 -15.72 20.23 -10.60
CA THR C 219 -14.43 20.63 -10.06
C THR C 219 -13.80 21.79 -10.82
N THR C 220 -13.72 21.70 -12.14
CA THR C 220 -13.07 22.72 -12.96
C THR C 220 -14.07 23.73 -13.51
N THR C 221 -15.06 23.26 -14.27
CA THR C 221 -16.05 24.12 -14.91
C THR C 221 -17.36 23.99 -14.14
N CYS C 222 -17.51 24.79 -13.10
CA CYS C 222 -18.73 24.82 -12.30
C CYS C 222 -19.65 25.92 -12.79
N GLN C 223 -20.95 25.62 -12.84
CA GLN C 223 -21.96 26.59 -13.23
C GLN C 223 -23.01 26.68 -12.12
N PHE C 224 -23.72 27.79 -12.11
CA PHE C 224 -24.77 28.03 -11.11
C PHE C 224 -25.90 27.03 -11.32
N GLY C 225 -26.09 26.14 -10.34
CA GLY C 225 -27.07 25.08 -10.41
C GLY C 225 -26.49 23.69 -10.33
N ASP C 226 -25.19 23.54 -10.59
CA ASP C 226 -24.55 22.23 -10.53
C ASP C 226 -24.20 21.87 -9.09
N PRO C 227 -24.14 20.58 -8.77
CA PRO C 227 -23.72 20.17 -7.43
C PRO C 227 -22.27 20.57 -7.16
N GLY C 228 -22.07 21.48 -6.22
CA GLY C 228 -20.76 22.02 -5.92
C GLY C 228 -20.44 23.33 -6.60
N ASP C 229 -21.45 24.14 -6.93
CA ASP C 229 -21.20 25.41 -7.61
C ASP C 229 -20.47 26.39 -6.71
N ILE C 230 -21.07 26.75 -5.58
CA ILE C 230 -20.49 27.68 -4.64
C ILE C 230 -19.89 26.88 -3.49
N MET C 231 -18.57 26.95 -3.33
CA MET C 231 -17.85 26.20 -2.31
C MET C 231 -17.10 27.14 -1.39
N SER C 232 -17.12 26.85 -0.09
CA SER C 232 -16.35 27.59 0.90
C SER C 232 -15.08 26.81 1.23
N THR C 233 -14.11 26.89 0.33
CA THR C 233 -12.84 26.22 0.56
C THR C 233 -12.07 26.90 1.67
N PRO C 234 -11.17 26.18 2.36
CA PRO C 234 -10.38 26.82 3.42
C PRO C 234 -9.47 27.92 2.91
N VAL C 235 -9.06 27.85 1.64
CA VAL C 235 -8.25 28.93 1.07
C VAL C 235 -9.10 30.18 0.86
N GLY C 236 -10.35 29.99 0.44
CA GLY C 236 -11.23 31.12 0.23
C GLY C 236 -12.49 30.68 -0.50
N MET C 237 -13.17 31.66 -1.10
CA MET C 237 -14.38 31.39 -1.85
C MET C 237 -14.06 30.94 -3.26
N LYS C 238 -14.84 29.99 -3.78
CA LYS C 238 -14.70 29.50 -5.14
C LYS C 238 -16.06 29.65 -5.83
N CYS C 239 -16.22 30.74 -6.58
CA CYS C 239 -17.46 31.10 -7.24
C CYS C 239 -17.51 30.53 -8.65
N PRO C 240 -18.68 30.04 -9.08
CA PRO C 240 -18.82 29.52 -10.44
C PRO C 240 -19.30 30.60 -11.40
N GLU C 241 -19.33 30.23 -12.68
CA GLU C 241 -19.92 31.08 -13.70
C GLU C 241 -21.41 30.77 -13.83
N LEU C 242 -22.07 31.42 -14.79
CA LEU C 242 -23.50 31.28 -14.98
C LEU C 242 -23.82 30.48 -16.23
N ASN C 243 -24.99 29.86 -16.22
CA ASN C 243 -25.47 29.08 -17.37
C ASN C 243 -26.52 29.92 -18.11
N GLY C 244 -26.03 30.80 -18.97
CA GLY C 244 -26.92 31.67 -19.73
C GLY C 244 -26.15 32.80 -20.36
N SER C 245 -26.91 33.67 -21.03
CA SER C 245 -26.35 34.82 -21.73
C SER C 245 -27.13 36.07 -21.35
N PHE C 246 -26.49 37.22 -21.57
CA PHE C 246 -27.08 38.51 -21.26
C PHE C 246 -27.69 39.14 -22.49
N ARG C 247 -28.58 40.11 -22.26
CA ARG C 247 -29.21 40.86 -23.34
C ARG C 247 -29.71 42.18 -22.78
N LYS C 248 -29.86 43.16 -23.67
CA LYS C 248 -30.26 44.51 -23.30
C LYS C 248 -31.66 44.76 -23.83
N LYS C 249 -32.65 44.74 -22.94
CA LYS C 249 -34.01 45.09 -23.28
C LYS C 249 -34.21 46.58 -23.05
N CYS C 250 -34.73 47.28 -24.05
CA CYS C 250 -34.87 48.72 -23.98
C CYS C 250 -36.07 49.16 -24.81
N ALA C 251 -36.64 50.30 -24.42
CA ALA C 251 -37.75 50.93 -25.13
C ALA C 251 -37.37 52.36 -25.50
N PHE C 252 -38.30 53.05 -26.14
CA PHE C 252 -38.05 54.42 -26.58
C PHE C 252 -38.14 55.37 -25.40
N ALA C 253 -37.13 56.24 -25.27
CA ALA C 253 -37.08 57.26 -24.22
C ALA C 253 -37.16 56.63 -22.83
N THR C 254 -36.44 55.53 -22.63
CA THR C 254 -36.38 54.87 -21.34
C THR C 254 -34.95 54.38 -21.09
N THR C 255 -34.59 54.27 -19.82
CA THR C 255 -33.29 53.74 -19.47
C THR C 255 -33.22 52.26 -19.82
N PRO C 256 -32.14 51.79 -20.45
CA PRO C 256 -32.08 50.39 -20.87
C PRO C 256 -31.88 49.47 -19.68
N VAL C 257 -32.85 48.58 -19.45
CA VAL C 257 -32.75 47.58 -18.41
C VAL C 257 -31.99 46.38 -18.95
N CYS C 258 -31.53 45.50 -18.08
CA CYS C 258 -30.74 44.34 -18.45
C CYS C 258 -31.48 43.07 -18.06
N GLN C 259 -31.60 42.14 -19.00
CA GLN C 259 -32.27 40.87 -18.79
C GLN C 259 -31.25 39.73 -18.82
N PHE C 260 -31.60 38.64 -18.14
CA PHE C 260 -30.76 37.44 -18.11
C PHE C 260 -31.68 36.22 -18.21
N ASP C 261 -31.71 35.59 -19.38
CA ASP C 261 -32.51 34.40 -19.60
C ASP C 261 -31.62 33.18 -19.38
N GLY C 262 -31.53 32.75 -18.12
CA GLY C 262 -30.72 31.60 -17.76
C GLY C 262 -31.25 30.89 -16.53
N ASN C 263 -30.36 30.18 -15.82
CA ASN C 263 -30.76 29.46 -14.62
C ASN C 263 -30.75 30.39 -13.42
N THR C 264 -31.83 30.39 -12.65
CA THR C 264 -31.98 31.21 -11.46
C THR C 264 -31.85 30.42 -10.17
N LEU C 265 -32.36 29.19 -10.12
CA LEU C 265 -32.25 28.38 -8.91
C LEU C 265 -30.80 27.95 -8.70
N SER C 266 -30.40 27.90 -7.43
CA SER C 266 -29.04 27.53 -7.08
C SER C 266 -28.86 26.01 -7.14
N GLY C 267 -27.63 25.56 -6.91
CA GLY C 267 -27.36 24.14 -6.93
C GLY C 267 -28.04 23.40 -5.79
N TYR C 268 -28.11 24.03 -4.62
CA TYR C 268 -28.79 23.41 -3.49
C TYR C 268 -30.29 23.32 -3.71
N LYS C 269 -30.87 24.32 -4.37
CA LYS C 269 -32.31 24.31 -4.63
C LYS C 269 -32.69 23.17 -5.57
N ARG C 270 -31.91 23.00 -6.65
CA ARG C 270 -32.19 21.91 -7.57
C ARG C 270 -31.93 20.56 -6.92
N MET C 271 -30.93 20.48 -6.05
CA MET C 271 -30.66 19.24 -5.34
C MET C 271 -31.82 18.87 -4.42
N ILE C 272 -32.39 19.87 -3.75
CA ILE C 272 -33.56 19.60 -2.92
C ILE C 272 -34.75 19.23 -3.80
N ALA C 273 -34.85 19.82 -4.99
CA ALA C 273 -35.96 19.52 -5.88
C ALA C 273 -35.93 18.07 -6.36
N THR C 274 -34.76 17.60 -6.79
CA THR C 274 -34.61 16.23 -7.29
C THR C 274 -33.73 15.38 -6.37
N LYS C 275 -33.92 15.53 -5.07
CA LYS C 275 -33.12 14.76 -4.10
C LYS C 275 -33.34 13.26 -4.25
N ASP C 276 -34.54 12.84 -4.66
CA ASP C 276 -34.83 11.42 -4.79
C ASP C 276 -34.03 10.74 -5.89
N SER C 277 -33.38 11.50 -6.77
CA SER C 277 -32.63 10.94 -7.89
C SER C 277 -31.17 10.68 -7.55
N PHE C 278 -30.79 10.79 -6.28
CA PHE C 278 -29.40 10.60 -5.85
C PHE C 278 -29.30 9.41 -4.91
N GLN C 279 -28.10 8.85 -4.82
CA GLN C 279 -27.85 7.71 -3.95
C GLN C 279 -27.68 8.16 -2.51
N SER C 280 -28.35 7.48 -1.60
CA SER C 280 -28.28 7.76 -0.18
C SER C 280 -27.52 6.65 0.54
N PHE C 281 -26.97 7.00 1.71
CA PHE C 281 -26.24 6.03 2.51
C PHE C 281 -26.27 6.47 3.97
N ASN C 282 -26.12 5.48 4.86
CA ASN C 282 -26.09 5.70 6.29
C ASN C 282 -24.72 5.34 6.85
N VAL C 283 -24.43 5.85 8.04
CA VAL C 283 -23.19 5.53 8.75
C VAL C 283 -23.52 5.19 10.18
N THR C 284 -22.67 4.37 10.79
CA THR C 284 -22.77 4.03 12.20
C THR C 284 -21.37 4.02 12.81
N GLU C 285 -21.27 4.57 14.02
CA GLU C 285 -20.01 4.72 14.73
C GLU C 285 -18.98 5.41 13.85
N PRO C 286 -19.15 6.70 13.55
CA PRO C 286 -18.23 7.39 12.65
C PRO C 286 -17.01 7.96 13.37
N HIS C 287 -15.91 7.97 12.65
CA HIS C 287 -14.66 8.55 13.14
C HIS C 287 -13.98 9.24 11.95
N ILE C 288 -13.94 10.58 11.99
CA ILE C 288 -13.39 11.37 10.91
C ILE C 288 -12.15 12.11 11.42
N SER C 289 -11.08 12.11 10.62
CA SER C 289 -9.87 12.82 10.97
C SER C 289 -9.48 13.77 9.83
N ALA C 290 -8.29 14.36 9.90
CA ALA C 290 -7.85 15.24 8.84
C ALA C 290 -7.49 14.48 7.56
N SER C 291 -7.50 13.15 7.59
CA SER C 291 -7.11 12.37 6.41
C SER C 291 -8.02 11.18 6.11
N SER C 292 -8.88 10.75 7.03
CA SER C 292 -9.64 9.53 6.84
C SER C 292 -11.07 9.71 7.34
N LEU C 293 -11.90 8.71 7.05
CA LEU C 293 -13.29 8.69 7.48
C LEU C 293 -13.68 7.23 7.68
N GLU C 294 -13.74 6.79 8.93
CA GLU C 294 -14.06 5.41 9.27
C GLU C 294 -15.49 5.31 9.78
N TRP C 295 -16.22 4.32 9.27
CA TRP C 295 -17.60 4.09 9.69
C TRP C 295 -18.00 2.68 9.32
N ILE C 296 -19.07 2.20 9.94
CA ILE C 296 -19.66 0.90 9.67
C ILE C 296 -20.98 1.10 8.94
N ASP C 297 -21.12 0.46 7.78
CA ASP C 297 -22.32 0.63 6.97
C ASP C 297 -23.46 -0.26 7.50
N PRO C 298 -24.54 0.34 8.02
CA PRO C 298 -25.64 -0.47 8.55
C PRO C 298 -26.61 -0.97 7.49
N ASP C 299 -26.56 -0.43 6.27
CA ASP C 299 -27.51 -0.80 5.23
C ASP C 299 -27.27 -2.20 4.67
N SER C 300 -26.16 -2.85 5.06
CA SER C 300 -25.84 -4.19 4.58
C SER C 300 -25.74 -4.24 3.05
N SER C 301 -25.04 -3.25 2.50
CA SER C 301 -24.88 -3.12 1.05
C SER C 301 -23.46 -3.47 0.59
N LEU C 302 -22.68 -4.12 1.44
CA LEU C 302 -21.33 -4.57 1.08
C LEU C 302 -21.15 -6.00 1.51
N ARG C 303 -20.40 -6.76 0.71
CA ARG C 303 -20.16 -8.18 0.96
C ARG C 303 -18.67 -8.46 0.94
N ASP C 304 -18.18 -9.16 1.96
CA ASP C 304 -16.78 -9.54 2.07
C ASP C 304 -16.64 -11.05 1.85
N HIS C 305 -15.65 -11.43 1.05
CA HIS C 305 -15.38 -12.83 0.74
C HIS C 305 -14.23 -13.32 1.62
N ILE C 306 -14.54 -14.26 2.52
CA ILE C 306 -13.58 -14.79 3.47
C ILE C 306 -13.38 -16.27 3.19
N ASN C 307 -12.12 -16.71 3.15
CA ASN C 307 -11.77 -18.11 2.94
C ASN C 307 -11.13 -18.66 4.21
N VAL C 308 -11.70 -19.72 4.74
CA VAL C 308 -11.20 -20.38 5.95
C VAL C 308 -10.84 -21.82 5.60
N ILE C 309 -9.72 -22.28 6.12
CA ILE C 309 -9.22 -23.64 5.86
C ILE C 309 -8.57 -24.16 7.12
N VAL C 310 -8.91 -25.40 7.50
CA VAL C 310 -8.35 -26.06 8.67
C VAL C 310 -7.78 -27.39 8.22
N GLY C 311 -6.47 -27.57 8.41
CA GLY C 311 -5.83 -28.80 8.00
C GLY C 311 -6.22 -29.97 8.88
N ARG C 312 -6.07 -31.17 8.31
CA ARG C 312 -6.41 -32.40 9.02
C ARG C 312 -5.27 -32.93 9.87
N ASP C 313 -4.14 -32.23 9.94
CA ASP C 313 -3.07 -32.57 10.86
C ASP C 313 -3.22 -31.82 12.18
N LEU C 314 -4.39 -31.95 12.80
CA LEU C 314 -4.72 -31.18 13.99
C LEU C 314 -3.96 -31.65 15.22
N SER C 315 -3.44 -32.87 15.21
CA SER C 315 -2.76 -33.46 16.37
C SER C 315 -3.70 -33.48 17.58
N PHE C 316 -4.75 -34.29 17.43
CA PHE C 316 -5.80 -34.37 18.45
C PHE C 316 -5.25 -34.73 19.83
N GLN C 317 -4.02 -35.24 19.92
CA GLN C 317 -3.46 -35.55 21.23
C GLN C 317 -3.06 -34.28 21.98
N ASP C 318 -2.45 -33.32 21.29
CA ASP C 318 -1.99 -32.11 21.96
C ASP C 318 -3.16 -31.21 22.37
N LEU C 319 -4.22 -31.19 21.57
CA LEU C 319 -5.38 -30.35 21.86
C LEU C 319 -6.40 -31.03 22.77
N SER C 320 -6.05 -32.17 23.36
CA SER C 320 -6.95 -32.91 24.24
C SER C 320 -6.56 -32.84 25.71
N GLU C 321 -5.28 -32.68 26.02
CA GLU C 321 -4.85 -32.61 27.40
C GLU C 321 -5.36 -31.34 28.06
N THR C 322 -6.04 -31.49 29.20
CA THR C 322 -6.62 -30.41 29.98
C THR C 322 -7.52 -29.51 29.13
N PRO C 323 -8.69 -29.99 28.73
CA PRO C 323 -9.62 -29.15 27.96
C PRO C 323 -10.31 -28.14 28.88
N CYS C 324 -11.16 -27.31 28.28
CA CYS C 324 -11.85 -26.25 29.00
C CYS C 324 -13.18 -26.77 29.52
N GLN C 325 -13.31 -26.88 30.83
CA GLN C 325 -14.55 -27.31 31.47
C GLN C 325 -15.47 -26.11 31.66
N VAL C 326 -16.75 -26.30 31.39
CA VAL C 326 -17.74 -25.24 31.45
C VAL C 326 -18.99 -25.77 32.17
N ASP C 327 -19.35 -25.11 33.26
CA ASP C 327 -20.58 -25.40 33.97
C ASP C 327 -21.48 -24.17 33.94
N LEU C 328 -22.79 -24.40 33.99
CA LEU C 328 -23.74 -23.30 33.87
C LEU C 328 -24.99 -23.62 34.67
N ALA C 329 -25.76 -22.57 34.96
CA ALA C 329 -26.99 -22.71 35.72
C ALA C 329 -27.90 -21.52 35.41
N THR C 330 -29.17 -21.81 35.14
CA THR C 330 -30.15 -20.76 34.88
C THR C 330 -30.56 -20.10 36.19
N THR C 331 -30.51 -18.77 36.23
CA THR C 331 -30.76 -18.03 37.46
C THR C 331 -31.89 -17.01 37.37
N SER C 332 -32.29 -16.61 36.17
CA SER C 332 -33.31 -15.58 36.04
C SER C 332 -33.95 -15.66 34.67
N ILE C 333 -35.21 -15.21 34.60
CA ILE C 333 -35.95 -15.13 33.35
C ILE C 333 -36.84 -13.90 33.39
N ASP C 334 -37.11 -13.34 32.21
CA ASP C 334 -37.92 -12.14 32.10
C ASP C 334 -38.45 -12.03 30.68
N GLY C 335 -39.77 -12.04 30.53
CA GLY C 335 -40.40 -11.90 29.23
C GLY C 335 -41.57 -12.84 29.10
N ALA C 336 -41.92 -13.14 27.85
CA ALA C 336 -43.04 -14.01 27.53
C ALA C 336 -42.60 -15.02 26.47
N TRP C 337 -43.36 -16.12 26.40
CA TRP C 337 -43.10 -17.17 25.42
C TRP C 337 -43.86 -16.96 24.12
N GLY C 338 -44.49 -15.80 23.94
CA GLY C 338 -45.20 -15.53 22.71
C GLY C 338 -44.25 -15.18 21.57
N SER C 339 -44.68 -15.54 20.36
CA SER C 339 -43.88 -15.28 19.16
C SER C 339 -44.02 -13.82 18.80
N GLY C 340 -43.13 -12.99 19.35
CA GLY C 340 -43.16 -11.57 19.09
C GLY C 340 -42.83 -10.74 20.32
N VAL C 341 -43.05 -11.29 21.50
CA VAL C 341 -42.77 -10.56 22.74
C VAL C 341 -41.30 -10.71 23.13
N GLY C 342 -40.82 -11.94 23.22
CA GLY C 342 -39.44 -12.20 23.56
C GLY C 342 -39.21 -12.34 25.05
N PHE C 343 -38.13 -13.03 25.40
CA PHE C 343 -37.74 -13.25 26.78
C PHE C 343 -36.23 -13.14 26.91
N ASN C 344 -35.79 -12.81 28.12
CA ASN C 344 -34.37 -12.64 28.43
C ASN C 344 -33.98 -13.62 29.53
N LEU C 345 -32.96 -14.43 29.27
CA LEU C 345 -32.51 -15.45 30.19
C LEU C 345 -31.11 -15.10 30.69
N VAL C 346 -30.88 -15.34 31.99
CA VAL C 346 -29.61 -15.05 32.64
C VAL C 346 -28.97 -16.36 33.05
N CYS C 347 -27.71 -16.55 32.66
CA CYS C 347 -26.97 -17.78 32.96
C CYS C 347 -25.71 -17.43 33.74
N SER C 348 -25.35 -18.29 34.68
CA SER C 348 -24.14 -18.14 35.49
C SER C 348 -23.16 -19.21 35.03
N VAL C 349 -22.33 -18.87 34.06
CA VAL C 349 -21.41 -19.81 33.44
C VAL C 349 -20.08 -19.79 34.20
N SER C 350 -19.62 -20.97 34.61
CA SER C 350 -18.38 -21.12 35.37
C SER C 350 -17.36 -21.86 34.51
N LEU C 351 -16.28 -21.16 34.14
CA LEU C 351 -15.22 -21.73 33.32
C LEU C 351 -14.05 -22.13 34.21
N THR C 352 -13.59 -23.36 34.05
CA THR C 352 -12.48 -23.89 34.84
C THR C 352 -11.46 -24.56 33.93
N GLU C 353 -10.25 -24.70 34.46
CA GLU C 353 -9.11 -25.35 33.80
C GLU C 353 -8.68 -24.65 32.52
N CYS C 354 -9.14 -23.41 32.30
CA CYS C 354 -8.72 -22.62 31.15
C CYS C 354 -8.77 -21.15 31.53
N SER C 355 -7.76 -20.39 31.10
CA SER C 355 -7.73 -18.96 31.39
C SER C 355 -8.82 -18.23 30.63
N THR C 356 -8.85 -18.38 29.31
CA THR C 356 -9.88 -17.80 28.46
C THR C 356 -10.39 -18.87 27.50
N PHE C 357 -11.69 -18.86 27.25
CA PHE C 357 -12.31 -19.85 26.36
C PHE C 357 -13.46 -19.19 25.62
N LEU C 358 -13.43 -19.26 24.30
CA LEU C 358 -14.45 -18.65 23.44
C LEU C 358 -15.46 -19.72 23.05
N THR C 359 -16.71 -19.52 23.46
CA THR C 359 -17.80 -20.44 23.13
C THR C 359 -19.08 -19.62 23.06
N SER C 360 -20.22 -20.31 23.08
CA SER C 360 -21.51 -19.64 23.03
C SER C 360 -22.53 -20.46 23.82
N ILE C 361 -23.42 -19.77 24.51
CA ILE C 361 -24.47 -20.40 25.31
C ILE C 361 -25.80 -20.21 24.59
N LYS C 362 -26.66 -21.21 24.69
CA LYS C 362 -27.96 -21.18 24.05
C LYS C 362 -29.07 -21.37 25.09
N ALA C 363 -30.20 -20.70 24.86
CA ALA C 363 -31.38 -20.84 25.71
C ALA C 363 -32.29 -21.87 25.06
N CYS C 364 -32.24 -23.11 25.55
CA CYS C 364 -32.96 -24.22 24.96
C CYS C 364 -34.04 -24.71 25.91
N ASP C 365 -34.95 -25.53 25.36
CA ASP C 365 -35.96 -26.23 26.12
C ASP C 365 -35.87 -27.71 25.82
N SER C 366 -36.90 -28.47 26.21
CA SER C 366 -36.91 -29.92 25.97
C SER C 366 -36.71 -30.25 24.49
N ALA C 367 -37.11 -29.36 23.59
CA ALA C 367 -37.08 -29.65 22.17
C ALA C 367 -36.15 -28.76 21.37
N MET C 368 -36.28 -27.45 21.45
CA MET C 368 -35.61 -26.52 20.55
C MET C 368 -34.65 -25.60 21.31
N CYS C 369 -34.08 -24.64 20.58
CA CYS C 369 -33.23 -23.60 21.15
C CYS C 369 -33.62 -22.28 20.48
N TYR C 370 -34.19 -21.37 21.26
CA TYR C 370 -34.78 -20.15 20.73
C TYR C 370 -33.86 -18.94 20.81
N GLY C 371 -32.59 -19.15 21.12
CA GLY C 371 -31.66 -18.04 21.21
C GLY C 371 -30.26 -18.52 21.50
N SER C 372 -29.30 -17.62 21.28
CA SER C 372 -27.90 -17.92 21.52
C SER C 372 -27.17 -16.63 21.89
N THR C 373 -25.99 -16.79 22.48
CA THR C 373 -25.16 -15.65 22.88
C THR C 373 -23.72 -16.10 22.92
N THR C 374 -22.87 -15.48 22.11
CA THR C 374 -21.45 -15.80 22.08
C THR C 374 -20.69 -14.91 23.05
N ALA C 375 -19.83 -15.52 23.86
CA ALA C 375 -19.07 -14.78 24.85
C ALA C 375 -17.71 -15.44 25.06
N ASN C 376 -16.70 -14.61 25.31
CA ASN C 376 -15.36 -15.09 25.62
C ASN C 376 -15.24 -15.18 27.13
N LEU C 377 -15.39 -16.38 27.66
CA LEU C 377 -15.44 -16.58 29.11
C LEU C 377 -14.06 -16.49 29.73
N LEU C 378 -14.01 -15.99 30.95
CA LEU C 378 -12.80 -15.95 31.77
C LEU C 378 -12.86 -17.04 32.82
N ARG C 379 -11.69 -17.33 33.39
CA ARG C 379 -11.60 -18.34 34.44
C ARG C 379 -12.34 -17.87 35.68
N GLY C 380 -13.51 -18.46 35.93
CA GLY C 380 -14.34 -18.15 37.07
C GLY C 380 -15.78 -18.01 36.65
N GLN C 381 -16.52 -17.22 37.42
CA GLN C 381 -17.94 -17.02 37.18
C GLN C 381 -18.16 -15.97 36.09
N ASN C 382 -19.14 -16.23 35.23
CA ASN C 382 -19.47 -15.32 34.13
C ASN C 382 -20.98 -15.22 34.01
N THR C 383 -21.49 -13.99 34.01
CA THR C 383 -22.91 -13.73 33.81
C THR C 383 -23.17 -13.49 32.33
N VAL C 384 -24.06 -14.29 31.76
CA VAL C 384 -24.35 -14.24 30.33
C VAL C 384 -25.85 -14.04 30.13
N HIS C 385 -26.21 -13.04 29.33
CA HIS C 385 -27.59 -12.79 28.96
C HIS C 385 -27.88 -13.39 27.59
N ILE C 386 -29.05 -14.01 27.46
CA ILE C 386 -29.48 -14.63 26.21
C ILE C 386 -30.89 -14.15 25.89
N VAL C 387 -31.06 -13.59 24.69
CA VAL C 387 -32.37 -13.17 24.22
C VAL C 387 -32.97 -14.29 23.39
N GLY C 388 -34.28 -14.47 23.50
CA GLY C 388 -34.97 -15.52 22.77
C GLY C 388 -36.39 -15.11 22.43
N LYS C 389 -36.91 -15.71 21.36
CA LYS C 389 -38.27 -15.46 20.92
C LYS C 389 -38.91 -16.77 20.54
N GLY C 390 -40.10 -17.04 21.09
CA GLY C 390 -40.80 -18.28 20.81
C GLY C 390 -41.10 -19.07 22.06
N GLY C 391 -41.43 -20.35 21.90
CA GLY C 391 -41.74 -21.22 23.01
C GLY C 391 -43.24 -21.44 23.15
N HIS C 392 -43.58 -22.35 24.06
CA HIS C 392 -44.96 -22.72 24.32
C HIS C 392 -45.32 -22.40 25.78
N SER C 393 -46.51 -22.82 26.19
CA SER C 393 -46.97 -22.52 27.54
C SER C 393 -46.15 -23.26 28.58
N GLY C 394 -45.93 -24.56 28.38
CA GLY C 394 -45.18 -25.35 29.34
C GLY C 394 -43.71 -25.45 29.04
N SER C 395 -43.18 -24.47 28.29
CA SER C 395 -41.77 -24.48 27.93
C SER C 395 -40.92 -24.06 29.11
N LYS C 396 -40.08 -24.97 29.60
CA LYS C 396 -39.17 -24.69 30.71
C LYS C 396 -37.81 -24.38 30.13
N PHE C 397 -37.52 -23.10 29.93
CA PHE C 397 -36.29 -22.68 29.28
C PHE C 397 -35.09 -22.87 30.20
N MET C 398 -34.00 -23.39 29.63
CA MET C 398 -32.78 -23.64 30.38
C MET C 398 -31.58 -23.10 29.60
N CYS C 399 -30.49 -22.87 30.33
CA CYS C 399 -29.22 -22.54 29.70
C CYS C 399 -28.52 -23.82 29.26
N CYS C 400 -27.85 -23.77 28.12
CA CYS C 400 -27.23 -24.96 27.55
C CYS C 400 -25.92 -24.62 26.88
N HIS C 401 -24.90 -25.43 27.18
CA HIS C 401 -23.67 -25.48 26.40
C HIS C 401 -23.89 -26.46 25.24
N ASP C 402 -22.80 -26.92 24.62
CA ASP C 402 -22.87 -27.91 23.55
C ASP C 402 -23.84 -29.03 23.88
N THR C 403 -23.56 -29.78 24.95
CA THR C 403 -24.43 -30.88 25.37
C THR C 403 -25.00 -30.67 26.76
N LYS C 404 -24.16 -30.31 27.73
CA LYS C 404 -24.62 -30.17 29.10
C LYS C 404 -25.49 -28.92 29.25
N CYS C 405 -26.56 -29.05 30.02
CA CYS C 405 -27.48 -27.96 30.31
C CYS C 405 -27.60 -27.81 31.84
N SER C 406 -28.33 -26.78 32.25
CA SER C 406 -28.54 -26.54 33.67
C SER C 406 -29.42 -27.62 34.29
N SER C 407 -29.44 -27.65 35.62
CA SER C 407 -30.22 -28.67 36.32
C SER C 407 -31.72 -28.35 36.29
N THR C 408 -32.07 -27.06 36.34
CA THR C 408 -33.46 -26.64 36.34
C THR C 408 -33.66 -25.55 35.30
N GLY C 409 -34.92 -25.15 35.11
CA GLY C 409 -35.27 -24.12 34.16
C GLY C 409 -36.39 -23.25 34.69
N LEU C 410 -36.79 -22.28 33.87
CA LEU C 410 -37.83 -21.32 34.23
C LEU C 410 -38.83 -21.19 33.08
N VAL C 411 -40.04 -20.79 33.43
CA VAL C 411 -41.14 -20.67 32.47
C VAL C 411 -41.64 -19.23 32.47
N ALA C 412 -42.04 -18.76 31.29
CA ALA C 412 -42.62 -17.44 31.12
C ALA C 412 -44.14 -17.54 31.08
N ALA C 413 -44.80 -16.41 30.82
CA ALA C 413 -46.25 -16.36 30.77
C ALA C 413 -46.69 -15.39 29.67
N ALA C 414 -47.84 -15.69 29.08
CA ALA C 414 -48.43 -14.87 28.02
C ALA C 414 -47.47 -14.66 26.85
N ASP C 427 -32.51 -8.62 12.22
CA ASP C 427 -32.85 -8.71 13.64
C ASP C 427 -31.60 -8.97 14.46
N SER C 428 -31.20 -7.96 15.24
CA SER C 428 -30.03 -7.95 16.11
C SER C 428 -28.73 -8.00 15.31
N ASP C 429 -28.79 -8.10 13.98
CA ASP C 429 -27.62 -8.10 13.12
C ASP C 429 -26.57 -9.12 13.57
N LYS C 430 -27.03 -10.33 13.91
CA LYS C 430 -26.14 -11.43 14.23
C LYS C 430 -26.58 -12.66 13.46
N ILE C 431 -25.61 -13.50 13.11
CA ILE C 431 -25.85 -14.73 12.37
C ILE C 431 -25.21 -15.88 13.14
N PHE C 432 -26.02 -16.89 13.46
CA PHE C 432 -25.58 -18.04 14.24
C PHE C 432 -25.61 -19.28 13.37
N ASP C 433 -24.50 -20.02 13.33
CA ASP C 433 -24.40 -21.26 12.57
C ASP C 433 -23.58 -22.25 13.38
N ASP C 434 -24.27 -23.13 14.11
CA ASP C 434 -23.63 -24.18 14.89
C ASP C 434 -23.86 -25.57 14.34
N GLY C 435 -24.59 -25.70 13.22
CA GLY C 435 -24.83 -27.00 12.62
C GLY C 435 -25.76 -27.90 13.39
N ALA C 436 -26.49 -27.38 14.37
CA ALA C 436 -27.38 -28.21 15.16
C ALA C 436 -28.60 -28.61 14.34
N PRO C 437 -29.04 -29.87 14.40
CA PRO C 437 -30.23 -30.29 13.67
C PRO C 437 -31.49 -29.70 14.31
N GLU C 438 -32.19 -28.84 13.57
CA GLU C 438 -33.39 -28.21 14.08
C GLU C 438 -34.55 -29.21 14.14
N CYS C 439 -35.50 -28.93 15.02
CA CYS C 439 -36.67 -29.77 15.15
C CYS C 439 -37.54 -29.67 13.91
N GLY C 440 -38.19 -30.78 13.57
CA GLY C 440 -39.03 -30.83 12.39
C GLY C 440 -40.40 -30.22 12.59
N ILE C 441 -41.43 -30.85 12.01
CA ILE C 441 -42.78 -30.33 12.14
C ILE C 441 -43.38 -30.61 13.52
N SER C 442 -42.76 -31.48 14.31
CA SER C 442 -43.31 -31.83 15.62
C SER C 442 -43.30 -30.66 16.59
N CYS C 443 -42.52 -29.62 16.31
CA CYS C 443 -42.43 -28.44 17.18
C CYS C 443 -43.19 -27.24 16.63
N TRP C 444 -43.97 -27.43 15.58
CA TRP C 444 -44.71 -26.33 14.95
C TRP C 444 -46.15 -26.36 15.42
N PHE C 445 -46.60 -25.24 16.02
CA PHE C 445 -47.99 -25.06 16.45
C PHE C 445 -48.41 -26.18 17.41
N THR C 446 -47.73 -26.22 18.56
CA THR C 446 -48.04 -27.20 19.59
C THR C 446 -48.30 -26.52 20.93
N THR D 2 -53.00 46.49 2.89
CA THR D 2 -52.42 46.08 4.21
C THR D 2 -51.13 45.26 4.03
N GLY D 3 -50.01 45.76 4.53
CA GLY D 3 -48.75 44.99 4.60
C GLY D 3 -48.81 44.00 5.76
N GLU D 4 -47.86 43.07 5.79
CA GLU D 4 -47.79 42.07 6.86
C GLU D 4 -46.41 42.05 7.56
N LEU D 5 -46.42 42.34 8.87
CA LEU D 5 -45.22 42.26 9.66
C LEU D 5 -45.34 41.04 10.58
N LYS D 6 -44.57 40.01 10.27
CA LYS D 6 -44.65 38.75 10.96
C LYS D 6 -43.65 38.71 12.12
N ILE D 7 -44.12 38.28 13.28
CA ILE D 7 -43.27 38.05 14.44
C ILE D 7 -43.34 36.54 14.72
N GLU D 8 -42.19 35.91 14.74
CA GLU D 8 -42.07 34.53 15.11
C GLU D 8 -41.85 34.47 16.63
N CYS D 9 -42.82 33.87 17.32
CA CYS D 9 -42.81 33.75 18.79
C CYS D 9 -42.21 32.43 19.29
N PRO D 10 -41.21 32.49 20.19
CA PRO D 10 -40.72 31.24 20.80
C PRO D 10 -41.71 30.57 21.75
N HIS D 11 -41.49 29.29 22.10
CA HIS D 11 -42.36 28.58 23.09
C HIS D 11 -42.23 29.11 24.50
N THR D 12 -41.01 29.48 24.92
CA THR D 12 -40.76 30.06 26.25
C THR D 12 -40.04 31.40 26.18
N ILE D 13 -40.10 32.14 27.28
CA ILE D 13 -39.33 33.38 27.43
C ILE D 13 -37.86 33.05 27.71
N GLY D 14 -37.62 32.06 28.58
CA GLY D 14 -36.28 31.60 28.89
C GLY D 14 -35.53 32.58 29.78
N LEU D 15 -34.31 32.95 29.36
CA LEU D 15 -33.38 33.71 30.21
C LEU D 15 -33.69 35.21 30.36
N GLY D 16 -34.83 35.67 29.83
CA GLY D 16 -35.34 37.01 30.14
C GLY D 16 -34.97 38.16 29.22
N GLN D 17 -33.76 38.13 28.64
CA GLN D 17 -33.16 39.31 27.97
C GLN D 17 -33.31 39.39 26.42
N GLY D 18 -34.07 38.44 25.84
CA GLY D 18 -34.27 38.35 24.41
C GLY D 18 -35.34 39.31 23.92
N LEU D 19 -35.24 39.70 22.66
CA LEU D 19 -36.25 40.51 22.04
C LEU D 19 -36.75 39.82 20.80
N VAL D 20 -38.01 40.04 20.43
CA VAL D 20 -38.50 39.68 19.11
C VAL D 20 -38.27 40.85 18.16
N ILE D 21 -38.08 40.54 16.88
CA ILE D 21 -37.96 41.55 15.84
C ILE D 21 -38.67 41.10 14.59
N GLY D 22 -39.32 42.03 13.92
CA GLY D 22 -39.84 41.79 12.57
C GLY D 22 -39.72 43.05 11.72
N SER D 23 -39.91 42.92 10.41
CA SER D 23 -39.81 44.09 9.55
C SER D 23 -40.53 43.86 8.26
N VAL D 24 -41.03 44.92 7.66
CA VAL D 24 -41.67 44.82 6.36
C VAL D 24 -41.37 46.06 5.50
N GLU D 25 -41.11 45.86 4.22
CA GLU D 25 -40.96 46.96 3.27
C GLU D 25 -42.30 47.25 2.60
N LEU D 26 -42.75 48.49 2.70
CA LEU D 26 -44.04 48.92 2.15
C LEU D 26 -43.92 49.42 0.70
N PRO D 27 -45.06 49.64 0.04
CA PRO D 27 -45.04 50.19 -1.31
C PRO D 27 -44.53 51.64 -1.39
N PRO D 28 -44.15 52.09 -2.60
CA PRO D 28 -43.62 53.44 -2.81
C PRO D 28 -44.61 54.55 -2.49
N VAL D 29 -44.15 55.60 -1.84
CA VAL D 29 -44.90 56.83 -1.58
C VAL D 29 -44.11 57.94 -2.28
N PRO D 30 -44.77 59.01 -2.76
CA PRO D 30 -44.04 60.17 -3.31
C PRO D 30 -43.16 60.87 -2.28
N LEU D 31 -42.08 61.52 -2.71
CA LEU D 31 -41.13 62.16 -1.75
C LEU D 31 -41.77 63.21 -0.87
N THR D 32 -42.64 64.03 -1.45
CA THR D 32 -43.32 65.11 -0.72
C THR D 32 -44.08 64.62 0.50
N GLN D 33 -44.57 63.38 0.43
CA GLN D 33 -45.25 62.75 1.56
C GLN D 33 -44.36 62.20 2.66
N VAL D 34 -43.06 62.05 2.40
CA VAL D 34 -42.13 61.41 3.34
C VAL D 34 -41.95 62.22 4.59
N GLU D 35 -41.85 63.54 4.42
CA GLU D 35 -41.69 64.46 5.56
C GLU D 35 -42.90 64.47 6.53
N SER D 36 -44.08 64.07 6.04
CA SER D 36 -45.30 63.95 6.86
C SER D 36 -45.51 62.60 7.55
N LEU D 37 -44.71 61.59 7.23
CA LEU D 37 -44.99 60.22 7.71
C LEU D 37 -44.86 60.08 9.23
N LYS D 38 -45.92 59.57 9.86
CA LYS D 38 -45.97 59.32 11.30
C LYS D 38 -46.39 57.87 11.51
N LEU D 39 -45.68 57.14 12.38
CA LEU D 39 -46.14 55.80 12.77
C LEU D 39 -47.24 55.92 13.81
N GLU D 40 -48.37 55.29 13.55
CA GLU D 40 -49.45 55.17 14.53
C GLU D 40 -49.50 53.71 14.95
N SER D 41 -49.93 53.47 16.18
CA SER D 41 -50.08 52.10 16.68
C SER D 41 -51.39 51.93 17.42
N SER D 42 -52.08 50.83 17.15
CA SER D 42 -53.19 50.38 17.97
C SER D 42 -52.77 49.19 18.86
N CYS D 43 -51.49 48.88 18.94
CA CYS D 43 -51.05 47.66 19.61
C CYS D 43 -50.96 47.85 21.11
N ASN D 44 -51.15 46.76 21.85
CA ASN D 44 -51.11 46.78 23.33
C ASN D 44 -49.68 46.55 23.82
N PHE D 45 -48.82 47.51 23.49
CA PHE D 45 -47.45 47.53 23.96
C PHE D 45 -46.98 48.96 24.26
N ASP D 46 -45.84 49.06 24.94
CA ASP D 46 -45.33 50.33 25.45
C ASP D 46 -44.28 50.94 24.50
N LEU D 47 -44.75 51.74 23.55
CA LEU D 47 -43.91 52.39 22.56
C LEU D 47 -42.87 53.32 23.19
N HIS D 48 -41.60 53.13 22.83
CA HIS D 48 -40.56 54.09 23.15
C HIS D 48 -40.74 55.34 22.26
N THR D 49 -40.70 56.53 22.87
CA THR D 49 -41.06 57.78 22.20
C THR D 49 -39.91 58.44 21.40
N SER D 50 -38.69 58.01 21.69
CA SER D 50 -37.46 58.50 21.03
C SER D 50 -37.54 58.73 19.51
N THR D 51 -37.97 57.71 18.77
CA THR D 51 -37.87 57.71 17.30
C THR D 51 -38.85 58.67 16.60
N SER D 52 -39.98 58.96 17.24
CA SER D 52 -40.98 59.89 16.69
C SER D 52 -40.67 61.41 16.89
N SER D 53 -39.60 61.75 17.61
CA SER D 53 -39.11 63.15 17.69
C SER D 53 -38.46 63.61 16.36
N GLN D 54 -38.28 64.93 16.24
CA GLN D 54 -37.69 65.54 15.04
C GLN D 54 -36.20 65.32 15.02
N GLN D 55 -35.68 64.99 13.84
CA GLN D 55 -34.28 64.57 13.71
C GLN D 55 -33.66 65.21 12.46
N PRO D 56 -32.59 66.01 12.64
CA PRO D 56 -32.04 66.78 11.53
C PRO D 56 -31.19 65.95 10.54
N PHE D 57 -31.56 66.03 9.28
CA PHE D 57 -30.93 65.35 8.16
C PHE D 57 -30.53 66.37 7.10
N THR D 58 -29.44 66.08 6.39
CA THR D 58 -29.12 66.77 5.19
C THR D 58 -29.75 65.99 4.06
N LYS D 59 -30.66 66.62 3.33
CA LYS D 59 -31.22 66.02 2.13
C LYS D 59 -30.35 66.32 0.91
N TRP D 60 -29.91 65.29 0.21
CA TRP D 60 -29.01 65.39 -0.90
C TRP D 60 -29.67 64.73 -2.11
N THR D 61 -29.86 65.49 -3.18
CA THR D 61 -30.67 65.07 -4.35
C THR D 61 -29.92 65.38 -5.67
N TRP D 62 -30.26 64.69 -6.75
CA TRP D 62 -29.66 64.97 -8.04
C TRP D 62 -30.71 65.24 -9.11
N GLU D 63 -30.33 66.05 -10.12
CA GLU D 63 -31.15 66.33 -11.30
C GLU D 63 -30.28 66.22 -12.55
N MET D 64 -30.85 65.75 -13.65
CA MET D 64 -30.16 65.85 -14.92
C MET D 64 -29.95 67.33 -15.35
N LYS D 65 -28.80 67.58 -15.93
CA LYS D 65 -28.41 68.89 -16.45
C LYS D 65 -27.68 68.72 -17.78
N SER D 66 -27.68 69.77 -18.59
CA SER D 66 -26.79 69.84 -19.79
C SER D 66 -26.51 71.28 -20.15
N THR D 77 -20.80 66.85 -14.30
CA THR D 77 -20.78 66.42 -15.69
C THR D 77 -22.17 66.66 -16.34
N SER D 78 -23.02 65.64 -16.31
CA SER D 78 -24.40 65.78 -16.68
C SER D 78 -25.32 65.87 -15.44
N PHE D 79 -24.81 66.18 -14.26
CA PHE D 79 -25.61 66.18 -13.04
C PHE D 79 -25.53 67.52 -12.35
N GLN D 80 -26.64 67.91 -11.76
CA GLN D 80 -26.65 68.94 -10.79
C GLN D 80 -27.13 68.28 -9.51
N THR D 81 -26.33 68.40 -8.45
CA THR D 81 -26.76 67.99 -7.13
C THR D 81 -27.03 69.20 -6.28
N LYS D 82 -27.83 69.02 -5.24
CA LYS D 82 -28.00 70.07 -4.25
C LYS D 82 -28.32 69.46 -2.89
N SER D 83 -28.21 70.27 -1.85
CA SER D 83 -28.53 69.82 -0.52
C SER D 83 -29.10 70.90 0.39
N SER D 84 -29.83 70.47 1.42
CA SER D 84 -30.36 71.34 2.45
C SER D 84 -30.62 70.55 3.74
N GLU D 85 -30.76 71.27 4.85
CA GLU D 85 -31.03 70.66 6.15
C GLU D 85 -32.52 70.67 6.43
N ILE D 86 -33.05 69.51 6.76
CA ILE D 86 -34.47 69.32 7.05
C ILE D 86 -34.60 68.44 8.26
N ASN D 87 -35.81 68.40 8.82
CA ASN D 87 -36.11 67.55 9.97
C ASN D 87 -37.00 66.44 9.52
N LEU D 88 -36.64 65.21 9.84
CA LEU D 88 -37.47 64.05 9.58
C LEU D 88 -37.97 63.54 10.94
N ARG D 89 -39.01 62.73 10.93
CA ARG D 89 -39.39 62.02 12.14
C ARG D 89 -39.65 60.58 11.87
N GLY D 90 -39.57 59.78 12.94
CA GLY D 90 -39.91 58.36 12.86
C GLY D 90 -38.82 57.45 12.32
N LEU D 91 -37.69 58.00 11.90
CA LEU D 91 -36.63 57.16 11.36
C LEU D 91 -35.91 56.39 12.48
N CYS D 92 -35.28 55.29 12.10
CA CYS D 92 -34.55 54.45 13.01
C CYS D 92 -33.23 55.05 13.43
N LEU D 93 -33.33 56.08 14.28
CA LEU D 93 -32.20 56.67 14.99
C LEU D 93 -32.45 56.38 16.45
N VAL D 94 -31.93 55.26 16.90
CA VAL D 94 -32.25 54.77 18.21
C VAL D 94 -31.14 55.26 19.16
N PRO D 95 -31.52 55.81 20.32
CA PRO D 95 -30.48 56.27 21.24
C PRO D 95 -29.74 55.13 21.87
N PRO D 96 -28.54 55.40 22.39
CA PRO D 96 -27.81 54.35 23.11
C PRO D 96 -28.60 53.77 24.27
N LEU D 97 -28.42 52.48 24.52
CA LEU D 97 -29.07 51.70 25.59
C LEU D 97 -30.53 51.32 25.39
N VAL D 98 -31.24 51.93 24.44
CA VAL D 98 -32.68 51.72 24.31
C VAL D 98 -32.99 50.27 23.92
N ILE D 99 -32.35 49.79 22.85
CA ILE D 99 -32.53 48.41 22.43
C ILE D 99 -31.90 47.47 23.48
N GLU D 100 -30.70 47.80 23.94
CA GLU D 100 -29.96 46.93 24.87
C GLU D 100 -30.72 46.62 26.14
N THR D 101 -31.53 47.56 26.61
CA THR D 101 -32.29 47.38 27.85
C THR D 101 -33.79 47.25 27.66
N ALA D 102 -34.24 47.05 26.42
CA ALA D 102 -35.67 46.95 26.13
C ALA D 102 -36.35 45.75 26.80
N ALA D 103 -35.63 44.65 26.97
CA ALA D 103 -36.19 43.47 27.65
C ALA D 103 -36.51 43.78 29.10
N ARG D 104 -35.71 44.63 29.73
CA ARG D 104 -35.87 45.03 31.13
C ARG D 104 -36.88 46.16 31.29
N THR D 105 -36.82 47.15 30.40
CA THR D 105 -37.74 48.29 30.44
C THR D 105 -39.12 47.97 29.88
N ARG D 106 -39.23 46.87 29.14
CA ARG D 106 -40.47 46.49 28.49
C ARG D 106 -40.93 47.50 27.44
N LYS D 107 -39.97 48.15 26.81
CA LYS D 107 -40.26 49.12 25.76
C LYS D 107 -40.20 48.46 24.38
N THR D 108 -41.07 48.93 23.51
CA THR D 108 -41.16 48.46 22.14
C THR D 108 -40.62 49.60 21.25
N ILE D 109 -39.77 49.25 20.30
CA ILE D 109 -39.22 50.20 19.34
C ILE D 109 -39.91 49.93 18.02
N ALA D 110 -40.50 50.97 17.45
CA ALA D 110 -41.11 50.91 16.13
C ALA D 110 -40.65 52.16 15.39
N CYS D 111 -40.00 51.95 14.24
CA CYS D 111 -39.39 53.01 13.46
C CYS D 111 -39.25 52.54 12.01
N PHE D 112 -38.89 53.43 11.08
CA PHE D 112 -38.73 53.01 9.67
C PHE D 112 -37.44 53.56 9.09
N ASP D 113 -36.93 52.88 8.08
CA ASP D 113 -35.86 53.41 7.24
C ASP D 113 -36.47 53.67 5.85
N LEU D 114 -35.75 54.39 4.98
CA LEU D 114 -36.28 54.80 3.67
C LEU D 114 -35.35 54.33 2.56
N SER D 115 -35.93 53.77 1.51
CA SER D 115 -35.22 53.32 0.34
C SER D 115 -35.91 54.08 -0.78
N CYS D 116 -35.16 54.98 -1.42
CA CYS D 116 -35.74 55.99 -2.29
C CYS D 116 -35.00 56.15 -3.64
N ASN D 117 -35.74 56.47 -4.67
CA ASN D 117 -35.17 57.00 -5.90
C ASN D 117 -35.43 58.50 -5.88
N GLN D 118 -35.24 59.20 -6.99
CA GLN D 118 -35.52 60.65 -7.02
C GLN D 118 -36.93 61.08 -6.65
N THR D 119 -37.93 60.26 -7.00
CA THR D 119 -39.34 60.66 -6.90
C THR D 119 -40.15 59.92 -5.85
N ALA D 120 -39.72 58.72 -5.45
CA ALA D 120 -40.48 57.92 -4.52
C ALA D 120 -39.62 57.21 -3.46
N CYS D 121 -40.24 56.92 -2.32
CA CYS D 121 -39.62 56.17 -1.22
C CYS D 121 -40.43 54.96 -0.76
N GLN D 122 -39.75 53.85 -0.52
CA GLN D 122 -40.35 52.69 0.15
C GLN D 122 -39.88 52.68 1.60
N PRO D 123 -40.78 53.00 2.55
CA PRO D 123 -40.40 52.81 3.95
C PRO D 123 -40.30 51.32 4.32
N THR D 124 -39.31 50.98 5.15
CA THR D 124 -39.20 49.66 5.71
C THR D 124 -39.45 49.89 7.19
N VAL D 125 -40.50 49.26 7.70
CA VAL D 125 -40.88 49.39 9.12
C VAL D 125 -40.24 48.27 9.92
N PHE D 126 -39.58 48.65 11.01
CA PHE D 126 -38.96 47.71 11.93
C PHE D 126 -39.71 47.75 13.26
N LEU D 127 -40.02 46.58 13.81
CA LEU D 127 -40.66 46.47 15.14
C LEU D 127 -39.83 45.56 15.99
N ILE D 128 -39.39 46.08 17.12
CA ILE D 128 -38.55 45.35 18.07
C ILE D 128 -39.18 45.47 19.44
N GLY D 129 -39.25 44.38 20.19
CA GLY D 129 -39.81 44.46 21.50
C GLY D 129 -39.68 43.23 22.37
N PRO D 130 -40.22 43.30 23.58
CA PRO D 130 -40.01 42.18 24.51
C PRO D 130 -40.76 40.93 24.09
N ILE D 131 -40.19 39.78 24.41
CA ILE D 131 -40.80 38.51 24.06
C ILE D 131 -42.17 38.32 24.73
N GLN D 132 -42.43 39.02 25.86
CA GLN D 132 -43.74 39.00 26.55
C GLN D 132 -44.91 39.46 25.66
N THR D 133 -44.62 40.28 24.66
CA THR D 133 -45.62 40.69 23.68
C THR D 133 -46.33 39.51 23.02
N CYS D 134 -45.59 38.44 22.78
CA CYS D 134 -46.12 37.17 22.30
C CYS D 134 -47.21 36.51 23.19
N ILE D 135 -47.19 36.80 24.49
CA ILE D 135 -48.26 36.35 25.40
C ILE D 135 -49.47 37.28 25.27
N THR D 136 -49.24 38.58 25.17
CA THR D 136 -50.31 39.54 25.20
C THR D 136 -51.03 39.74 23.89
N THR D 137 -50.45 39.32 22.78
CA THR D 137 -50.85 39.84 21.46
C THR D 137 -50.80 38.76 20.37
N LYS D 138 -51.91 38.59 19.65
CA LYS D 138 -52.01 37.74 18.45
C LYS D 138 -51.83 38.58 17.17
N SER D 139 -52.52 39.70 17.10
CA SER D 139 -52.36 40.62 16.00
C SER D 139 -52.75 42.02 16.41
N CYS D 140 -52.18 42.99 15.72
CA CYS D 140 -52.54 44.38 15.94
C CYS D 140 -52.12 45.19 14.71
N LEU D 141 -52.38 46.50 14.73
CA LEU D 141 -52.25 47.35 13.56
C LEU D 141 -51.30 48.50 13.80
N LEU D 142 -50.45 48.75 12.82
CA LEU D 142 -49.69 49.98 12.71
C LEU D 142 -50.16 50.70 11.45
N GLY D 143 -50.08 52.01 11.50
CA GLY D 143 -50.33 52.82 10.32
C GLY D 143 -49.12 53.68 10.03
N LEU D 144 -48.88 53.87 8.74
CA LEU D 144 -47.84 54.77 8.26
C LEU D 144 -48.35 55.47 7.01
N GLY D 145 -48.57 56.79 7.16
CA GLY D 145 -49.28 57.60 6.17
C GLY D 145 -50.63 56.98 5.88
N ASP D 146 -50.77 56.49 4.66
CA ASP D 146 -52.02 55.89 4.17
C ASP D 146 -52.00 54.35 4.14
N GLN D 147 -50.93 53.74 4.66
CA GLN D 147 -50.80 52.29 4.65
C GLN D 147 -51.09 51.72 6.03
N ARG D 148 -51.79 50.59 6.04
CA ARG D 148 -52.06 49.86 7.25
C ARG D 148 -51.12 48.65 7.27
N ILE D 149 -50.61 48.32 8.46
CA ILE D 149 -49.72 47.20 8.62
C ILE D 149 -50.30 46.27 9.67
N GLN D 150 -50.52 45.04 9.25
CA GLN D 150 -50.99 43.97 10.10
C GLN D 150 -49.77 43.26 10.73
N VAL D 151 -49.62 43.41 12.03
CA VAL D 151 -48.62 42.68 12.77
C VAL D 151 -49.25 41.37 13.20
N ASN D 152 -48.64 40.25 12.84
CA ASN D 152 -49.12 38.92 13.19
C ASN D 152 -48.08 38.21 14.03
N TYR D 153 -48.48 37.85 15.25
CA TYR D 153 -47.60 37.10 16.14
C TYR D 153 -48.00 35.66 15.95
N GLU D 154 -47.02 34.83 15.58
CA GLU D 154 -47.28 33.45 15.21
C GLU D 154 -46.34 32.54 15.97
N LYS D 155 -46.88 31.46 16.55
CA LYS D 155 -46.11 30.58 17.41
C LYS D 155 -45.30 29.62 16.54
N THR D 156 -44.05 29.37 16.96
CA THR D 156 -43.08 28.68 16.11
C THR D 156 -43.37 27.16 16.02
N TYR D 157 -43.19 26.62 14.82
CA TYR D 157 -43.18 25.16 14.56
C TYR D 157 -42.15 24.38 15.37
N CYS D 158 -41.10 25.02 15.85
CA CYS D 158 -39.96 24.34 16.48
C CYS D 158 -40.18 24.13 17.97
N VAL D 159 -39.40 23.24 18.57
CA VAL D 159 -39.46 22.98 20.03
C VAL D 159 -38.37 23.72 20.81
N SER D 160 -37.17 23.84 20.24
CA SER D 160 -36.01 24.46 20.90
C SER D 160 -35.44 25.71 20.19
N GLY D 161 -35.77 25.91 18.90
CA GLY D 161 -35.19 26.98 18.11
C GLY D 161 -36.14 27.78 17.25
N GLN D 162 -35.66 28.13 16.06
CA GLN D 162 -36.40 28.99 15.15
C GLN D 162 -36.44 28.40 13.78
N LEU D 163 -37.51 28.68 13.06
CA LEU D 163 -37.65 28.24 11.67
C LEU D 163 -36.73 29.08 10.76
N VAL D 164 -35.66 28.47 10.26
CA VAL D 164 -34.68 29.14 9.42
C VAL D 164 -34.47 28.33 8.14
N GLU D 165 -34.77 28.95 7.01
CA GLU D 165 -34.73 28.30 5.69
C GLU D 165 -35.59 27.01 5.69
N GLY D 166 -36.76 27.04 6.34
CA GLY D 166 -37.62 25.84 6.49
C GLY D 166 -37.09 24.74 7.39
N VAL D 167 -36.18 25.07 8.30
CA VAL D 167 -35.52 24.10 9.17
C VAL D 167 -35.51 24.64 10.60
N CYS D 168 -35.73 23.79 11.59
CA CYS D 168 -35.70 24.21 12.98
C CYS D 168 -34.28 24.17 13.52
N PHE D 169 -33.74 25.30 13.99
CA PHE D 169 -32.30 25.43 14.35
C PHE D 169 -32.07 26.07 15.71
N ASN D 170 -31.13 25.52 16.49
CA ASN D 170 -30.67 26.08 17.78
C ASN D 170 -29.16 26.37 17.77
N PRO D 171 -28.75 27.65 17.90
CA PRO D 171 -27.30 27.95 17.78
C PRO D 171 -26.50 27.55 19.01
N VAL D 172 -25.18 27.44 18.88
CA VAL D 172 -24.27 27.20 20.03
C VAL D 172 -24.46 28.31 21.08
N HIS D 173 -24.39 27.93 22.36
CA HIS D 173 -24.62 28.81 23.52
C HIS D 173 -23.40 29.07 24.43
N THR D 174 -22.42 28.16 24.45
CA THR D 174 -21.25 28.26 25.36
C THR D 174 -20.28 29.38 24.99
N MET D 175 -19.64 29.91 26.03
CA MET D 175 -18.68 31.01 25.90
C MET D 175 -17.30 30.53 25.42
N ALA D 176 -16.96 29.28 25.73
CA ALA D 176 -15.74 28.62 25.24
C ALA D 176 -15.82 28.18 23.74
N LEU D 177 -14.77 27.51 23.27
CA LEU D 177 -14.76 26.85 21.94
C LEU D 177 -14.96 25.34 22.16
N SER D 178 -15.58 24.66 21.19
CA SER D 178 -15.89 23.23 21.28
C SER D 178 -14.73 22.42 20.66
N TYR D 184 -20.65 20.25 14.52
CA TYR D 184 -21.91 20.99 14.65
C TYR D 184 -22.58 21.27 13.28
N ASP D 185 -23.89 21.53 13.23
CA ASP D 185 -24.58 21.95 11.99
C ASP D 185 -24.38 23.45 11.76
N ILE D 186 -24.54 23.88 10.53
CA ILE D 186 -24.34 25.28 10.17
C ILE D 186 -25.56 25.79 9.42
N VAL D 187 -26.18 26.84 9.94
CA VAL D 187 -27.35 27.45 9.33
C VAL D 187 -27.14 28.95 9.14
N THR D 188 -27.56 29.46 8.00
CA THR D 188 -27.45 30.88 7.68
C THR D 188 -28.68 31.64 8.19
N VAL D 189 -28.46 32.65 9.04
CA VAL D 189 -29.57 33.41 9.64
C VAL D 189 -29.48 34.90 9.29
N MET D 190 -30.64 35.55 9.34
CA MET D 190 -30.75 36.98 9.14
C MET D 190 -30.23 37.74 10.35
N VAL D 191 -29.56 38.86 10.07
CA VAL D 191 -29.14 39.80 11.09
C VAL D 191 -29.63 41.16 10.67
N ARG D 192 -30.24 41.87 11.61
CA ARG D 192 -30.68 43.26 11.43
C ARG D 192 -30.04 44.16 12.47
N CYS D 193 -29.41 45.23 11.98
CA CYS D 193 -28.57 46.11 12.78
C CYS D 193 -28.94 47.57 12.62
N PHE D 194 -28.83 48.32 13.71
CA PHE D 194 -29.19 49.73 13.79
C PHE D 194 -27.98 50.50 14.25
N LEU D 195 -27.67 51.58 13.54
CA LEU D 195 -26.55 52.44 13.88
C LEU D 195 -26.88 53.35 15.03
N ILE D 196 -26.03 53.34 16.05
CA ILE D 196 -26.22 54.15 17.27
C ILE D 196 -25.07 55.13 17.38
N ALA D 197 -25.36 56.41 17.50
CA ALA D 197 -24.34 57.42 17.78
C ALA D 197 -24.03 57.49 19.27
N LYS D 198 -22.75 57.32 19.60
CA LYS D 198 -22.29 57.29 20.97
C LYS D 198 -20.83 57.75 21.05
N LYS D 199 -20.62 58.89 21.68
CA LYS D 199 -19.30 59.50 21.86
C LYS D 199 -18.67 59.11 23.21
N VAL D 200 -17.34 59.03 23.27
CA VAL D 200 -16.60 59.07 24.54
C VAL D 200 -15.66 60.28 24.49
N SER D 201 -15.18 60.72 25.66
CA SER D 201 -14.29 61.90 25.74
C SER D 201 -12.88 61.67 25.19
N THR D 202 -12.35 60.46 25.37
CA THR D 202 -10.93 60.15 25.21
C THR D 202 -10.73 58.85 24.43
N GLY D 203 -9.82 58.87 23.45
CA GLY D 203 -9.40 57.65 22.76
C GLY D 203 -10.24 57.30 21.53
N ASP D 204 -10.04 56.07 21.07
CA ASP D 204 -10.55 55.60 19.77
C ASP D 204 -11.47 54.35 19.90
N SER D 205 -11.90 54.03 21.12
CA SER D 205 -12.73 52.82 21.32
C SER D 205 -14.08 52.80 20.57
N MET D 206 -14.65 53.97 20.28
CA MET D 206 -15.92 54.11 19.57
C MET D 206 -15.78 54.51 18.11
N LYS D 207 -14.54 54.59 17.59
CA LYS D 207 -14.30 54.98 16.19
C LYS D 207 -14.62 53.79 15.26
N LEU D 208 -15.92 53.62 14.99
CA LEU D 208 -16.44 52.48 14.24
C LEU D 208 -15.82 52.30 12.85
N GLU D 209 -15.63 53.39 12.10
CA GLU D 209 -15.09 53.27 10.75
C GLU D 209 -13.62 52.82 10.75
N LYS D 210 -12.88 53.14 11.83
CA LYS D 210 -11.53 52.60 12.00
C LYS D 210 -11.52 51.08 12.07
N SER D 211 -12.54 50.49 12.71
CA SER D 211 -12.65 49.04 12.77
C SER D 211 -12.81 48.47 11.38
N PHE D 212 -13.63 49.10 10.54
CA PHE D 212 -13.78 48.64 9.16
C PHE D 212 -12.48 48.78 8.38
N GLU D 213 -11.79 49.90 8.58
CA GLU D 213 -10.54 50.18 7.86
C GLU D 213 -9.42 49.11 8.18
N THR D 214 -9.26 48.75 9.46
CA THR D 214 -8.32 47.65 9.81
C THR D 214 -8.65 46.36 9.08
N LEU D 215 -9.92 46.06 8.93
CA LEU D 215 -10.33 44.82 8.27
C LEU D 215 -10.09 44.82 6.74
N VAL D 216 -10.29 45.96 6.09
CA VAL D 216 -10.25 46.04 4.60
C VAL D 216 -9.27 47.07 3.97
N GLN D 217 -8.27 47.57 4.71
CA GLN D 217 -7.38 48.58 4.11
C GLN D 217 -5.92 48.21 4.07
N LYS D 218 -5.27 48.82 3.10
CA LYS D 218 -3.84 48.66 2.87
C LYS D 218 -3.15 49.69 3.79
N THR D 219 -3.42 50.96 3.51
CA THR D 219 -2.72 52.11 4.10
C THR D 219 -3.60 52.90 5.10
N SER D 220 -3.01 53.93 5.72
CA SER D 220 -3.65 54.74 6.77
C SER D 220 -4.54 55.91 6.27
N CYS D 221 -5.83 55.84 6.61
CA CYS D 221 -6.74 56.97 6.46
C CYS D 221 -6.59 57.96 7.59
N THR D 222 -6.67 59.24 7.26
CA THR D 222 -6.35 60.28 8.23
C THR D 222 -7.53 60.56 9.19
N GLY D 223 -8.69 60.90 8.61
CA GLY D 223 -9.83 61.44 9.35
C GLY D 223 -11.21 60.78 9.23
N ASN D 224 -11.36 59.61 9.87
CA ASN D 224 -12.66 58.95 10.05
C ASN D 224 -13.09 58.81 11.53
N GLY D 225 -13.62 59.93 11.99
CA GLY D 225 -13.88 60.19 13.37
C GLY D 225 -15.25 59.85 13.92
N PHE D 226 -16.21 59.38 13.11
CA PHE D 226 -17.53 59.02 13.64
C PHE D 226 -17.46 58.08 14.87
N GLN D 227 -18.23 58.38 15.90
CA GLN D 227 -18.25 57.60 17.12
C GLN D 227 -19.60 56.97 17.32
N GLY D 228 -19.61 55.64 17.36
CA GLY D 228 -20.84 54.89 17.50
C GLY D 228 -20.65 53.42 17.32
N TYR D 229 -21.74 52.72 17.14
CA TYR D 229 -21.70 51.27 17.09
C TYR D 229 -22.97 50.76 16.50
N TYR D 230 -23.00 49.47 16.17
CA TYR D 230 -24.24 48.86 15.71
C TYR D 230 -24.80 47.97 16.84
N ILE D 231 -26.13 47.95 16.93
CA ILE D 231 -26.83 47.00 17.79
C ILE D 231 -27.69 46.16 16.87
N CYS D 232 -27.57 44.84 17.00
CA CYS D 232 -28.13 43.90 16.02
C CYS D 232 -28.98 42.88 16.72
N LEU D 233 -29.96 42.36 15.99
CA LEU D 233 -30.72 41.23 16.46
C LEU D 233 -30.57 40.15 15.43
N VAL D 234 -30.43 38.92 15.91
CA VAL D 234 -30.15 37.77 15.07
C VAL D 234 -31.42 36.96 14.92
N GLY D 235 -31.78 36.63 13.69
CA GLY D 235 -32.98 35.85 13.42
C GLY D 235 -34.27 36.58 13.78
N SER D 236 -35.28 35.83 14.17
CA SER D 236 -36.53 36.44 14.58
C SER D 236 -36.52 36.83 16.05
N SER D 237 -35.55 36.32 16.83
CA SER D 237 -35.45 36.61 18.23
C SER D 237 -34.07 36.35 18.79
N SER D 238 -33.55 37.22 19.63
CA SER D 238 -32.22 37.04 20.20
C SER D 238 -32.03 38.08 21.23
N GLU D 239 -30.93 37.94 21.96
CA GLU D 239 -30.41 39.05 22.73
C GLU D 239 -29.68 40.03 21.81
N PRO D 240 -29.66 41.32 22.17
CA PRO D 240 -28.90 42.27 21.35
C PRO D 240 -27.41 41.93 21.25
N LEU D 241 -26.86 42.10 20.05
CA LEU D 241 -25.46 41.87 19.75
C LEU D 241 -24.82 43.23 19.41
N TYR D 242 -23.80 43.60 20.17
CA TYR D 242 -23.08 44.84 20.01
C TYR D 242 -21.96 44.65 18.98
N ILE D 243 -21.88 45.54 18.00
CA ILE D 243 -20.83 45.50 16.97
C ILE D 243 -20.01 46.80 17.08
N PRO D 244 -18.70 46.72 17.32
CA PRO D 244 -17.94 45.45 17.47
C PRO D 244 -17.74 44.96 18.88
N THR D 245 -17.92 43.66 19.08
CA THR D 245 -17.47 42.98 20.27
C THR D 245 -16.27 42.14 19.80
N LEU D 246 -15.07 42.52 20.21
CA LEU D 246 -13.84 42.08 19.51
C LEU D 246 -13.57 40.58 19.48
N ASP D 247 -13.87 39.92 20.60
CA ASP D 247 -13.67 38.48 20.74
C ASP D 247 -14.93 37.62 20.48
N ASP D 248 -15.97 38.20 19.91
CA ASP D 248 -17.19 37.48 19.58
C ASP D 248 -17.22 37.11 18.10
N TYR D 249 -17.32 35.82 17.82
CA TYR D 249 -17.28 35.30 16.46
C TYR D 249 -18.42 35.85 15.55
N ARG D 250 -19.53 36.19 16.16
CA ARG D 250 -20.69 36.71 15.43
C ARG D 250 -20.51 38.15 15.04
N SER D 251 -19.92 38.94 15.94
CA SER D 251 -19.53 40.29 15.62
C SER D 251 -18.57 40.30 14.46
N ALA D 252 -17.55 39.41 14.50
CA ALA D 252 -16.58 39.32 13.42
C ALA D 252 -17.26 38.98 12.11
N GLU D 253 -18.20 38.08 12.15
CA GLU D 253 -18.94 37.70 10.97
C GLU D 253 -19.79 38.81 10.41
N VAL D 254 -20.44 39.59 11.28
CA VAL D 254 -21.29 40.66 10.83
C VAL D 254 -20.44 41.75 10.20
N LEU D 255 -19.33 42.08 10.85
CA LEU D 255 -18.45 43.11 10.33
C LEU D 255 -17.89 42.74 8.97
N SER D 256 -17.47 41.48 8.79
CA SER D 256 -16.95 41.06 7.50
C SER D 256 -18.03 41.13 6.39
N ARG D 257 -19.25 40.65 6.68
CA ARG D 257 -20.33 40.77 5.70
C ARG D 257 -20.68 42.25 5.43
N MET D 258 -20.61 43.11 6.45
CA MET D 258 -20.78 44.55 6.23
C MET D 258 -19.71 45.10 5.32
N ALA D 259 -18.47 44.69 5.53
CA ALA D 259 -17.35 45.18 4.75
C ALA D 259 -17.46 44.78 3.28
N PHE D 260 -18.00 43.61 2.98
CA PHE D 260 -18.18 43.18 1.59
C PHE D 260 -19.53 43.61 0.96
N ALA D 261 -20.57 43.80 1.78
CA ALA D 261 -21.85 44.29 1.32
C ALA D 261 -22.30 45.47 2.21
N PRO D 262 -21.70 46.65 2.00
CA PRO D 262 -21.97 47.79 2.83
C PRO D 262 -23.38 48.37 2.75
N HIS D 263 -24.17 48.04 1.73
CA HIS D 263 -25.61 48.43 1.68
C HIS D 263 -26.56 47.27 1.98
N GLY D 264 -26.06 46.20 2.61
CA GLY D 264 -26.87 45.06 2.99
C GLY D 264 -26.93 43.99 1.92
N GLU D 265 -27.56 42.87 2.26
CA GLU D 265 -27.62 41.67 1.41
C GLU D 265 -29.09 41.34 1.11
N ASP D 266 -29.34 40.78 -0.08
CA ASP D 266 -30.70 40.34 -0.51
C ASP D 266 -30.63 39.23 -1.58
N ALA D 276 -35.90 47.37 -12.79
CA ALA D 276 -34.49 47.16 -12.47
C ALA D 276 -33.82 48.51 -12.23
N MET D 277 -32.87 48.52 -11.30
CA MET D 277 -32.16 49.75 -10.93
C MET D 277 -31.11 50.07 -12.00
N ARG D 278 -31.07 51.33 -12.44
CA ARG D 278 -30.20 51.75 -13.54
C ARG D 278 -29.20 52.82 -13.06
N ILE D 279 -27.92 52.50 -13.16
CA ILE D 279 -26.83 53.38 -12.72
C ILE D 279 -26.52 54.42 -13.78
N ILE D 280 -26.37 55.68 -13.34
CA ILE D 280 -26.23 56.83 -14.21
C ILE D 280 -24.83 57.41 -14.12
N GLY D 281 -24.31 57.61 -12.92
CA GLY D 281 -22.94 58.07 -12.78
C GLY D 281 -22.58 58.62 -11.41
N LYS D 282 -21.33 59.04 -11.27
CA LYS D 282 -20.79 59.57 -10.01
C LYS D 282 -21.28 60.99 -9.70
N VAL D 283 -21.67 61.20 -8.44
CA VAL D 283 -22.07 62.51 -7.97
C VAL D 283 -21.41 62.87 -6.64
N THR D 284 -21.29 64.15 -6.39
CA THR D 284 -20.74 64.65 -5.16
C THR D 284 -21.67 65.71 -4.60
N GLY D 285 -21.45 66.06 -3.35
CA GLY D 285 -22.28 67.08 -2.73
C GLY D 285 -21.77 67.56 -1.41
N LYS D 286 -22.48 68.53 -0.84
CA LYS D 286 -22.11 69.17 0.43
C LYS D 286 -23.02 68.75 1.56
N ALA D 287 -22.43 68.09 2.56
CA ALA D 287 -23.16 67.67 3.75
C ALA D 287 -22.37 68.05 4.98
N PRO D 288 -22.89 68.95 5.83
CA PRO D 288 -24.17 69.65 5.61
C PRO D 288 -24.06 70.64 4.45
N SER D 289 -25.18 71.17 4.00
CA SER D 289 -25.23 72.07 2.84
C SER D 289 -24.43 73.35 3.03
N THR D 290 -24.20 73.74 4.28
CA THR D 290 -23.37 74.88 4.64
C THR D 290 -21.86 74.69 4.43
N GLU D 291 -21.39 73.48 4.13
CA GLU D 291 -19.98 73.26 3.78
C GLU D 291 -19.61 73.96 2.45
N SER D 292 -18.40 74.49 2.39
CA SER D 292 -17.98 75.22 1.21
C SER D 292 -17.53 74.27 0.08
N SER D 293 -17.03 73.09 0.46
CA SER D 293 -16.61 72.07 -0.49
C SER D 293 -17.35 70.77 -0.24
N ASP D 294 -17.24 69.87 -1.21
CA ASP D 294 -17.91 68.58 -1.15
C ASP D 294 -17.36 67.67 -0.07
N THR D 295 -18.27 67.03 0.65
CA THR D 295 -17.94 66.14 1.78
C THR D 295 -18.51 64.75 1.61
N ILE D 296 -19.21 64.50 0.51
CA ILE D 296 -19.87 63.22 0.26
C ILE D 296 -19.88 62.89 -1.23
N GLN D 297 -19.79 61.61 -1.55
CA GLN D 297 -19.95 61.14 -2.92
C GLN D 297 -20.84 59.91 -2.98
N GLY D 298 -21.20 59.54 -4.19
CA GLY D 298 -22.03 58.39 -4.39
C GLY D 298 -22.30 58.17 -5.85
N VAL D 299 -23.25 57.30 -6.14
CA VAL D 299 -23.64 56.96 -7.49
C VAL D 299 -25.13 57.24 -7.67
N ALA D 300 -25.41 58.12 -8.60
CA ALA D 300 -26.77 58.43 -8.98
C ALA D 300 -27.37 57.27 -9.74
N PHE D 301 -28.64 57.00 -9.46
CA PHE D 301 -29.36 56.00 -10.20
C PHE D 301 -30.82 56.43 -10.45
N SER D 302 -31.45 55.69 -11.36
CA SER D 302 -32.89 55.78 -11.56
C SER D 302 -33.48 54.39 -11.58
N GLY D 303 -34.79 54.33 -11.46
CA GLY D 303 -35.51 53.10 -11.44
C GLY D 303 -35.86 52.75 -10.03
N ASN D 304 -36.07 51.48 -9.82
CA ASN D 304 -36.61 51.00 -8.56
C ASN D 304 -35.59 51.16 -7.45
N PRO D 305 -35.99 51.82 -6.36
CA PRO D 305 -35.09 51.92 -5.23
C PRO D 305 -34.71 50.53 -4.76
N LEU D 306 -33.46 50.32 -4.42
CA LEU D 306 -33.00 48.99 -4.06
C LEU D 306 -32.44 49.00 -2.63
N TYR D 307 -31.46 49.86 -2.37
CA TYR D 307 -30.87 49.99 -1.03
C TYR D 307 -31.54 51.11 -0.26
N THR D 308 -31.29 51.15 1.03
CA THR D 308 -31.70 52.26 1.86
C THR D 308 -30.95 53.53 1.42
N SER D 309 -31.55 54.68 1.70
CA SER D 309 -31.03 55.97 1.27
C SER D 309 -30.60 56.82 2.45
N THR D 310 -30.35 56.20 3.61
CA THR D 310 -29.97 56.95 4.81
C THR D 310 -28.62 56.47 5.37
N GLY D 311 -27.85 57.42 5.89
CA GLY D 311 -26.59 57.10 6.54
C GLY D 311 -26.01 58.27 7.29
N VAL D 312 -24.78 58.11 7.74
CA VAL D 312 -24.02 59.13 8.44
C VAL D 312 -22.65 59.25 7.78
N LEU D 313 -22.12 60.45 7.70
CA LEU D 313 -20.74 60.66 7.31
C LEU D 313 -19.80 60.02 8.31
N THR D 314 -18.78 59.30 7.82
CA THR D 314 -17.80 58.68 8.72
C THR D 314 -16.80 59.70 9.25
N ALA D 315 -16.65 60.83 8.55
CA ALA D 315 -15.63 61.82 8.85
C ALA D 315 -15.86 62.61 10.13
N LYS D 316 -17.12 62.83 10.51
CA LYS D 316 -17.39 63.71 11.67
C LYS D 316 -17.76 62.94 12.92
N ASP D 317 -17.01 63.20 13.99
CA ASP D 317 -17.33 62.71 15.35
C ASP D 317 -18.80 62.88 15.69
N ASP D 318 -19.25 64.13 15.56
CA ASP D 318 -20.66 64.49 15.68
C ASP D 318 -21.35 64.04 14.40
N PRO D 319 -22.39 63.19 14.52
CA PRO D 319 -23.02 62.62 13.33
C PRO D 319 -23.66 63.66 12.38
N VAL D 320 -23.34 63.55 11.10
CA VAL D 320 -24.03 64.28 10.06
C VAL D 320 -24.89 63.27 9.32
N TYR D 321 -26.19 63.34 9.53
CA TYR D 321 -27.11 62.37 8.96
C TYR D 321 -27.52 62.80 7.56
N ILE D 322 -27.58 61.84 6.66
CA ILE D 322 -27.85 62.09 5.25
C ILE D 322 -29.01 61.26 4.76
N TRP D 323 -29.88 61.91 4.01
CA TRP D 323 -30.92 61.28 3.26
C TRP D 323 -30.68 61.61 1.78
N ALA D 324 -30.42 60.59 0.97
CA ALA D 324 -29.99 60.79 -0.40
C ALA D 324 -30.83 60.04 -1.41
N PRO D 325 -32.02 60.56 -1.69
CA PRO D 325 -32.90 59.83 -2.59
C PRO D 325 -32.36 59.86 -4.00
N GLY D 326 -32.36 58.70 -4.65
CA GLY D 326 -31.83 58.55 -5.99
C GLY D 326 -30.31 58.45 -6.06
N ILE D 327 -29.64 58.32 -4.91
CA ILE D 327 -28.18 58.21 -4.87
C ILE D 327 -27.77 57.07 -3.92
N ILE D 328 -26.93 56.16 -4.39
CA ILE D 328 -26.28 55.19 -3.52
C ILE D 328 -25.06 55.88 -2.93
N MET D 329 -25.18 56.32 -1.68
CA MET D 329 -24.07 57.02 -1.02
C MET D 329 -22.85 56.09 -0.83
N GLU D 330 -21.66 56.66 -0.91
CA GLU D 330 -20.41 55.89 -0.86
C GLU D 330 -20.34 55.15 0.47
N GLY D 331 -20.33 53.82 0.41
CA GLY D 331 -20.11 52.99 1.60
C GLY D 331 -18.92 52.05 1.52
N ASN D 332 -18.16 52.09 0.44
CA ASN D 332 -16.97 51.23 0.24
C ASN D 332 -15.92 51.64 1.29
N HIS D 333 -15.62 50.71 2.20
CA HIS D 333 -14.69 50.97 3.31
C HIS D 333 -13.22 51.13 2.90
N SER D 334 -12.86 50.62 1.72
CA SER D 334 -11.51 50.82 1.15
C SER D 334 -11.20 52.27 0.76
N VAL D 335 -12.23 53.08 0.55
CA VAL D 335 -12.08 54.51 0.23
C VAL D 335 -11.82 55.27 1.52
N CYS D 336 -11.10 56.39 1.46
CA CYS D 336 -10.79 57.18 2.66
C CYS D 336 -11.76 58.32 2.88
N ASP D 337 -12.09 59.05 1.83
CA ASP D 337 -12.87 60.28 1.96
C ASP D 337 -14.30 60.13 1.48
N LYS D 338 -15.15 61.01 1.99
CA LYS D 338 -16.50 61.21 1.48
C LYS D 338 -17.42 60.00 1.60
N LYS D 339 -17.15 59.15 2.59
CA LYS D 339 -17.87 57.90 2.74
C LYS D 339 -18.84 57.94 3.93
N THR D 340 -19.68 56.91 3.98
CA THR D 340 -20.77 56.86 4.94
C THR D 340 -20.94 55.48 5.52
N LEU D 341 -21.70 55.44 6.62
CA LEU D 341 -22.22 54.20 7.23
C LEU D 341 -23.73 54.25 7.16
N PRO D 342 -24.35 53.10 6.85
CA PRO D 342 -25.80 53.11 6.75
C PRO D 342 -26.47 53.09 8.13
N LEU D 343 -27.67 53.68 8.21
CA LEU D 343 -28.44 53.73 9.45
C LEU D 343 -28.95 52.37 9.90
N THR D 344 -29.39 51.58 8.94
CA THR D 344 -29.77 50.19 9.16
C THR D 344 -29.07 49.30 8.17
N TRP D 345 -28.91 48.04 8.53
CA TRP D 345 -28.18 47.07 7.72
C TRP D 345 -28.78 45.69 7.95
N THR D 346 -29.13 45.02 6.85
CA THR D 346 -29.73 43.72 6.88
C THR D 346 -28.84 42.79 6.05
N GLY D 347 -28.45 41.67 6.66
CA GLY D 347 -27.66 40.65 5.99
C GLY D 347 -27.81 39.29 6.63
N PHE D 348 -26.91 38.39 6.25
CA PHE D 348 -26.97 36.98 6.68
C PHE D 348 -25.60 36.51 7.14
N ILE D 349 -25.56 35.75 8.22
CA ILE D 349 -24.34 35.12 8.70
C ILE D 349 -24.57 33.64 8.99
N PRO D 350 -23.55 32.80 8.75
CA PRO D 350 -23.63 31.39 9.12
C PRO D 350 -23.42 31.22 10.63
N LEU D 351 -24.29 30.45 11.28
CA LEU D 351 -24.11 30.10 12.69
C LEU D 351 -23.91 28.61 12.88
N PRO D 352 -22.96 28.23 13.74
CA PRO D 352 -22.83 26.84 14.14
C PRO D 352 -23.85 26.51 15.22
N GLY D 353 -24.38 25.29 15.17
CA GLY D 353 -25.37 24.82 16.14
C GLY D 353 -25.89 23.43 15.82
N GLU D 354 -27.15 23.17 16.15
CA GLU D 354 -27.78 21.87 15.96
C GLU D 354 -29.17 21.99 15.33
N ILE D 355 -29.39 21.27 14.24
CA ILE D 355 -30.68 21.29 13.49
C ILE D 355 -31.89 20.59 14.15
N GLU D 356 -31.66 19.52 14.90
CA GLU D 356 -32.76 18.77 15.56
C GLU D 356 -33.75 18.15 14.55
#